data_8AO0
#
_entry.id   8AO0
#
_cell.length_a   1.000
_cell.length_b   1.000
_cell.length_c   1.000
_cell.angle_alpha   90.00
_cell.angle_beta   90.00
_cell.angle_gamma   90.00
#
_symmetry.space_group_name_H-M   'P 1'
#
loop_
_entity.id
_entity.type
_entity.pdbx_description
1 polymer 'Photoactive yellow protein'
2 non-polymer (5~{Z})-5-[(2,5-dimethoxy-4-oxidanyl-phenyl)methylidene]-2-sulfanylidene-1,3-thiazolidin-4-one
#
_entity_poly.entity_id   1
_entity_poly.type   'polypeptide(L)'
_entity_poly.pdbx_seq_one_letter_code
;MFGAIQLDGDGNILQYNAA(GGL)GDITGRDPKQVIGKNFFKDVAPGTDSPEFYGKFKEGVASGNLNTMFEWMIPTSRGP
TKVKVHMKKALSGDSYWVFVKRVKLAAALEHHHHHH
;
_entity_poly.pdbx_strand_id   A
#
loop_
_chem_comp.id
_chem_comp.type
_chem_comp.name
_chem_comp.formula
GGL L-gamma-peptide, C-delta linking 'GAMMA-L-GLUTAMIC ACID' 'C5 H9 N O4'
O1F non-polymer (5~{Z})-5-[(2,5-dimethoxy-4-oxidanyl-phenyl)methylidene]-2-sulfanylidene-1,3-thiazolidin-4-one 'C12 H11 N O4 S2'
#
# COMPACT_ATOMS: atom_id res chain seq x y z
N MET A 1 -3.74 -2.62 -14.78
CA MET A 1 -2.63 -2.91 -13.88
C MET A 1 -2.92 -2.36 -12.48
N PHE A 2 -2.85 -3.23 -11.47
CA PHE A 2 -3.10 -2.84 -10.09
C PHE A 2 -1.94 -3.26 -9.19
N GLY A 3 -1.82 -2.59 -8.04
CA GLY A 3 -0.77 -2.92 -7.11
C GLY A 3 -1.28 -3.66 -5.89
N ALA A 4 -0.52 -4.66 -5.45
CA ALA A 4 -0.90 -5.44 -4.28
C ALA A 4 0.32 -5.77 -3.43
N ILE A 5 0.22 -5.48 -2.13
CA ILE A 5 1.31 -5.74 -1.20
C ILE A 5 0.86 -6.65 -0.06
N GLN A 6 1.42 -7.85 -0.02
CA GLN A 6 1.07 -8.82 1.01
C GLN A 6 1.99 -8.67 2.22
N LEU A 7 1.46 -8.11 3.30
CA LEU A 7 2.23 -7.91 4.53
C LEU A 7 1.76 -8.87 5.63
N ASP A 8 2.55 -8.97 6.69
CA ASP A 8 2.23 -9.85 7.80
C ASP A 8 1.79 -9.03 9.02
N GLY A 9 1.44 -9.73 10.10
CA GLY A 9 1.01 -9.05 11.31
C GLY A 9 2.13 -8.21 11.93
N ASP A 10 3.37 -8.62 11.70
CA ASP A 10 4.51 -7.90 12.24
C ASP A 10 4.77 -6.62 11.45
N GLY A 11 4.24 -6.57 10.23
CA GLY A 11 4.43 -5.40 9.40
C GLY A 11 5.57 -5.57 8.40
N ASN A 12 5.84 -6.82 8.02
CA ASN A 12 6.91 -7.11 7.07
C ASN A 12 6.34 -7.48 5.70
N ILE A 13 7.18 -7.41 4.68
CA ILE A 13 6.76 -7.74 3.33
C ILE A 13 6.86 -9.24 3.07
N LEU A 14 5.77 -9.82 2.58
CA LEU A 14 5.74 -11.25 2.29
C LEU A 14 5.66 -11.50 0.78
N GLN A 15 4.84 -10.69 0.10
CA GLN A 15 4.68 -10.82 -1.34
C GLN A 15 4.49 -9.45 -1.99
N TYR A 16 5.32 -9.15 -2.98
CA TYR A 16 5.24 -7.88 -3.69
C TYR A 16 4.88 -8.08 -5.15
N ASN A 17 4.21 -7.09 -5.73
CA ASN A 17 3.80 -7.16 -7.13
C ASN A 17 4.79 -6.40 -8.02
N ALA A 18 4.70 -6.65 -9.33
CA ALA A 18 5.57 -5.99 -10.29
C ALA A 18 5.10 -4.56 -10.58
N ALA A 19 3.79 -4.40 -10.68
CA ALA A 19 3.20 -3.09 -10.95
C ALA A 19 3.72 -2.04 -9.98
N GGL A 20 3.52 -2.30 -8.68
CA GGL A 20 3.98 -1.37 -7.67
C GGL A 20 5.48 -1.13 -7.80
O GGL A 20 5.97 0.00 -7.66
CB GGL A 20 3.62 -1.88 -6.27
CG GGL A 20 2.29 -1.31 -5.79
CD GGL A 20 2.47 0.12 -5.28
OE1 GGL A 20 3.02 0.97 -5.99
OE2 GGL A 20 2.00 0.34 -4.10
H GGL A 20 3.07 -3.12 -8.34
HA GGL A 20 3.43 -0.45 -7.85
HB2 GGL A 20 3.57 -2.97 -6.28
HB3 GGL A 20 4.41 -1.61 -5.57
HG2 GGL A 20 1.57 -1.32 -6.61
HG3 GGL A 20 1.88 -1.93 -5.00
HE2 GGL A 20 2.71 0.17 -3.41
N GLY A 21 6.20 -2.21 -8.07
CA GLY A 21 7.65 -2.11 -8.22
C GLY A 21 8.06 -1.20 -9.36
N ASP A 22 7.25 -1.18 -10.41
CA ASP A 22 7.53 -0.34 -11.57
C ASP A 22 7.10 1.11 -11.32
N ILE A 23 5.95 1.26 -10.67
CA ILE A 23 5.44 2.59 -10.36
C ILE A 23 6.29 3.28 -9.31
N THR A 24 6.82 2.51 -8.37
CA THR A 24 7.65 3.06 -7.30
C THR A 24 9.11 3.13 -7.74
N GLY A 25 9.56 2.09 -8.45
CA GLY A 25 10.94 2.06 -8.90
C GLY A 25 11.82 1.18 -8.05
N ARG A 26 11.21 0.17 -7.42
CA ARG A 26 11.95 -0.74 -6.56
C ARG A 26 11.60 -2.20 -6.88
N ASP A 27 12.59 -3.07 -6.79
CA ASP A 27 12.38 -4.49 -7.07
C ASP A 27 11.54 -5.14 -5.97
N PRO A 28 10.89 -6.27 -6.31
CA PRO A 28 10.04 -7.01 -5.37
C PRO A 28 10.86 -7.70 -4.28
N LYS A 29 11.89 -8.42 -4.68
CA LYS A 29 12.74 -9.12 -3.73
C LYS A 29 13.56 -8.14 -2.91
N GLN A 30 13.89 -7.00 -3.50
CA GLN A 30 14.67 -5.97 -2.82
C GLN A 30 13.91 -5.43 -1.61
N VAL A 31 12.59 -5.40 -1.71
CA VAL A 31 11.75 -4.91 -0.62
C VAL A 31 11.25 -6.05 0.25
N ILE A 32 11.01 -7.20 -0.37
CA ILE A 32 10.53 -8.38 0.34
C ILE A 32 11.55 -8.83 1.39
N GLY A 33 11.05 -9.21 2.56
CA GLY A 33 11.93 -9.67 3.63
C GLY A 33 12.15 -8.60 4.69
N LYS A 34 12.03 -7.34 4.29
CA LYS A 34 12.22 -6.22 5.21
C LYS A 34 10.90 -5.50 5.47
N ASN A 35 10.95 -4.51 6.36
CA ASN A 35 9.76 -3.74 6.70
C ASN A 35 9.46 -2.70 5.62
N PHE A 36 8.20 -2.65 5.18
CA PHE A 36 7.78 -1.72 4.16
C PHE A 36 7.48 -0.35 4.76
N PHE A 37 7.29 -0.31 6.08
CA PHE A 37 7.00 0.92 6.79
C PHE A 37 8.27 1.52 7.40
N LYS A 38 9.30 0.68 7.53
CA LYS A 38 10.57 1.11 8.10
C LYS A 38 11.64 1.25 7.01
N ASP A 39 11.69 0.25 6.13
CA ASP A 39 12.66 0.26 5.04
C ASP A 39 12.10 0.96 3.81
N VAL A 40 11.14 0.30 3.15
CA VAL A 40 10.52 0.85 1.95
C VAL A 40 10.07 2.29 2.19
N ALA A 41 9.13 2.48 3.10
CA ALA A 41 8.62 3.80 3.41
C ALA A 41 8.75 4.10 4.90
N PRO A 42 9.92 4.64 5.29
CA PRO A 42 10.20 4.98 6.68
C PRO A 42 9.39 6.18 7.16
N GLY A 43 9.05 7.07 6.24
CA GLY A 43 8.27 8.25 6.59
C GLY A 43 6.82 7.91 6.86
N THR A 44 6.29 6.94 6.12
CA THR A 44 4.89 6.53 6.28
C THR A 44 4.63 6.06 7.71
N ASP A 45 5.69 5.70 8.42
CA ASP A 45 5.56 5.23 9.80
C ASP A 45 4.92 6.29 10.67
N SER A 46 3.61 6.16 10.89
CA SER A 46 2.87 7.11 11.71
C SER A 46 1.74 6.42 12.45
N PRO A 47 1.22 7.08 13.50
CA PRO A 47 0.12 6.55 14.31
C PRO A 47 -1.20 6.51 13.55
N GLU A 48 -1.35 7.41 12.58
CA GLU A 48 -2.57 7.48 11.78
C GLU A 48 -2.61 6.34 10.76
N PHE A 49 -1.44 5.96 10.24
CA PHE A 49 -1.35 4.90 9.27
C PHE A 49 -0.99 3.57 9.93
N TYR A 50 0.26 3.47 10.39
CA TYR A 50 0.73 2.25 11.05
C TYR A 50 -0.16 1.90 12.23
N GLY A 51 -0.46 2.90 13.07
CA GLY A 51 -1.30 2.66 14.23
C GLY A 51 -2.60 1.97 13.88
N LYS A 52 -3.23 2.40 12.79
CA LYS A 52 -4.50 1.81 12.35
C LYS A 52 -4.28 0.37 11.90
N PHE A 53 -3.20 0.13 11.18
CA PHE A 53 -2.88 -1.21 10.69
C PHE A 53 -2.76 -2.19 11.84
N LYS A 54 -2.02 -1.79 12.88
CA LYS A 54 -1.82 -2.64 14.04
C LYS A 54 -3.15 -2.96 14.72
N GLU A 55 -3.96 -1.94 14.93
CA GLU A 55 -5.26 -2.11 15.57
C GLU A 55 -6.07 -3.21 14.87
N GLY A 56 -6.21 -3.07 13.55
CA GLY A 56 -6.96 -4.06 12.78
C GLY A 56 -6.39 -5.45 12.92
N VAL A 57 -5.06 -5.55 12.97
CA VAL A 57 -4.39 -6.83 13.09
C VAL A 57 -4.81 -7.54 14.38
N ALA A 58 -4.81 -6.81 15.49
CA ALA A 58 -5.19 -7.36 16.78
C ALA A 58 -6.65 -7.82 16.78
N SER A 59 -7.50 -7.01 16.15
CA SER A 59 -8.93 -7.33 16.08
C SER A 59 -9.17 -8.53 15.17
N GLY A 60 -8.36 -8.65 14.13
CA GLY A 60 -8.51 -9.75 13.20
C GLY A 60 -9.33 -9.39 11.98
N ASN A 61 -9.25 -8.12 11.58
CA ASN A 61 -10.00 -7.64 10.42
C ASN A 61 -9.74 -6.16 10.18
N LEU A 62 -8.65 -5.87 9.48
CA LEU A 62 -8.28 -4.48 9.18
C LEU A 62 -8.93 -4.03 7.87
N ASN A 63 -9.96 -3.20 7.99
CA ASN A 63 -10.66 -2.68 6.81
C ASN A 63 -10.55 -1.16 6.75
N THR A 64 -9.69 -0.67 5.86
CA THR A 64 -9.50 0.76 5.70
C THR A 64 -9.39 1.14 4.23
N MET A 65 -9.99 2.27 3.86
CA MET A 65 -9.96 2.74 2.48
C MET A 65 -9.82 4.25 2.42
N PHE A 66 -8.67 4.72 1.94
CA PHE A 66 -8.42 6.15 1.85
C PHE A 66 -7.37 6.45 0.77
N GLU A 67 -6.97 7.71 0.66
CA GLU A 67 -5.98 8.13 -0.32
C GLU A 67 -4.67 8.50 0.36
N TRP A 68 -3.56 8.25 -0.33
CA TRP A 68 -2.24 8.56 0.20
C TRP A 68 -1.37 9.24 -0.85
N MET A 69 -0.35 9.97 -0.40
CA MET A 69 0.55 10.66 -1.31
C MET A 69 1.89 9.93 -1.40
N ILE A 70 2.46 9.92 -2.60
CA ILE A 70 3.75 9.26 -2.82
C ILE A 70 4.71 10.17 -3.57
N PRO A 71 5.54 10.91 -2.81
CA PRO A 71 6.53 11.83 -3.38
C PRO A 71 7.66 11.09 -4.10
N THR A 72 7.82 11.36 -5.39
CA THR A 72 8.86 10.73 -6.18
C THR A 72 9.73 11.78 -6.88
N SER A 73 10.73 11.30 -7.62
CA SER A 73 11.63 12.20 -8.34
C SER A 73 10.89 12.99 -9.40
N ARG A 74 9.83 12.38 -9.94
CA ARG A 74 9.03 13.03 -10.97
C ARG A 74 7.84 13.78 -10.36
N GLY A 75 7.99 14.15 -9.09
CA GLY A 75 6.93 14.88 -8.40
C GLY A 75 6.04 13.95 -7.59
N PRO A 76 5.09 14.56 -6.85
CA PRO A 76 4.16 13.80 -6.02
C PRO A 76 3.14 13.01 -6.84
N THR A 77 2.74 11.85 -6.32
CA THR A 77 1.78 11.00 -7.01
C THR A 77 0.67 10.53 -6.07
N LYS A 78 -0.53 11.03 -6.31
CA LYS A 78 -1.68 10.67 -5.48
C LYS A 78 -2.24 9.32 -5.89
N VAL A 79 -2.31 8.40 -4.94
CA VAL A 79 -2.83 7.06 -5.20
C VAL A 79 -3.79 6.61 -4.09
N LYS A 80 -4.78 5.82 -4.47
CA LYS A 80 -5.77 5.33 -3.52
C LYS A 80 -5.26 4.08 -2.81
N VAL A 81 -5.02 4.20 -1.52
CA VAL A 81 -4.54 3.06 -0.72
C VAL A 81 -5.68 2.38 0.01
N HIS A 82 -5.67 1.04 -0.01
CA HIS A 82 -6.71 0.27 0.66
C HIS A 82 -6.12 -0.99 1.30
N MET A 83 -6.31 -1.12 2.61
CA MET A 83 -5.80 -2.27 3.33
C MET A 83 -6.94 -3.18 3.80
N LYS A 84 -6.87 -4.44 3.39
CA LYS A 84 -7.89 -5.42 3.76
C LYS A 84 -7.26 -6.72 4.24
N LYS A 85 -7.74 -7.23 5.36
CA LYS A 85 -7.22 -8.48 5.92
C LYS A 85 -7.30 -9.60 4.90
N ALA A 86 -6.37 -10.54 5.00
CA ALA A 86 -6.33 -11.68 4.08
C ALA A 86 -7.56 -12.56 4.25
N LEU A 87 -7.75 -13.49 3.33
CA LEU A 87 -8.89 -14.40 3.37
C LEU A 87 -8.62 -15.57 4.31
N SER A 88 -7.40 -16.08 4.27
CA SER A 88 -7.01 -17.20 5.12
C SER A 88 -6.98 -16.78 6.59
N GLY A 89 -6.80 -15.49 6.83
CA GLY A 89 -6.74 -14.98 8.18
C GLY A 89 -5.35 -15.04 8.77
N ASP A 90 -4.35 -15.01 7.92
CA ASP A 90 -2.96 -15.06 8.36
C ASP A 90 -2.08 -14.15 7.51
N SER A 91 -2.63 -13.01 7.10
CA SER A 91 -1.91 -12.05 6.27
C SER A 91 -2.78 -10.84 5.96
N TYR A 92 -2.20 -9.88 5.23
CA TYR A 92 -2.92 -8.67 4.86
C TYR A 92 -2.48 -8.16 3.50
N TRP A 93 -3.43 -7.72 2.69
CA TRP A 93 -3.15 -7.21 1.36
C TRP A 93 -3.43 -5.72 1.26
N VAL A 94 -2.60 -5.01 0.51
CA VAL A 94 -2.77 -3.57 0.34
C VAL A 94 -2.89 -3.21 -1.13
N PHE A 95 -4.08 -2.75 -1.53
CA PHE A 95 -4.34 -2.37 -2.91
C PHE A 95 -4.06 -0.89 -3.12
N VAL A 96 -3.20 -0.59 -4.10
CA VAL A 96 -2.84 0.78 -4.41
C VAL A 96 -3.06 1.10 -5.89
N LYS A 97 -4.05 1.93 -6.17
CA LYS A 97 -4.36 2.30 -7.54
C LYS A 97 -4.29 3.82 -7.72
N ARG A 98 -3.63 4.26 -8.79
CA ARG A 98 -3.49 5.68 -9.08
C ARG A 98 -4.86 6.33 -9.28
N VAL A 99 -5.21 7.26 -8.39
CA VAL A 99 -6.48 7.95 -8.47
C VAL A 99 -6.62 8.70 -9.79
N LYS A 100 -7.84 9.13 -10.10
CA LYS A 100 -8.11 9.86 -11.34
C LYS A 100 -7.27 11.14 -11.40
N LEU A 101 -7.15 11.69 -12.60
CA LEU A 101 -6.39 12.92 -12.80
C LEU A 101 -7.10 14.12 -12.18
N ALA A 102 -6.53 15.30 -12.37
CA ALA A 102 -7.12 16.53 -11.83
C ALA A 102 -8.56 16.69 -12.30
N ALA A 103 -9.50 16.41 -11.41
CA ALA A 103 -10.92 16.53 -11.72
C ALA A 103 -11.40 17.97 -11.56
N ALA A 104 -12.60 18.25 -12.07
CA ALA A 104 -13.17 19.58 -11.98
C ALA A 104 -14.13 19.69 -10.80
N LEU A 105 -15.17 18.86 -10.80
CA LEU A 105 -16.15 18.88 -9.72
C LEU A 105 -15.48 18.66 -8.37
N GLU A 106 -16.07 19.25 -7.33
CA GLU A 106 -15.53 19.12 -5.98
C GLU A 106 -15.46 17.66 -5.56
N HIS A 107 -14.30 17.24 -5.07
CA HIS A 107 -14.10 15.86 -4.63
C HIS A 107 -12.84 15.73 -3.80
N HIS A 108 -12.66 14.58 -3.17
CA HIS A 108 -11.49 14.33 -2.32
C HIS A 108 -11.35 15.41 -1.26
N HIS A 109 -12.45 15.72 -0.58
CA HIS A 109 -12.44 16.73 0.47
C HIS A 109 -11.38 16.43 1.52
N HIS A 110 -11.16 17.36 2.43
CA HIS A 110 -10.18 17.19 3.50
C HIS A 110 -8.81 16.85 2.91
N HIS A 111 -8.47 17.48 1.79
CA HIS A 111 -7.20 17.25 1.14
C HIS A 111 -6.03 17.67 2.04
N HIS A 112 -5.06 16.78 2.20
CA HIS A 112 -3.90 17.07 3.04
C HIS A 112 -2.82 17.78 2.24
N1 O1F B . 6.63 8.41 0.80
C4 O1F B . 4.72 5.52 -0.27
C5 O1F B . 3.36 2.25 -1.72
C6 O1F B . 4.69 4.18 -0.97
C7 O1F B . 4.50 1.66 -2.26
C8 O1F B . 3.44 3.51 -1.07
C10 O1F B . 5.74 6.39 -0.05
C1 O1F B . 1.05 3.56 -0.56
O3 O1F B . 2.33 4.08 -0.54
O1 O1F B . 4.40 0.47 -2.88
C9 O1F B . 5.74 2.30 -2.17
O4 O1F B . 6.82 1.68 -2.72
C2 O1F B . 8.12 2.16 -2.72
C3 O1F B . 5.83 3.55 -1.52
S2 O1F B . 7.47 6.22 -0.55
C12 O1F B . 7.76 7.82 0.22
S1 O1F B . 9.05 8.44 0.23
C11 O1F B . 5.52 7.66 0.67
O2 O1F B . 4.44 8.02 1.12
H8 O1F B . 6.64 9.33 1.29
H45 O1F B . 3.76 5.83 0.13
H21 O1F B . 2.43 1.72 -1.81
H332 O1F B . 0.37 4.27 -0.05
H333 O1F B . 1.02 2.60 -0.02
H331 O1F B . 0.69 3.44 -1.61
H231 O1F B . 8.77 1.43 -3.25
H232 O1F B . 8.49 2.28 -1.68
H233 O1F B . 8.17 3.14 -3.27
H32 O1F B . 6.79 4.01 -1.48
N MET A 1 -2.07 -2.22 -13.60
CA MET A 1 -2.36 -0.86 -13.19
C MET A 1 -2.50 -0.77 -11.66
N PHE A 2 -3.06 -1.82 -11.06
CA PHE A 2 -3.25 -1.86 -9.62
C PHE A 2 -2.11 -2.63 -8.95
N GLY A 3 -1.87 -2.31 -7.68
CA GLY A 3 -0.81 -2.98 -6.94
C GLY A 3 -1.34 -3.79 -5.77
N ALA A 4 -0.57 -4.78 -5.34
CA ALA A 4 -0.97 -5.62 -4.22
C ALA A 4 0.24 -6.01 -3.37
N ILE A 5 0.21 -5.62 -2.09
CA ILE A 5 1.30 -5.93 -1.18
C ILE A 5 0.83 -6.85 -0.06
N GLN A 6 1.39 -8.05 -0.02
CA GLN A 6 1.03 -9.03 1.01
C GLN A 6 1.98 -8.94 2.20
N LEU A 7 1.49 -8.38 3.30
CA LEU A 7 2.29 -8.24 4.51
C LEU A 7 1.80 -9.19 5.60
N ASP A 8 2.61 -9.34 6.64
CA ASP A 8 2.26 -10.21 7.76
C ASP A 8 1.87 -9.40 8.98
N GLY A 9 1.53 -10.09 10.07
CA GLY A 9 1.13 -9.42 11.29
C GLY A 9 2.26 -8.59 11.88
N ASP A 10 3.49 -9.01 11.64
CA ASP A 10 4.66 -8.29 12.15
C ASP A 10 4.91 -7.02 11.35
N GLY A 11 4.37 -6.98 10.13
CA GLY A 11 4.55 -5.81 9.28
C GLY A 11 5.66 -6.00 8.28
N ASN A 12 5.93 -7.25 7.91
CA ASN A 12 6.99 -7.56 6.95
C ASN A 12 6.40 -7.91 5.60
N ILE A 13 7.14 -7.61 4.53
CA ILE A 13 6.68 -7.89 3.18
C ILE A 13 6.87 -9.37 2.84
N LEU A 14 5.77 -10.03 2.45
CA LEU A 14 5.81 -11.44 2.10
C LEU A 14 5.68 -11.63 0.60
N GLN A 15 4.88 -10.77 -0.04
CA GLN A 15 4.67 -10.85 -1.48
C GLN A 15 4.46 -9.45 -2.06
N TYR A 16 5.26 -9.12 -3.07
CA TYR A 16 5.17 -7.82 -3.72
C TYR A 16 4.75 -7.97 -5.18
N ASN A 17 4.10 -6.94 -5.70
CA ASN A 17 3.64 -6.95 -7.09
C ASN A 17 4.63 -6.24 -8.01
N ALA A 18 4.52 -6.49 -9.30
CA ALA A 18 5.41 -5.87 -10.29
C ALA A 18 4.97 -4.45 -10.60
N ALA A 19 3.66 -4.23 -10.63
CA ALA A 19 3.11 -2.91 -10.92
C ALA A 19 3.73 -1.85 -10.00
N GGL A 20 3.60 -2.05 -8.70
CA GGL A 20 4.15 -1.10 -7.75
C GGL A 20 5.66 -0.97 -7.94
O GGL A 20 6.23 0.12 -7.84
CB GGL A 20 3.81 -1.53 -6.31
CG GGL A 20 2.41 -1.06 -5.91
CD GGL A 20 2.36 0.47 -5.80
OE1 GGL A 20 1.33 1.08 -6.12
OE2 GGL A 20 3.44 1.02 -5.36
H GGL A 20 3.13 -2.84 -8.31
HA GGL A 20 3.65 -0.15 -7.95
HB2 GGL A 20 3.87 -2.61 -6.22
HB3 GGL A 20 4.55 -1.11 -5.62
HG2 GGL A 20 1.68 -1.40 -6.64
HG3 GGL A 20 2.13 -1.51 -4.95
HE2 GGL A 20 3.54 0.87 -4.38
N GLY A 21 6.30 -2.10 -8.22
CA GLY A 21 7.73 -2.11 -8.42
C GLY A 21 8.18 -1.09 -9.45
N ASP A 22 7.33 -0.85 -10.44
CA ASP A 22 7.64 0.12 -11.49
C ASP A 22 7.24 1.52 -11.08
N ILE A 23 6.00 1.68 -10.62
CA ILE A 23 5.50 2.97 -10.19
C ILE A 23 6.40 3.58 -9.12
N THR A 24 6.95 2.74 -8.27
CA THR A 24 7.84 3.19 -7.20
C THR A 24 9.28 3.24 -7.67
N GLY A 25 9.70 2.20 -8.40
CA GLY A 25 11.06 2.15 -8.89
C GLY A 25 11.94 1.23 -8.06
N ARG A 26 11.33 0.24 -7.44
CA ARG A 26 12.07 -0.71 -6.61
C ARG A 26 11.70 -2.15 -6.97
N ASP A 27 12.64 -3.07 -6.77
CA ASP A 27 12.43 -4.47 -7.08
C ASP A 27 11.59 -5.14 -5.98
N PRO A 28 10.95 -6.26 -6.33
CA PRO A 28 10.11 -7.01 -5.38
C PRO A 28 10.94 -7.71 -4.30
N LYS A 29 11.96 -8.42 -4.73
CA LYS A 29 12.84 -9.14 -3.80
C LYS A 29 13.60 -8.16 -2.91
N GLN A 30 13.85 -6.97 -3.44
CA GLN A 30 14.58 -5.94 -2.69
C GLN A 30 13.76 -5.46 -1.50
N VAL A 31 12.44 -5.39 -1.68
CA VAL A 31 11.55 -4.94 -0.62
C VAL A 31 11.07 -6.11 0.23
N ILE A 32 10.92 -7.27 -0.41
CA ILE A 32 10.46 -8.47 0.29
C ILE A 32 11.45 -8.88 1.36
N GLY A 33 10.96 -9.14 2.57
CA GLY A 33 11.81 -9.55 3.67
C GLY A 33 12.00 -8.45 4.70
N LYS A 34 11.88 -7.20 4.25
CA LYS A 34 12.02 -6.06 5.15
C LYS A 34 10.68 -5.39 5.42
N ASN A 35 10.68 -4.39 6.30
CA ASN A 35 9.46 -3.67 6.64
C ASN A 35 9.08 -2.69 5.54
N PHE A 36 7.80 -2.68 5.19
CA PHE A 36 7.30 -1.79 4.15
C PHE A 36 7.02 -0.39 4.71
N PHE A 37 6.91 -0.30 6.03
CA PHE A 37 6.66 0.98 6.69
C PHE A 37 7.95 1.59 7.19
N LYS A 38 8.99 0.77 7.33
CA LYS A 38 10.29 1.24 7.81
C LYS A 38 11.29 1.29 6.66
N ASP A 39 11.28 0.27 5.82
CA ASP A 39 12.19 0.20 4.68
C ASP A 39 11.57 0.84 3.45
N VAL A 40 10.58 0.16 2.88
CA VAL A 40 9.89 0.65 1.68
C VAL A 40 9.46 2.10 1.87
N ALA A 41 8.55 2.33 2.81
CA ALA A 41 8.06 3.67 3.09
C ALA A 41 8.29 4.05 4.54
N PRO A 42 9.48 4.60 4.84
CA PRO A 42 9.84 5.02 6.19
C PRO A 42 9.06 6.25 6.66
N GLY A 43 8.69 7.09 5.71
CA GLY A 43 7.94 8.29 6.04
C GLY A 43 6.51 7.99 6.42
N THR A 44 5.94 6.95 5.81
CA THR A 44 4.56 6.56 6.08
C THR A 44 4.39 6.13 7.54
N ASP A 45 5.51 5.86 8.21
CA ASP A 45 5.47 5.45 9.60
C ASP A 45 4.82 6.51 10.48
N SER A 46 3.54 6.32 10.76
CA SER A 46 2.79 7.27 11.59
C SER A 46 1.70 6.56 12.38
N PRO A 47 1.19 7.24 13.42
CA PRO A 47 0.14 6.67 14.28
C PRO A 47 -1.21 6.58 13.57
N GLU A 48 -1.41 7.45 12.58
CA GLU A 48 -2.65 7.46 11.82
C GLU A 48 -2.70 6.28 10.84
N PHE A 49 -1.54 5.92 10.32
CA PHE A 49 -1.45 4.81 9.37
C PHE A 49 -1.06 3.52 10.07
N TYR A 50 0.17 3.45 10.56
CA TYR A 50 0.67 2.27 11.26
C TYR A 50 -0.25 1.91 12.42
N GLY A 51 -0.61 2.91 13.21
CA GLY A 51 -1.47 2.68 14.36
C GLY A 51 -2.73 1.93 13.99
N LYS A 52 -3.36 2.34 12.89
CA LYS A 52 -4.58 1.69 12.41
C LYS A 52 -4.32 0.25 11.99
N PHE A 53 -3.20 0.03 11.33
CA PHE A 53 -2.82 -1.30 10.87
C PHE A 53 -2.76 -2.28 12.04
N LYS A 54 -2.10 -1.87 13.12
CA LYS A 54 -1.97 -2.71 14.30
C LYS A 54 -3.33 -3.00 14.92
N GLU A 55 -4.15 -1.96 15.06
CA GLU A 55 -5.49 -2.11 15.63
C GLU A 55 -6.26 -3.22 14.92
N GLY A 56 -6.27 -3.19 13.59
CA GLY A 56 -6.97 -4.20 12.83
C GLY A 56 -6.38 -5.59 13.03
N VAL A 57 -5.05 -5.65 13.14
CA VAL A 57 -4.37 -6.92 13.32
C VAL A 57 -4.81 -7.61 14.61
N ALA A 58 -5.03 -6.80 15.65
CA ALA A 58 -5.46 -7.32 16.94
C ALA A 58 -6.91 -7.79 16.89
N SER A 59 -7.75 -7.01 16.22
CA SER A 59 -9.17 -7.34 16.10
C SER A 59 -9.37 -8.55 15.19
N GLY A 60 -8.53 -8.66 14.17
CA GLY A 60 -8.63 -9.77 13.24
C GLY A 60 -9.37 -9.39 11.98
N ASN A 61 -9.26 -8.12 11.58
CA ASN A 61 -9.94 -7.65 10.37
C ASN A 61 -9.65 -6.16 10.16
N LEU A 62 -8.55 -5.87 9.49
CA LEU A 62 -8.16 -4.49 9.21
C LEU A 62 -8.81 -4.00 7.92
N ASN A 63 -9.84 -3.17 8.06
CA ASN A 63 -10.54 -2.62 6.92
C ASN A 63 -10.43 -1.10 6.87
N THR A 64 -9.56 -0.60 5.99
CA THR A 64 -9.36 0.84 5.85
C THR A 64 -9.27 1.25 4.39
N MET A 65 -9.85 2.40 4.06
CA MET A 65 -9.83 2.89 2.69
C MET A 65 -9.65 4.41 2.67
N PHE A 66 -8.48 4.86 2.21
CA PHE A 66 -8.18 6.28 2.13
C PHE A 66 -7.13 6.57 1.05
N GLU A 67 -6.89 7.85 0.80
CA GLU A 67 -5.93 8.25 -0.21
C GLU A 67 -4.56 8.54 0.42
N TRP A 68 -3.52 8.44 -0.37
CA TRP A 68 -2.16 8.69 0.10
C TRP A 68 -1.31 9.33 -0.98
N MET A 69 -0.21 9.97 -0.57
CA MET A 69 0.69 10.63 -1.51
C MET A 69 2.05 9.94 -1.53
N ILE A 70 2.64 9.82 -2.71
CA ILE A 70 3.95 9.19 -2.86
C ILE A 70 4.91 10.09 -3.62
N PRO A 71 5.69 10.88 -2.87
CA PRO A 71 6.68 11.79 -3.45
C PRO A 71 7.85 11.06 -4.08
N THR A 72 8.04 11.27 -5.38
CA THR A 72 9.14 10.63 -6.11
C THR A 72 9.85 11.64 -7.01
N SER A 73 10.77 11.13 -7.82
CA SER A 73 11.53 11.98 -8.73
C SER A 73 10.61 12.79 -9.63
N ARG A 74 9.45 12.21 -9.94
CA ARG A 74 8.47 12.87 -10.80
C ARG A 74 7.46 13.66 -9.98
N GLY A 75 7.87 14.03 -8.76
CA GLY A 75 6.99 14.80 -7.88
C GLY A 75 6.02 13.91 -7.12
N PRO A 76 5.07 14.53 -6.43
CA PRO A 76 4.06 13.81 -5.64
C PRO A 76 3.07 13.07 -6.52
N THR A 77 2.84 11.79 -6.21
CA THR A 77 1.91 10.97 -6.97
C THR A 77 0.69 10.60 -6.13
N LYS A 78 -0.47 11.15 -6.50
CA LYS A 78 -1.71 10.88 -5.79
C LYS A 78 -2.22 9.47 -6.09
N VAL A 79 -2.26 8.62 -5.07
CA VAL A 79 -2.74 7.25 -5.24
C VAL A 79 -3.63 6.83 -4.08
N LYS A 80 -4.57 5.94 -4.36
CA LYS A 80 -5.51 5.45 -3.34
C LYS A 80 -4.94 4.24 -2.62
N VAL A 81 -4.91 4.30 -1.30
CA VAL A 81 -4.38 3.20 -0.50
C VAL A 81 -5.51 2.51 0.27
N HIS A 82 -5.65 1.20 0.04
CA HIS A 82 -6.70 0.42 0.71
C HIS A 82 -6.11 -0.85 1.32
N MET A 83 -6.26 -1.00 2.62
CA MET A 83 -5.76 -2.18 3.32
C MET A 83 -6.89 -3.08 3.78
N LYS A 84 -6.81 -4.36 3.41
CA LYS A 84 -7.84 -5.33 3.78
C LYS A 84 -7.20 -6.64 4.25
N LYS A 85 -7.68 -7.15 5.38
CA LYS A 85 -7.16 -8.40 5.93
C LYS A 85 -7.18 -9.51 4.88
N ALA A 86 -6.22 -10.41 4.97
CA ALA A 86 -6.13 -11.53 4.02
C ALA A 86 -7.25 -12.54 4.25
N LEU A 87 -7.35 -13.51 3.35
CA LEU A 87 -8.39 -14.54 3.46
C LEU A 87 -7.97 -15.63 4.44
N SER A 88 -6.67 -15.91 4.48
CA SER A 88 -6.15 -16.94 5.38
C SER A 88 -6.29 -16.53 6.83
N GLY A 89 -6.37 -15.21 7.06
CA GLY A 89 -6.51 -14.70 8.41
C GLY A 89 -5.17 -14.38 9.05
N ASP A 90 -4.09 -14.95 8.51
CA ASP A 90 -2.75 -14.71 9.03
C ASP A 90 -1.93 -13.90 8.05
N SER A 91 -2.59 -12.96 7.37
CA SER A 91 -1.91 -12.11 6.39
C SER A 91 -2.75 -10.88 6.07
N TYR A 92 -2.16 -9.96 5.31
CA TYR A 92 -2.86 -8.73 4.93
C TYR A 92 -2.44 -8.27 3.54
N TRP A 93 -3.40 -7.81 2.76
CA TRP A 93 -3.14 -7.34 1.41
C TRP A 93 -3.40 -5.84 1.29
N VAL A 94 -2.55 -5.15 0.53
CA VAL A 94 -2.69 -3.72 0.34
C VAL A 94 -2.94 -3.39 -1.13
N PHE A 95 -4.17 -2.97 -1.43
CA PHE A 95 -4.53 -2.62 -2.79
C PHE A 95 -4.30 -1.14 -3.06
N VAL A 96 -3.34 -0.84 -3.93
CA VAL A 96 -3.01 0.54 -4.28
C VAL A 96 -3.25 0.82 -5.75
N LYS A 97 -3.91 1.94 -6.04
CA LYS A 97 -4.22 2.31 -7.41
C LYS A 97 -3.94 3.80 -7.64
N ARG A 98 -3.52 4.14 -8.85
CA ARG A 98 -3.22 5.53 -9.19
C ARG A 98 -4.49 6.27 -9.62
N VAL A 99 -4.95 7.18 -8.77
CA VAL A 99 -6.16 7.95 -9.05
C VAL A 99 -5.99 8.78 -10.33
N LYS A 100 -7.06 9.45 -10.74
CA LYS A 100 -7.03 10.26 -11.94
C LYS A 100 -6.15 11.49 -11.73
N LEU A 101 -5.79 12.14 -12.84
CA LEU A 101 -4.94 13.33 -12.79
C LEU A 101 -5.79 14.61 -12.79
N ALA A 102 -5.14 15.74 -12.52
CA ALA A 102 -5.84 17.02 -12.50
C ALA A 102 -4.87 18.17 -12.77
N ALA A 103 -5.37 19.23 -13.40
CA ALA A 103 -4.55 20.39 -13.70
C ALA A 103 -3.99 21.02 -12.43
N ALA A 104 -2.73 20.73 -12.13
CA ALA A 104 -2.08 21.27 -10.95
C ALA A 104 -0.59 20.94 -10.94
N LEU A 105 0.24 21.96 -11.14
CA LEU A 105 1.68 21.78 -11.17
C LEU A 105 2.30 22.16 -9.83
N GLU A 106 2.87 21.17 -9.14
CA GLU A 106 3.50 21.40 -7.84
C GLU A 106 4.83 22.12 -8.00
N HIS A 107 5.49 22.38 -6.88
CA HIS A 107 6.77 23.08 -6.88
C HIS A 107 7.86 22.18 -7.46
N HIS A 108 7.89 20.93 -7.02
CA HIS A 108 8.89 19.97 -7.49
C HIS A 108 10.29 20.43 -7.11
N HIS A 109 10.45 20.85 -5.86
CA HIS A 109 11.74 21.30 -5.37
C HIS A 109 12.13 20.59 -4.08
N HIS A 110 11.29 20.73 -3.06
CA HIS A 110 11.52 20.09 -1.77
C HIS A 110 11.53 18.57 -1.90
N HIS A 111 10.54 18.05 -2.62
CA HIS A 111 10.43 16.61 -2.82
C HIS A 111 11.57 16.09 -3.69
N HIS A 112 12.06 14.90 -3.38
CA HIS A 112 13.15 14.29 -4.12
C HIS A 112 12.75 14.05 -5.58
N1 O1F B . 6.67 8.52 0.87
C4 O1F B . 4.80 5.59 -0.22
C5 O1F B . 3.52 2.31 -1.67
C6 O1F B . 4.81 4.25 -0.92
C7 O1F B . 4.67 1.74 -2.20
C8 O1F B . 3.57 3.56 -1.02
C10 O1F B . 5.82 6.47 0.01
C1 O1F B . 1.17 3.59 -0.53
O3 O1F B . 2.44 4.13 -0.51
O1 O1F B . 4.59 0.54 -2.81
C9 O1F B . 5.89 2.39 -2.11
O4 O1F B . 6.99 1.79 -2.64
C2 O1F B . 8.28 2.28 -2.63
C3 O1F B . 5.96 3.64 -1.47
S2 O1F B . 7.56 6.33 -0.48
C12 O1F B . 7.82 7.94 0.29
S1 O1F B . 9.10 8.58 0.31
C11 O1F B . 5.58 7.74 0.72
O2 O1F B . 4.50 8.09 1.16
H8 O1F B . 6.66 9.44 1.34
H45 O1F B . 3.84 5.90 0.17
H21 O1F B . 2.58 1.76 -1.76
H332 O1F B . 0.47 4.29 -0.02
H333 O1F B . 1.15 2.62 0.02
H331 O1F B . 0.83 3.45 -1.57
H231 O1F B . 8.95 1.56 -3.15
H232 O1F B . 8.63 2.42 -1.59
H233 O1F B . 8.31 3.24 -3.18
H32 O1F B . 6.91 4.11 -1.41
N MET A 1 -2.56 -2.63 -13.67
CA MET A 1 -3.00 -1.28 -13.30
C MET A 1 -2.79 -1.03 -11.81
N PHE A 2 -3.30 -1.94 -10.99
CA PHE A 2 -3.18 -1.82 -9.54
C PHE A 2 -2.23 -2.86 -8.98
N GLY A 3 -1.57 -2.54 -7.88
CA GLY A 3 -0.64 -3.47 -7.26
C GLY A 3 -1.17 -4.04 -5.96
N ALA A 4 -0.57 -5.13 -5.50
CA ALA A 4 -0.99 -5.78 -4.26
C ALA A 4 0.22 -6.17 -3.42
N ILE A 5 0.20 -5.78 -2.15
CA ILE A 5 1.30 -6.10 -1.24
C ILE A 5 0.83 -7.02 -0.12
N GLN A 6 1.35 -8.23 -0.09
CA GLN A 6 0.98 -9.21 0.92
C GLN A 6 1.92 -9.11 2.13
N LEU A 7 1.40 -8.55 3.22
CA LEU A 7 2.19 -8.40 4.44
C LEU A 7 1.72 -9.38 5.52
N ASP A 8 2.52 -9.51 6.57
CA ASP A 8 2.19 -10.41 7.67
C ASP A 8 1.70 -9.63 8.88
N GLY A 9 1.40 -10.35 9.96
CA GLY A 9 0.93 -9.70 11.18
C GLY A 9 1.96 -8.76 11.77
N ASP A 10 3.23 -9.07 11.56
CA ASP A 10 4.32 -8.24 12.08
C ASP A 10 4.47 -6.97 11.25
N GLY A 11 3.96 -6.99 10.03
CA GLY A 11 4.05 -5.84 9.16
C GLY A 11 5.20 -5.94 8.18
N ASN A 12 5.63 -7.17 7.91
CA ASN A 12 6.73 -7.40 6.98
C ASN A 12 6.21 -7.78 5.59
N ILE A 13 6.96 -7.42 4.56
CA ILE A 13 6.56 -7.72 3.19
C ILE A 13 6.82 -9.18 2.85
N LEU A 14 5.77 -9.89 2.46
CA LEU A 14 5.87 -11.30 2.11
C LEU A 14 5.81 -11.49 0.60
N GLN A 15 4.99 -10.67 -0.06
CA GLN A 15 4.83 -10.74 -1.50
C GLN A 15 4.62 -9.36 -2.10
N TYR A 16 5.33 -9.07 -3.19
CA TYR A 16 5.22 -7.78 -3.85
C TYR A 16 4.85 -7.96 -5.33
N ASN A 17 4.05 -7.02 -5.84
CA ASN A 17 3.62 -7.08 -7.24
C ASN A 17 4.59 -6.30 -8.13
N ALA A 18 4.51 -6.55 -9.43
CA ALA A 18 5.37 -5.87 -10.39
C ALA A 18 4.85 -4.46 -10.70
N ALA A 19 3.53 -4.32 -10.73
CA ALA A 19 2.91 -3.03 -11.00
C ALA A 19 3.47 -1.94 -10.09
N GGL A 20 3.32 -2.14 -8.78
CA GGL A 20 3.82 -1.17 -7.82
C GGL A 20 5.32 -1.01 -7.97
O GGL A 20 5.88 0.09 -7.87
CB GGL A 20 3.44 -1.59 -6.39
CG GGL A 20 2.11 -0.95 -5.97
CD GGL A 20 2.20 0.57 -5.97
OE1 GGL A 20 1.33 1.25 -6.53
OE2 GGL A 20 3.23 1.06 -5.37
H GGL A 20 2.88 -2.94 -8.40
HA GGL A 20 3.31 -0.23 -8.06
HB2 GGL A 20 3.37 -2.67 -6.33
HB3 GGL A 20 4.23 -1.28 -5.71
HG2 GGL A 20 1.33 -1.28 -6.65
HG3 GGL A 20 1.84 -1.30 -4.97
HE2 GGL A 20 3.26 0.74 -4.42
N GLY A 21 6.00 -2.13 -8.21
CA GLY A 21 7.44 -2.11 -8.36
C GLY A 21 7.89 -1.17 -9.46
N ASP A 22 7.08 -1.05 -10.50
CA ASP A 22 7.40 -0.18 -11.63
C ASP A 22 7.04 1.27 -11.32
N ILE A 23 5.87 1.46 -10.71
CA ILE A 23 5.40 2.79 -10.36
C ILE A 23 6.31 3.43 -9.32
N THR A 24 6.83 2.62 -8.40
CA THR A 24 7.71 3.10 -7.35
C THR A 24 9.17 3.06 -7.79
N GLY A 25 9.56 1.95 -8.43
CA GLY A 25 10.93 1.81 -8.90
C GLY A 25 11.76 0.94 -7.97
N ARG A 26 11.11 0.03 -7.26
CA ARG A 26 11.81 -0.85 -6.34
C ARG A 26 11.53 -2.32 -6.67
N ASP A 27 12.53 -3.16 -6.48
CA ASP A 27 12.40 -4.58 -6.76
C ASP A 27 11.51 -5.26 -5.72
N PRO A 28 10.93 -6.41 -6.09
CA PRO A 28 10.05 -7.18 -5.21
C PRO A 28 10.81 -7.82 -4.06
N LYS A 29 11.89 -8.52 -4.38
CA LYS A 29 12.70 -9.18 -3.37
C LYS A 29 13.48 -8.16 -2.54
N GLN A 30 13.82 -7.04 -3.15
CA GLN A 30 14.55 -5.98 -2.47
C GLN A 30 13.76 -5.45 -1.28
N VAL A 31 12.44 -5.43 -1.41
CA VAL A 31 11.57 -4.94 -0.35
C VAL A 31 11.10 -6.08 0.54
N ILE A 32 10.92 -7.27 -0.06
CA ILE A 32 10.47 -8.44 0.68
C ILE A 32 11.47 -8.80 1.78
N GLY A 33 10.94 -9.18 2.94
CA GLY A 33 11.79 -9.56 4.06
C GLY A 33 11.93 -8.45 5.08
N LYS A 34 11.78 -7.21 4.63
CA LYS A 34 11.89 -6.05 5.52
C LYS A 34 10.54 -5.37 5.69
N ASN A 35 10.49 -4.37 6.56
CA ASN A 35 9.26 -3.64 6.82
C ASN A 35 8.98 -2.61 5.71
N PHE A 36 7.73 -2.51 5.31
CA PHE A 36 7.33 -1.58 4.26
C PHE A 36 7.14 -0.18 4.82
N PHE A 37 6.96 -0.09 6.14
CA PHE A 37 6.76 1.19 6.81
C PHE A 37 8.07 1.71 7.39
N LYS A 38 9.04 0.81 7.55
CA LYS A 38 10.34 1.19 8.10
C LYS A 38 11.41 1.20 7.01
N ASP A 39 11.37 0.18 6.15
CA ASP A 39 12.34 0.07 5.06
C ASP A 39 11.82 0.76 3.81
N VAL A 40 10.82 0.16 3.17
CA VAL A 40 10.23 0.72 1.96
C VAL A 40 9.89 2.18 2.15
N ALA A 41 8.96 2.46 3.05
CA ALA A 41 8.53 3.83 3.32
C ALA A 41 8.71 4.17 4.80
N PRO A 42 9.91 4.64 5.17
CA PRO A 42 10.22 5.01 6.55
C PRO A 42 9.48 6.27 6.99
N GLY A 43 9.17 7.14 6.04
CA GLY A 43 8.47 8.36 6.35
C GLY A 43 6.99 8.15 6.59
N THR A 44 6.41 7.21 5.85
CA THR A 44 4.99 6.90 5.99
C THR A 44 4.66 6.39 7.39
N ASP A 45 5.70 6.00 8.13
CA ASP A 45 5.52 5.49 9.48
C ASP A 45 4.86 6.54 10.37
N SER A 46 3.54 6.43 10.53
CA SER A 46 2.79 7.38 11.35
C SER A 46 1.74 6.65 12.18
N PRO A 47 1.24 7.33 13.22
CA PRO A 47 0.22 6.77 14.12
C PRO A 47 -1.13 6.63 13.44
N GLU A 48 -1.37 7.47 12.43
CA GLU A 48 -2.64 7.44 11.70
C GLU A 48 -2.64 6.31 10.68
N PHE A 49 -1.48 6.01 10.12
CA PHE A 49 -1.35 4.95 9.13
C PHE A 49 -0.90 3.64 9.78
N TYR A 50 0.36 3.60 10.21
CA TYR A 50 0.92 2.41 10.85
C TYR A 50 0.10 2.03 12.07
N GLY A 51 -0.25 3.02 12.89
CA GLY A 51 -1.02 2.76 14.09
C GLY A 51 -2.29 1.98 13.80
N LYS A 52 -2.96 2.34 12.70
CA LYS A 52 -4.19 1.68 12.31
C LYS A 52 -3.93 0.25 11.87
N PHE A 53 -2.92 0.07 11.02
CA PHE A 53 -2.56 -1.25 10.52
C PHE A 53 -2.38 -2.23 11.67
N LYS A 54 -1.56 -1.85 12.64
CA LYS A 54 -1.30 -2.70 13.80
C LYS A 54 -2.58 -3.00 14.55
N GLU A 55 -3.37 -1.95 14.79
CA GLU A 55 -4.63 -2.10 15.51
C GLU A 55 -5.49 -3.20 14.90
N GLY A 56 -5.76 -3.08 13.61
CA GLY A 56 -6.56 -4.07 12.92
C GLY A 56 -6.00 -5.46 13.04
N VAL A 57 -4.67 -5.57 12.96
CA VAL A 57 -4.00 -6.86 13.07
C VAL A 57 -4.33 -7.55 14.39
N ALA A 58 -4.28 -6.78 15.47
CA ALA A 58 -4.58 -7.31 16.81
C ALA A 58 -6.04 -7.75 16.90
N SER A 59 -6.93 -6.97 16.31
CA SER A 59 -8.36 -7.27 16.34
C SER A 59 -8.67 -8.47 15.47
N GLY A 60 -7.93 -8.61 14.37
CA GLY A 60 -8.16 -9.73 13.47
C GLY A 60 -9.00 -9.34 12.27
N ASN A 61 -8.91 -8.09 11.85
CA ASN A 61 -9.67 -7.59 10.71
C ASN A 61 -9.39 -6.12 10.47
N LEU A 62 -8.40 -5.84 9.64
CA LEU A 62 -8.02 -4.47 9.31
C LEU A 62 -8.71 -4.00 8.03
N ASN A 63 -9.73 -3.17 8.18
CA ASN A 63 -10.47 -2.65 7.04
C ASN A 63 -10.36 -1.13 6.96
N THR A 64 -9.53 -0.65 6.04
CA THR A 64 -9.33 0.78 5.86
C THR A 64 -9.28 1.14 4.38
N MET A 65 -9.86 2.29 4.04
CA MET A 65 -9.89 2.75 2.66
C MET A 65 -9.72 4.27 2.59
N PHE A 66 -8.62 4.71 1.98
CA PHE A 66 -8.34 6.13 1.85
C PHE A 66 -7.31 6.40 0.76
N GLU A 67 -6.89 7.65 0.62
CA GLU A 67 -5.91 8.03 -0.39
C GLU A 67 -4.59 8.41 0.25
N TRP A 68 -3.50 8.18 -0.46
CA TRP A 68 -2.16 8.51 0.04
C TRP A 68 -1.33 9.20 -1.03
N MET A 69 -0.40 10.04 -0.60
CA MET A 69 0.46 10.77 -1.52
C MET A 69 1.87 10.18 -1.53
N ILE A 70 2.41 10.00 -2.72
CA ILE A 70 3.74 9.42 -2.88
C ILE A 70 4.69 10.43 -3.53
N PRO A 71 5.42 11.19 -2.71
CA PRO A 71 6.37 12.20 -3.18
C PRO A 71 7.60 11.57 -3.82
N THR A 72 7.84 11.91 -5.09
CA THR A 72 8.98 11.37 -5.82
C THR A 72 9.80 12.49 -6.45
N SER A 73 10.85 12.11 -7.18
CA SER A 73 11.71 13.09 -7.85
C SER A 73 10.92 13.92 -8.85
N ARG A 74 9.97 13.27 -9.52
CA ARG A 74 9.15 13.95 -10.52
C ARG A 74 8.09 14.82 -9.84
N GLY A 75 7.81 14.52 -8.57
CA GLY A 75 6.82 15.29 -7.84
C GLY A 75 5.85 14.39 -7.10
N PRO A 76 4.91 15.02 -6.35
CA PRO A 76 3.90 14.30 -5.58
C PRO A 76 2.87 13.61 -6.48
N THR A 77 2.72 12.30 -6.30
CA THR A 77 1.77 11.52 -7.09
C THR A 77 0.73 10.86 -6.19
N LYS A 78 -0.52 11.32 -6.30
CA LYS A 78 -1.60 10.77 -5.51
C LYS A 78 -1.91 9.34 -5.93
N VAL A 79 -2.30 8.52 -4.96
CA VAL A 79 -2.64 7.12 -5.23
C VAL A 79 -3.65 6.59 -4.22
N LYS A 80 -4.45 5.62 -4.65
CA LYS A 80 -5.46 5.03 -3.79
C LYS A 80 -4.87 3.90 -2.94
N VAL A 81 -5.00 4.04 -1.62
CA VAL A 81 -4.47 3.04 -0.70
C VAL A 81 -5.60 2.36 0.08
N HIS A 82 -5.69 1.04 -0.04
CA HIS A 82 -6.72 0.28 0.66
C HIS A 82 -6.14 -0.99 1.28
N MET A 83 -6.28 -1.12 2.59
CA MET A 83 -5.77 -2.29 3.31
C MET A 83 -6.92 -3.17 3.79
N LYS A 84 -6.85 -4.44 3.44
CA LYS A 84 -7.89 -5.40 3.84
C LYS A 84 -7.26 -6.72 4.27
N LYS A 85 -7.71 -7.24 5.42
CA LYS A 85 -7.20 -8.50 5.94
C LYS A 85 -7.43 -9.63 4.95
N ALA A 86 -6.50 -10.58 4.90
CA ALA A 86 -6.61 -11.72 4.01
C ALA A 86 -7.93 -12.47 4.22
N LEU A 87 -8.20 -13.43 3.35
CA LEU A 87 -9.43 -14.22 3.44
C LEU A 87 -9.27 -15.34 4.45
N SER A 88 -8.12 -16.00 4.43
CA SER A 88 -7.84 -17.11 5.34
C SER A 88 -7.72 -16.60 6.78
N GLY A 89 -7.38 -15.33 6.92
CA GLY A 89 -7.24 -14.74 8.24
C GLY A 89 -5.84 -14.91 8.81
N ASP A 90 -4.86 -15.03 7.92
CA ASP A 90 -3.48 -15.21 8.34
C ASP A 90 -2.54 -14.37 7.46
N SER A 91 -3.01 -13.19 7.06
CA SER A 91 -2.22 -12.30 6.22
C SER A 91 -2.99 -11.01 5.92
N TYR A 92 -2.33 -10.09 5.23
CA TYR A 92 -2.95 -8.82 4.88
C TYR A 92 -2.51 -8.36 3.49
N TRP A 93 -3.43 -7.76 2.74
CA TRP A 93 -3.13 -7.28 1.40
C TRP A 93 -3.39 -5.78 1.28
N VAL A 94 -2.55 -5.09 0.54
CA VAL A 94 -2.70 -3.65 0.35
C VAL A 94 -2.83 -3.29 -1.12
N PHE A 95 -3.96 -2.70 -1.48
CA PHE A 95 -4.21 -2.31 -2.87
C PHE A 95 -3.73 -0.88 -3.12
N VAL A 96 -2.72 -0.75 -3.98
CA VAL A 96 -2.16 0.55 -4.31
C VAL A 96 -2.29 0.83 -5.80
N LYS A 97 -3.15 1.78 -6.16
CA LYS A 97 -3.37 2.14 -7.55
C LYS A 97 -3.31 3.66 -7.73
N ARG A 98 -3.43 4.11 -8.97
CA ARG A 98 -3.39 5.53 -9.29
C ARG A 98 -4.78 6.05 -9.66
N VAL A 99 -5.35 6.90 -8.80
CA VAL A 99 -6.67 7.45 -9.05
C VAL A 99 -6.72 8.18 -10.39
N LYS A 100 -7.90 8.67 -10.75
CA LYS A 100 -8.09 9.38 -12.00
C LYS A 100 -7.78 8.49 -13.19
N LEU A 101 -8.16 7.22 -13.08
CA LEU A 101 -7.93 6.26 -14.15
C LEU A 101 -9.08 5.27 -14.25
N ALA A 102 -9.04 4.43 -15.29
CA ALA A 102 -10.07 3.43 -15.49
C ALA A 102 -9.66 2.08 -14.91
N ALA A 103 -10.44 1.60 -13.93
CA ALA A 103 -10.15 0.32 -13.28
C ALA A 103 -11.10 -0.76 -13.77
N ALA A 104 -12.34 -0.71 -13.30
CA ALA A 104 -13.34 -1.69 -13.69
C ALA A 104 -14.56 -1.01 -14.32
N LEU A 105 -15.50 -1.82 -14.78
CA LEU A 105 -16.72 -1.30 -15.39
C LEU A 105 -17.71 -0.85 -14.33
N GLU A 106 -17.80 -1.60 -13.25
CA GLU A 106 -18.72 -1.27 -12.16
C GLU A 106 -18.25 -0.02 -11.41
N HIS A 107 -19.17 0.60 -10.69
CA HIS A 107 -18.85 1.81 -9.93
C HIS A 107 -18.99 1.55 -8.43
N HIS A 108 -18.02 2.04 -7.66
CA HIS A 108 -18.04 1.86 -6.21
C HIS A 108 -19.19 2.66 -5.58
N HIS A 109 -19.61 2.25 -4.39
CA HIS A 109 -20.69 2.92 -3.70
C HIS A 109 -20.21 4.23 -3.07
N HIS A 110 -21.11 5.21 -2.97
CA HIS A 110 -20.77 6.50 -2.41
C HIS A 110 -20.74 6.43 -0.88
N HIS A 111 -19.56 6.66 -0.30
CA HIS A 111 -19.40 6.63 1.14
C HIS A 111 -19.78 7.96 1.77
N HIS A 112 -20.47 7.91 2.91
CA HIS A 112 -20.90 9.11 3.60
C HIS A 112 -19.91 9.49 4.69
N1 O1F B . 6.73 8.47 0.76
C4 O1F B . 4.76 5.62 -0.33
C5 O1F B . 3.35 2.40 -1.79
C6 O1F B . 4.70 4.28 -1.03
C7 O1F B . 4.47 1.78 -2.34
C8 O1F B . 3.44 3.64 -1.14
C10 O1F B . 5.80 6.46 -0.11
C1 O1F B . 1.06 3.75 -0.63
O3 O1F B . 2.35 4.24 -0.62
O1 O1F B . 4.35 0.59 -2.94
C9 O1F B . 5.72 2.39 -2.24
O4 O1F B . 6.80 1.75 -2.78
C2 O1F B . 8.10 2.20 -2.78
C3 O1F B . 5.83 3.63 -1.59
S2 O1F B . 7.53 6.27 -0.59
C12 O1F B . 7.85 7.86 0.18
S1 O1F B . 9.16 8.45 0.20
C11 O1F B . 5.62 7.73 0.63
O2 O1F B . 4.55 8.11 1.08
H8 O1F B . 6.76 9.38 1.25
H45 O1F B . 3.82 5.96 0.06
H21 O1F B . 2.40 1.88 -1.89
H332 O1F B . 0.38 4.48 -0.12
H333 O1F B . 1.00 2.78 -0.10
H331 O1F B . 0.71 3.63 -1.68
H231 O1F B . 8.74 1.46 -3.30
H232 O1F B . 8.47 2.31 -1.74
H233 O1F B . 8.17 3.17 -3.32
H32 O1F B . 6.80 4.07 -1.53
N MET A 1 -3.68 -0.62 -13.57
CA MET A 1 -2.33 -0.91 -13.10
C MET A 1 -2.21 -0.64 -11.61
N PHE A 2 -2.83 -1.50 -10.80
CA PHE A 2 -2.80 -1.35 -9.35
C PHE A 2 -1.80 -2.32 -8.73
N GLY A 3 -1.21 -1.92 -7.60
CA GLY A 3 -0.25 -2.77 -6.93
C GLY A 3 -0.84 -3.50 -5.75
N ALA A 4 -0.18 -4.57 -5.32
CA ALA A 4 -0.64 -5.36 -4.20
C ALA A 4 0.52 -5.81 -3.31
N ILE A 5 0.49 -5.38 -2.05
CA ILE A 5 1.54 -5.74 -1.10
C ILE A 5 1.04 -6.76 -0.09
N GLN A 6 1.64 -7.94 -0.11
CA GLN A 6 1.26 -9.01 0.81
C GLN A 6 2.22 -9.08 1.99
N LEU A 7 1.75 -8.63 3.15
CA LEU A 7 2.58 -8.64 4.36
C LEU A 7 1.94 -9.50 5.44
N ASP A 8 2.70 -9.77 6.50
CA ASP A 8 2.21 -10.57 7.61
C ASP A 8 1.66 -9.69 8.73
N GLY A 9 1.28 -10.31 9.83
CA GLY A 9 0.74 -9.57 10.96
C GLY A 9 1.75 -8.60 11.54
N ASP A 10 3.03 -8.95 11.43
CA ASP A 10 4.09 -8.11 11.96
C ASP A 10 4.34 -6.90 11.06
N GLY A 11 3.90 -7.01 9.81
CA GLY A 11 4.07 -5.93 8.86
C GLY A 11 5.27 -6.13 7.96
N ASN A 12 5.69 -7.38 7.81
CA ASN A 12 6.84 -7.71 6.96
C ASN A 12 6.38 -8.11 5.56
N ILE A 13 7.09 -7.60 4.56
CA ILE A 13 6.77 -7.90 3.17
C ILE A 13 7.05 -9.36 2.83
N LEU A 14 6.04 -10.03 2.29
CA LEU A 14 6.17 -11.44 1.92
C LEU A 14 6.11 -11.61 0.41
N GLN A 15 5.28 -10.80 -0.24
CA GLN A 15 5.12 -10.87 -1.68
C GLN A 15 4.82 -9.49 -2.26
N TYR A 16 5.62 -9.08 -3.24
CA TYR A 16 5.45 -7.78 -3.87
C TYR A 16 5.04 -7.94 -5.34
N ASN A 17 4.16 -7.05 -5.80
CA ASN A 17 3.69 -7.10 -7.18
C ASN A 17 4.66 -6.37 -8.10
N ALA A 18 4.55 -6.65 -9.40
CA ALA A 18 5.42 -6.03 -10.40
C ALA A 18 4.95 -4.62 -10.72
N ALA A 19 3.63 -4.44 -10.81
CA ALA A 19 3.05 -3.15 -11.12
C ALA A 19 3.60 -2.06 -10.19
N GGL A 20 3.43 -2.27 -8.89
CA GGL A 20 3.90 -1.31 -7.92
C GGL A 20 5.41 -1.09 -8.07
O GGL A 20 5.93 0.02 -7.96
CB GGL A 20 3.56 -1.75 -6.49
CG GGL A 20 3.60 -0.57 -5.52
CD GGL A 20 2.30 0.25 -5.61
OE1 GGL A 20 1.46 -0.01 -6.48
OE2 GGL A 20 2.19 1.19 -4.74
H GGL A 20 2.98 -3.07 -8.51
HA GGL A 20 3.37 -0.38 -8.13
HB2 GGL A 20 2.56 -2.22 -6.48
HB3 GGL A 20 4.27 -2.52 -6.17
HG2 GGL A 20 3.72 -0.94 -4.50
HG3 GGL A 20 4.45 0.06 -5.74
HE2 GGL A 20 2.67 0.94 -3.90
N GLY A 21 6.11 -2.20 -8.33
CA GLY A 21 7.55 -2.14 -8.50
C GLY A 21 7.97 -1.10 -9.53
N ASP A 22 7.14 -0.90 -10.55
CA ASP A 22 7.43 0.07 -11.60
C ASP A 22 7.00 1.47 -11.18
N ILE A 23 5.78 1.57 -10.65
CA ILE A 23 5.24 2.86 -10.21
C ILE A 23 6.15 3.50 -9.17
N THR A 24 6.73 2.67 -8.30
CA THR A 24 7.61 3.16 -7.26
C THR A 24 9.07 3.14 -7.71
N GLY A 25 9.45 2.07 -8.42
CA GLY A 25 10.81 1.95 -8.90
C GLY A 25 11.67 1.10 -8.00
N ARG A 26 11.05 0.16 -7.29
CA ARG A 26 11.77 -0.72 -6.39
C ARG A 26 11.49 -2.18 -6.72
N ASP A 27 12.51 -3.03 -6.57
CA ASP A 27 12.37 -4.45 -6.85
C ASP A 27 11.59 -5.15 -5.75
N PRO A 28 11.00 -6.31 -6.08
CA PRO A 28 10.21 -7.10 -5.13
C PRO A 28 11.08 -7.75 -4.05
N LYS A 29 12.14 -8.42 -4.49
CA LYS A 29 13.04 -9.09 -3.56
C LYS A 29 13.81 -8.07 -2.73
N GLN A 30 14.03 -6.89 -3.29
CA GLN A 30 14.75 -5.83 -2.61
C GLN A 30 13.98 -5.35 -1.38
N VAL A 31 12.66 -5.39 -1.48
CA VAL A 31 11.80 -4.96 -0.37
C VAL A 31 11.37 -6.15 0.48
N ILE A 32 11.19 -7.30 -0.15
CA ILE A 32 10.79 -8.51 0.55
C ILE A 32 11.78 -8.86 1.66
N GLY A 33 11.26 -9.26 2.81
CA GLY A 33 12.11 -9.61 3.92
C GLY A 33 12.19 -8.52 4.97
N LYS A 34 11.99 -7.28 4.53
CA LYS A 34 12.04 -6.13 5.44
C LYS A 34 10.67 -5.51 5.62
N ASN A 35 10.57 -4.51 6.49
CA ASN A 35 9.31 -3.84 6.75
C ASN A 35 9.01 -2.82 5.66
N PHE A 36 7.75 -2.74 5.24
CA PHE A 36 7.33 -1.82 4.20
C PHE A 36 7.08 -0.42 4.78
N PHE A 37 6.91 -0.37 6.10
CA PHE A 37 6.65 0.89 6.79
C PHE A 37 7.94 1.45 7.39
N LYS A 38 8.93 0.58 7.56
CA LYS A 38 10.21 0.98 8.12
C LYS A 38 11.29 1.05 7.04
N ASP A 39 11.30 0.05 6.15
CA ASP A 39 12.27 0.01 5.08
C ASP A 39 11.72 0.70 3.82
N VAL A 40 10.75 0.07 3.18
CA VAL A 40 10.15 0.63 1.98
C VAL A 40 9.75 2.08 2.18
N ALA A 41 8.80 2.31 3.09
CA ALA A 41 8.34 3.66 3.38
C ALA A 41 8.49 3.98 4.86
N PRO A 42 9.69 4.47 5.23
CA PRO A 42 9.99 4.84 6.62
C PRO A 42 9.22 6.07 7.08
N GLY A 43 8.94 6.97 6.15
CA GLY A 43 8.20 8.18 6.48
C GLY A 43 6.74 7.91 6.78
N THR A 44 6.17 6.93 6.09
CA THR A 44 4.77 6.58 6.28
C THR A 44 4.50 6.13 7.72
N ASP A 45 5.58 5.79 8.43
CA ASP A 45 5.46 5.34 9.81
C ASP A 45 4.82 6.42 10.68
N SER A 46 3.52 6.31 10.90
CA SER A 46 2.79 7.28 11.70
C SER A 46 1.67 6.60 12.49
N PRO A 47 1.17 7.30 13.52
CA PRO A 47 0.10 6.79 14.38
C PRO A 47 -1.24 6.71 13.65
N GLU A 48 -1.38 7.50 12.59
CA GLU A 48 -2.61 7.53 11.81
C GLU A 48 -2.63 6.39 10.80
N PHE A 49 -1.46 6.05 10.27
CA PHE A 49 -1.35 4.98 9.29
C PHE A 49 -0.97 3.66 9.96
N TYR A 50 0.26 3.59 10.46
CA TYR A 50 0.74 2.39 11.13
C TYR A 50 -0.14 2.03 12.32
N GLY A 51 -0.54 3.04 13.08
CA GLY A 51 -1.39 2.82 14.23
C GLY A 51 -2.67 2.08 13.88
N LYS A 52 -3.30 2.48 12.78
CA LYS A 52 -4.54 1.86 12.34
C LYS A 52 -4.29 0.42 11.89
N PHE A 53 -3.20 0.21 11.16
CA PHE A 53 -2.85 -1.12 10.67
C PHE A 53 -2.72 -2.11 11.83
N LYS A 54 -1.99 -1.70 12.87
CA LYS A 54 -1.80 -2.55 14.04
C LYS A 54 -3.13 -2.88 14.71
N GLU A 55 -3.96 -1.86 14.90
CA GLU A 55 -5.26 -2.04 15.54
C GLU A 55 -6.05 -3.14 14.84
N GLY A 56 -6.26 -2.98 13.53
CA GLY A 56 -7.00 -3.97 12.77
C GLY A 56 -6.44 -5.36 12.93
N VAL A 57 -5.11 -5.47 12.92
CA VAL A 57 -4.45 -6.76 13.07
C VAL A 57 -4.85 -7.44 14.36
N ALA A 58 -4.91 -6.66 15.44
CA ALA A 58 -5.28 -7.19 16.74
C ALA A 58 -6.73 -7.66 16.76
N SER A 59 -7.60 -6.91 16.09
CA SER A 59 -9.02 -7.24 16.02
C SER A 59 -9.25 -8.46 15.12
N GLY A 60 -8.43 -8.57 14.07
CA GLY A 60 -8.56 -9.68 13.15
C GLY A 60 -9.35 -9.31 11.90
N ASN A 61 -9.26 -8.05 11.50
CA ASN A 61 -9.96 -7.58 10.32
C ASN A 61 -9.69 -6.10 10.08
N LEU A 62 -8.58 -5.80 9.42
CA LEU A 62 -8.21 -4.42 9.13
C LEU A 62 -8.82 -3.95 7.81
N ASN A 63 -9.86 -3.14 7.90
CA ASN A 63 -10.55 -2.62 6.72
C ASN A 63 -10.46 -1.10 6.67
N THR A 64 -9.57 -0.59 5.81
CA THR A 64 -9.39 0.84 5.65
C THR A 64 -9.26 1.23 4.19
N MET A 65 -9.85 2.36 3.83
CA MET A 65 -9.78 2.85 2.45
C MET A 65 -9.63 4.37 2.41
N PHE A 66 -8.46 4.83 2.00
CA PHE A 66 -8.19 6.27 1.92
C PHE A 66 -7.15 6.56 0.85
N GLU A 67 -6.79 7.84 0.71
CA GLU A 67 -5.80 8.26 -0.27
C GLU A 67 -4.46 8.54 0.38
N TRP A 68 -3.39 8.45 -0.40
CA TRP A 68 -2.04 8.70 0.10
C TRP A 68 -1.18 9.37 -0.96
N MET A 69 -0.12 10.04 -0.53
CA MET A 69 0.78 10.73 -1.43
C MET A 69 2.11 9.99 -1.54
N ILE A 70 2.69 9.97 -2.73
CA ILE A 70 3.96 9.30 -2.97
C ILE A 70 4.94 10.22 -3.70
N PRO A 71 5.78 10.92 -2.93
CA PRO A 71 6.78 11.84 -3.48
C PRO A 71 7.91 11.11 -4.21
N THR A 72 8.06 11.40 -5.49
CA THR A 72 9.10 10.76 -6.30
C THR A 72 9.87 11.80 -7.10
N SER A 73 10.78 11.32 -7.95
CA SER A 73 11.60 12.20 -8.78
C SER A 73 10.73 13.00 -9.74
N ARG A 74 9.61 12.41 -10.15
CA ARG A 74 8.69 13.07 -11.07
C ARG A 74 7.60 13.82 -10.30
N GLY A 75 7.89 14.18 -9.05
CA GLY A 75 6.93 14.89 -8.23
C GLY A 75 6.04 13.95 -7.44
N PRO A 76 5.11 14.52 -6.67
CA PRO A 76 4.18 13.75 -5.84
C PRO A 76 3.15 12.99 -6.66
N THR A 77 2.79 11.81 -6.20
CA THR A 77 1.81 10.98 -6.90
C THR A 77 0.63 10.62 -6.00
N LYS A 78 -0.53 11.16 -6.30
CA LYS A 78 -1.73 10.89 -5.51
C LYS A 78 -2.36 9.56 -5.92
N VAL A 79 -2.34 8.60 -5.00
CA VAL A 79 -2.90 7.28 -5.25
C VAL A 79 -3.79 6.83 -4.10
N LYS A 80 -4.77 5.99 -4.40
CA LYS A 80 -5.69 5.48 -3.38
C LYS A 80 -5.13 4.22 -2.74
N VAL A 81 -4.92 4.28 -1.42
CA VAL A 81 -4.39 3.14 -0.69
C VAL A 81 -5.50 2.44 0.10
N HIS A 82 -5.63 1.13 -0.12
CA HIS A 82 -6.65 0.35 0.57
C HIS A 82 -6.03 -0.89 1.22
N MET A 83 -6.20 -1.00 2.53
CA MET A 83 -5.66 -2.14 3.28
C MET A 83 -6.77 -3.07 3.74
N LYS A 84 -6.69 -4.33 3.35
CA LYS A 84 -7.69 -5.33 3.71
C LYS A 84 -7.02 -6.61 4.20
N LYS A 85 -7.51 -7.12 5.33
CA LYS A 85 -6.96 -8.35 5.89
C LYS A 85 -7.27 -9.55 5.01
N ALA A 86 -6.36 -10.52 4.99
CA ALA A 86 -6.54 -11.72 4.19
C ALA A 86 -7.73 -12.53 4.66
N LEU A 87 -8.16 -13.50 3.86
CA LEU A 87 -9.28 -14.35 4.21
C LEU A 87 -8.85 -15.48 5.14
N SER A 88 -7.64 -15.98 4.92
CA SER A 88 -7.11 -17.07 5.74
C SER A 88 -6.87 -16.60 7.17
N GLY A 89 -6.68 -15.30 7.33
CA GLY A 89 -6.43 -14.74 8.65
C GLY A 89 -4.98 -14.85 9.06
N ASP A 90 -4.09 -14.89 8.09
CA ASP A 90 -2.66 -14.99 8.36
C ASP A 90 -1.86 -14.17 7.34
N SER A 91 -2.40 -13.04 6.93
CA SER A 91 -1.75 -12.18 5.96
C SER A 91 -2.59 -10.93 5.68
N TYR A 92 -1.97 -9.94 5.06
CA TYR A 92 -2.65 -8.69 4.73
C TYR A 92 -2.26 -8.20 3.34
N TRP A 93 -3.24 -7.69 2.60
CA TRP A 93 -2.99 -7.17 1.26
C TRP A 93 -3.24 -5.67 1.19
N VAL A 94 -2.39 -4.97 0.46
CA VAL A 94 -2.51 -3.53 0.31
C VAL A 94 -2.69 -3.13 -1.16
N PHE A 95 -3.89 -2.71 -1.51
CA PHE A 95 -4.19 -2.30 -2.89
C PHE A 95 -3.94 -0.81 -3.07
N VAL A 96 -3.01 -0.47 -3.95
CA VAL A 96 -2.67 0.91 -4.23
C VAL A 96 -2.77 1.22 -5.72
N LYS A 97 -3.74 2.07 -6.08
CA LYS A 97 -3.95 2.44 -7.47
C LYS A 97 -4.12 3.95 -7.61
N ARG A 98 -3.54 4.51 -8.67
CA ARG A 98 -3.63 5.95 -8.92
C ARG A 98 -5.08 6.39 -9.00
N VAL A 99 -5.43 7.40 -8.21
CA VAL A 99 -6.79 7.93 -8.21
C VAL A 99 -7.15 8.55 -9.55
N LYS A 100 -8.37 9.06 -9.65
CA LYS A 100 -8.84 9.68 -10.89
C LYS A 100 -8.75 8.70 -12.05
N LEU A 101 -9.13 7.45 -11.81
CA LEU A 101 -9.10 6.43 -12.84
C LEU A 101 -10.45 5.73 -12.97
N ALA A 102 -11.32 6.30 -13.80
CA ALA A 102 -12.64 5.72 -14.01
C ALA A 102 -13.44 5.71 -12.71
N ALA A 103 -13.26 6.74 -11.89
CA ALA A 103 -13.97 6.84 -10.63
C ALA A 103 -14.73 8.17 -10.53
N ALA A 104 -15.44 8.51 -11.58
CA ALA A 104 -16.22 9.75 -11.62
C ALA A 104 -17.52 9.60 -10.85
N LEU A 105 -17.42 9.27 -9.57
CA LEU A 105 -18.61 9.09 -8.72
C LEU A 105 -18.46 9.88 -7.43
N GLU A 106 -19.38 10.83 -7.22
CA GLU A 106 -19.36 11.65 -6.01
C GLU A 106 -20.70 11.58 -5.29
N HIS A 107 -21.24 10.37 -5.15
CA HIS A 107 -22.51 10.16 -4.48
C HIS A 107 -22.37 10.39 -2.98
N HIS A 108 -21.45 9.66 -2.36
CA HIS A 108 -21.22 9.78 -0.93
C HIS A 108 -20.15 10.82 -0.63
N HIS A 109 -19.91 11.07 0.65
CA HIS A 109 -18.91 12.05 1.07
C HIS A 109 -17.51 11.46 1.03
N HIS A 110 -16.51 12.26 1.37
CA HIS A 110 -15.12 11.82 1.37
C HIS A 110 -14.48 12.08 2.74
N HIS A 111 -15.09 11.56 3.79
CA HIS A 111 -14.57 11.74 5.14
C HIS A 111 -13.18 11.13 5.27
N HIS A 112 -12.45 11.57 6.29
CA HIS A 112 -11.10 11.06 6.54
C HIS A 112 -11.13 9.74 7.30
N1 O1F B . 6.82 8.44 0.87
C4 O1F B . 4.84 5.62 -0.29
C5 O1F B . 3.41 2.44 -1.81
C6 O1F B . 4.78 4.30 -1.00
C7 O1F B . 4.54 1.80 -2.32
C8 O1F B . 3.51 3.68 -1.15
C10 O1F B . 5.88 6.46 -0.03
C1 O1F B . 1.10 3.84 -0.71
O3 O1F B . 2.39 4.29 -0.65
O1 O1F B . 4.41 0.61 -2.95
C9 O1F B . 5.79 2.39 -2.19
O4 O1F B . 6.87 1.74 -2.70
C2 O1F B . 8.18 2.16 -2.66
C3 O1F B . 5.91 3.64 -1.53
S2 O1F B . 7.61 6.23 -0.47
C12 O1F B . 7.95 7.81 0.32
S1 O1F B . 9.26 8.37 0.38
C11 O1F B . 5.69 7.73 0.70
O2 O1F B . 4.61 8.12 1.11
H8 O1F B . 6.85 9.35 1.37
H45 O1F B . 3.87 5.99 0.07
H21 O1F B . 2.45 1.94 -1.93
H332 O1F B . 0.44 4.57 -0.22
H333 O1F B . 1.02 2.86 -0.19
H331 O1F B . 0.78 3.72 -1.77
H231 O1F B . 8.82 1.40 -3.16
H232 O1F B . 8.52 2.27 -1.60
H233 O1F B . 8.29 3.13 -3.19
H32 O1F B . 6.88 4.05 -1.44
N MET A 1 -3.88 0.40 -13.77
CA MET A 1 -3.17 -0.68 -13.08
C MET A 1 -3.00 -0.37 -11.60
N PHE A 2 -3.13 -1.39 -10.76
CA PHE A 2 -2.99 -1.22 -9.32
C PHE A 2 -1.99 -2.22 -8.75
N GLY A 3 -1.29 -1.80 -7.70
CA GLY A 3 -0.31 -2.67 -7.08
C GLY A 3 -0.87 -3.44 -5.90
N ALA A 4 -0.28 -4.58 -5.58
CA ALA A 4 -0.72 -5.40 -4.46
C ALA A 4 0.45 -5.84 -3.60
N ILE A 5 0.44 -5.45 -2.33
CA ILE A 5 1.50 -5.81 -1.40
C ILE A 5 0.96 -6.66 -0.25
N GLN A 6 1.43 -7.90 -0.17
CA GLN A 6 1.00 -8.80 0.89
C GLN A 6 1.91 -8.70 2.10
N LEU A 7 1.42 -8.09 3.16
CA LEU A 7 2.18 -7.92 4.39
C LEU A 7 1.67 -8.85 5.48
N ASP A 8 2.45 -9.00 6.55
CA ASP A 8 2.08 -9.85 7.66
C ASP A 8 1.69 -9.03 8.88
N GLY A 9 1.28 -9.71 9.95
CA GLY A 9 0.89 -9.02 11.16
C GLY A 9 2.05 -8.27 11.81
N ASP A 10 3.26 -8.75 11.57
CA ASP A 10 4.45 -8.12 12.14
C ASP A 10 4.78 -6.84 11.39
N GLY A 11 4.28 -6.72 10.17
CA GLY A 11 4.54 -5.53 9.37
C GLY A 11 5.66 -5.75 8.37
N ASN A 12 5.87 -7.00 7.97
CA ASN A 12 6.92 -7.33 7.02
C ASN A 12 6.33 -7.63 5.65
N ILE A 13 7.17 -7.52 4.61
CA ILE A 13 6.72 -7.78 3.25
C ILE A 13 6.80 -9.26 2.92
N LEU A 14 5.66 -9.84 2.56
CA LEU A 14 5.60 -11.25 2.21
C LEU A 14 5.61 -11.46 0.69
N GLN A 15 4.86 -10.62 -0.01
CA GLN A 15 4.79 -10.70 -1.46
C GLN A 15 4.62 -9.30 -2.07
N TYR A 16 5.17 -9.12 -3.28
CA TYR A 16 5.09 -7.84 -3.97
C TYR A 16 4.67 -8.04 -5.43
N ASN A 17 4.04 -7.01 -6.00
CA ASN A 17 3.60 -7.08 -7.38
C ASN A 17 4.58 -6.35 -8.30
N ALA A 18 4.54 -6.70 -9.59
CA ALA A 18 5.42 -6.07 -10.56
C ALA A 18 4.97 -4.66 -10.89
N ALA A 19 3.66 -4.46 -11.00
CA ALA A 19 3.10 -3.15 -11.30
C ALA A 19 3.64 -2.09 -10.36
N GGL A 20 3.41 -2.29 -9.06
CA GGL A 20 3.88 -1.34 -8.07
C GGL A 20 5.39 -1.16 -8.18
O GGL A 20 5.94 -0.06 -8.05
CB GGL A 20 3.47 -1.78 -6.66
CG GGL A 20 3.23 -0.57 -5.76
CD GGL A 20 2.19 -0.89 -4.67
OE1 GGL A 20 1.77 -2.05 -4.55
OE2 GGL A 20 1.83 0.11 -3.96
H GGL A 20 2.92 -3.08 -8.70
HA GGL A 20 3.37 -0.40 -8.31
HB2 GGL A 20 2.57 -2.39 -6.71
HB3 GGL A 20 4.26 -2.41 -6.24
HG2 GGL A 20 4.17 -0.27 -5.29
HG3 GGL A 20 2.89 0.28 -6.36
HE2 GGL A 20 2.62 0.46 -3.43
N GLY A 21 6.07 -2.27 -8.42
CA GLY A 21 7.52 -2.25 -8.54
C GLY A 21 7.99 -1.22 -9.55
N ASP A 22 7.24 -1.06 -10.64
CA ASP A 22 7.60 -0.10 -11.68
C ASP A 22 7.15 1.30 -11.31
N ILE A 23 5.96 1.40 -10.70
CA ILE A 23 5.43 2.69 -10.29
C ILE A 23 6.30 3.33 -9.22
N THR A 24 6.87 2.51 -8.35
CA THR A 24 7.72 2.99 -7.27
C THR A 24 9.17 3.09 -7.74
N GLY A 25 9.63 2.07 -8.45
CA GLY A 25 11.00 2.07 -8.94
C GLY A 25 11.91 1.18 -8.11
N ARG A 26 11.34 0.16 -7.49
CA ARG A 26 12.10 -0.76 -6.66
C ARG A 26 11.76 -2.21 -6.99
N ASP A 27 12.72 -3.10 -6.81
CA ASP A 27 12.53 -4.52 -7.07
C ASP A 27 11.67 -5.16 -5.99
N PRO A 28 11.03 -6.29 -6.34
CA PRO A 28 10.17 -7.03 -5.40
C PRO A 28 10.97 -7.71 -4.30
N LYS A 29 12.00 -8.44 -4.68
CA LYS A 29 12.85 -9.14 -3.73
C LYS A 29 13.63 -8.15 -2.86
N GLN A 30 13.94 -6.99 -3.43
CA GLN A 30 14.68 -5.96 -2.71
C GLN A 30 13.88 -5.44 -1.53
N VAL A 31 12.56 -5.40 -1.68
CA VAL A 31 11.68 -4.93 -0.62
C VAL A 31 11.16 -6.08 0.23
N ILE A 32 10.97 -7.24 -0.42
CA ILE A 32 10.48 -8.42 0.28
C ILE A 32 11.47 -8.88 1.34
N GLY A 33 10.94 -9.22 2.52
CA GLY A 33 11.80 -9.68 3.60
C GLY A 33 12.03 -8.60 4.64
N LYS A 34 11.94 -7.34 4.23
CA LYS A 34 12.14 -6.22 5.14
C LYS A 34 10.83 -5.51 5.43
N ASN A 35 10.87 -4.51 6.30
CA ASN A 35 9.68 -3.75 6.67
C ASN A 35 9.33 -2.74 5.58
N PHE A 36 8.06 -2.73 5.18
CA PHE A 36 7.60 -1.81 4.16
C PHE A 36 7.30 -0.43 4.75
N PHE A 37 7.15 -0.38 6.07
CA PHE A 37 6.86 0.87 6.76
C PHE A 37 8.14 1.49 7.31
N LYS A 38 9.19 0.68 7.43
CA LYS A 38 10.47 1.14 7.94
C LYS A 38 11.49 1.27 6.82
N ASP A 39 11.53 0.26 5.96
CA ASP A 39 12.47 0.26 4.83
C ASP A 39 11.85 0.92 3.60
N VAL A 40 10.88 0.22 2.99
CA VAL A 40 10.22 0.75 1.81
C VAL A 40 9.75 2.18 2.02
N ALA A 41 8.84 2.37 2.97
CA ALA A 41 8.32 3.69 3.28
C ALA A 41 8.50 4.03 4.75
N PRO A 42 9.67 4.60 5.10
CA PRO A 42 9.98 4.98 6.48
C PRO A 42 9.17 6.16 6.95
N GLY A 43 8.79 7.03 6.03
CA GLY A 43 8.00 8.20 6.38
C GLY A 43 6.56 7.85 6.71
N THR A 44 6.02 6.85 6.00
CA THR A 44 4.65 6.42 6.22
C THR A 44 4.44 5.98 7.66
N ASP A 45 5.53 5.64 8.35
CA ASP A 45 5.46 5.20 9.73
C ASP A 45 4.82 6.27 10.61
N SER A 46 3.53 6.12 10.87
CA SER A 46 2.79 7.08 11.70
C SER A 46 1.70 6.38 12.49
N PRO A 47 1.20 7.05 13.54
CA PRO A 47 0.14 6.52 14.40
C PRO A 47 -1.20 6.44 13.68
N GLU A 48 -1.39 7.30 12.68
CA GLU A 48 -2.63 7.33 11.92
C GLU A 48 -2.69 6.18 10.93
N PHE A 49 -1.52 5.80 10.40
CA PHE A 49 -1.43 4.71 9.43
C PHE A 49 -1.07 3.40 10.12
N TYR A 50 0.16 3.32 10.61
CA TYR A 50 0.63 2.13 11.30
C TYR A 50 -0.27 1.78 12.49
N GLY A 51 -0.59 2.78 13.29
CA GLY A 51 -1.43 2.57 14.44
C GLY A 51 -2.72 1.85 14.09
N LYS A 52 -3.37 2.28 13.01
CA LYS A 52 -4.61 1.67 12.56
C LYS A 52 -4.39 0.23 12.14
N PHE A 53 -3.29 -0.01 11.42
CA PHE A 53 -2.96 -1.35 10.95
C PHE A 53 -2.90 -2.33 12.11
N LYS A 54 -2.18 -1.95 13.16
CA LYS A 54 -2.04 -2.80 14.34
C LYS A 54 -3.39 -3.08 14.98
N GLU A 55 -4.19 -2.02 15.15
CA GLU A 55 -5.52 -2.16 15.74
C GLU A 55 -6.32 -3.26 15.05
N GLY A 56 -6.41 -3.18 13.73
CA GLY A 56 -7.15 -4.16 12.97
C GLY A 56 -6.58 -5.56 13.13
N VAL A 57 -5.26 -5.65 13.23
CA VAL A 57 -4.59 -6.94 13.38
C VAL A 57 -5.05 -7.64 14.67
N ALA A 58 -5.14 -6.87 15.74
CA ALA A 58 -5.57 -7.42 17.03
C ALA A 58 -7.04 -7.82 17.00
N SER A 59 -7.85 -7.03 16.29
CA SER A 59 -9.27 -7.31 16.18
C SER A 59 -9.54 -8.50 15.28
N GLY A 60 -8.70 -8.66 14.25
CA GLY A 60 -8.85 -9.75 13.32
C GLY A 60 -9.64 -9.38 12.09
N ASN A 61 -9.54 -8.11 11.68
CA ASN A 61 -10.24 -7.62 10.51
C ASN A 61 -9.94 -6.14 10.28
N LEU A 62 -8.80 -5.87 9.65
CA LEU A 62 -8.39 -4.50 9.36
C LEU A 62 -9.03 -4.01 8.07
N ASN A 63 -10.04 -3.16 8.20
CA ASN A 63 -10.73 -2.62 7.04
C ASN A 63 -10.61 -1.09 6.99
N THR A 64 -9.74 -0.60 6.12
CA THR A 64 -9.52 0.83 5.98
C THR A 64 -9.39 1.23 4.51
N MET A 65 -9.95 2.39 4.17
CA MET A 65 -9.90 2.89 2.80
C MET A 65 -9.70 4.40 2.77
N PHE A 66 -8.52 4.83 2.34
CA PHE A 66 -8.21 6.25 2.26
C PHE A 66 -7.18 6.52 1.17
N GLU A 67 -6.86 7.79 0.97
CA GLU A 67 -5.89 8.18 -0.04
C GLU A 67 -4.53 8.45 0.58
N TRP A 68 -3.48 8.36 -0.23
CA TRP A 68 -2.12 8.59 0.24
C TRP A 68 -1.27 9.26 -0.84
N MET A 69 -0.23 9.96 -0.42
CA MET A 69 0.66 10.64 -1.35
C MET A 69 2.01 9.92 -1.43
N ILE A 70 2.53 9.81 -2.65
CA ILE A 70 3.81 9.14 -2.86
C ILE A 70 4.77 10.04 -3.65
N PRO A 71 5.60 10.80 -2.92
CA PRO A 71 6.58 11.71 -3.52
C PRO A 71 7.71 10.96 -4.22
N THR A 72 7.86 11.21 -5.51
CA THR A 72 8.92 10.57 -6.29
C THR A 72 9.74 11.59 -7.05
N SER A 73 10.68 11.10 -7.86
CA SER A 73 11.55 11.97 -8.64
C SER A 73 10.74 12.85 -9.59
N ARG A 74 9.66 12.28 -10.14
CA ARG A 74 8.80 13.01 -11.05
C ARG A 74 7.88 13.96 -10.30
N GLY A 75 7.71 13.70 -9.01
CA GLY A 75 6.84 14.55 -8.19
C GLY A 75 5.86 13.75 -7.37
N PRO A 76 5.00 14.46 -6.63
CA PRO A 76 3.98 13.82 -5.77
C PRO A 76 2.89 13.15 -6.58
N THR A 77 2.68 11.86 -6.33
CA THR A 77 1.65 11.10 -7.03
C THR A 77 0.53 10.65 -6.08
N LYS A 78 -0.66 11.17 -6.30
CA LYS A 78 -1.81 10.84 -5.47
C LYS A 78 -2.36 9.46 -5.84
N VAL A 79 -2.37 8.55 -4.87
CA VAL A 79 -2.87 7.21 -5.08
C VAL A 79 -3.76 6.75 -3.93
N LYS A 80 -4.76 5.94 -4.24
CA LYS A 80 -5.68 5.43 -3.23
C LYS A 80 -5.11 4.19 -2.56
N VAL A 81 -5.08 4.21 -1.23
CA VAL A 81 -4.56 3.09 -0.46
C VAL A 81 -5.67 2.42 0.35
N HIS A 82 -5.86 1.12 0.12
CA HIS A 82 -6.89 0.36 0.82
C HIS A 82 -6.30 -0.91 1.44
N MET A 83 -6.44 -1.04 2.75
CA MET A 83 -5.92 -2.20 3.46
C MET A 83 -7.06 -3.11 3.92
N LYS A 84 -7.00 -4.38 3.54
CA LYS A 84 -8.01 -5.34 3.92
C LYS A 84 -7.39 -6.66 4.35
N LYS A 85 -7.85 -7.18 5.48
CA LYS A 85 -7.33 -8.44 6.02
C LYS A 85 -7.37 -9.53 4.96
N ALA A 86 -6.37 -10.40 4.99
CA ALA A 86 -6.28 -11.50 4.03
C ALA A 86 -7.29 -12.60 4.35
N LEU A 87 -7.39 -13.58 3.47
CA LEU A 87 -8.31 -14.69 3.67
C LEU A 87 -7.72 -15.75 4.60
N SER A 88 -6.41 -15.92 4.51
CA SER A 88 -5.71 -16.89 5.35
C SER A 88 -5.75 -16.49 6.81
N GLY A 89 -5.91 -15.19 7.06
CA GLY A 89 -5.96 -14.69 8.42
C GLY A 89 -4.60 -14.31 8.96
N ASP A 90 -3.55 -14.84 8.33
CA ASP A 90 -2.18 -14.55 8.75
C ASP A 90 -1.47 -13.67 7.74
N SER A 91 -2.24 -12.79 7.09
CA SER A 91 -1.68 -11.88 6.09
C SER A 91 -2.62 -10.70 5.86
N TYR A 92 -2.20 -9.78 4.99
CA TYR A 92 -3.00 -8.60 4.68
C TYR A 92 -2.76 -8.15 3.24
N TRP A 93 -3.83 -7.73 2.57
CA TRP A 93 -3.73 -7.27 1.20
C TRP A 93 -3.73 -5.75 1.13
N VAL A 94 -2.68 -5.19 0.53
CA VAL A 94 -2.57 -3.74 0.40
C VAL A 94 -2.83 -3.29 -1.04
N PHE A 95 -3.99 -2.68 -1.26
CA PHE A 95 -4.36 -2.21 -2.59
C PHE A 95 -3.93 -0.77 -2.80
N VAL A 96 -3.15 -0.53 -3.85
CA VAL A 96 -2.66 0.80 -4.16
C VAL A 96 -2.83 1.12 -5.65
N LYS A 97 -3.74 2.04 -5.94
CA LYS A 97 -3.99 2.43 -7.32
C LYS A 97 -3.81 3.94 -7.50
N ARG A 98 -3.34 4.33 -8.69
CA ARG A 98 -3.12 5.74 -8.98
C ARG A 98 -4.36 6.37 -9.61
N VAL A 99 -4.86 7.42 -8.97
CA VAL A 99 -6.05 8.12 -9.46
C VAL A 99 -5.78 8.77 -10.82
N LYS A 100 -6.85 9.18 -11.49
CA LYS A 100 -6.73 9.82 -12.79
C LYS A 100 -6.65 11.35 -12.64
N LEU A 101 -5.54 11.92 -13.10
CA LEU A 101 -5.33 13.35 -13.01
C LEU A 101 -6.46 14.11 -13.73
N ALA A 102 -6.86 13.59 -14.87
CA ALA A 102 -7.93 14.20 -15.66
C ALA A 102 -9.29 13.96 -15.01
N ALA A 103 -10.36 14.43 -15.68
CA ALA A 103 -11.71 14.26 -15.16
C ALA A 103 -12.17 12.82 -15.30
N ALA A 104 -12.00 12.04 -14.24
CA ALA A 104 -12.40 10.64 -14.25
C ALA A 104 -13.88 10.50 -13.92
N LEU A 105 -14.37 9.26 -13.93
CA LEU A 105 -15.77 8.99 -13.64
C LEU A 105 -15.94 8.36 -12.26
N GLU A 106 -15.09 7.37 -11.97
CA GLU A 106 -15.14 6.69 -10.68
C GLU A 106 -14.86 7.67 -9.54
N HIS A 107 -15.51 7.44 -8.40
CA HIS A 107 -15.34 8.30 -7.23
C HIS A 107 -15.41 7.48 -5.94
N HIS A 108 -14.54 7.80 -5.00
CA HIS A 108 -14.51 7.10 -3.71
C HIS A 108 -15.25 7.89 -2.64
N HIS A 109 -15.44 7.28 -1.48
CA HIS A 109 -16.14 7.92 -0.38
C HIS A 109 -15.35 9.13 0.12
N HIS A 110 -16.03 10.03 0.81
CA HIS A 110 -15.40 11.23 1.35
C HIS A 110 -15.10 11.07 2.84
N HIS A 111 -13.83 10.92 3.17
CA HIS A 111 -13.42 10.76 4.55
C HIS A 111 -13.87 11.94 5.41
N HIS A 112 -13.97 11.73 6.71
CA HIS A 112 -14.39 12.79 7.63
C HIS A 112 -13.19 13.45 8.30
N1 O1F B . 6.62 8.44 0.83
C4 O1F B . 4.75 5.52 -0.28
C5 O1F B . 3.46 2.25 -1.75
C6 O1F B . 4.75 4.19 -0.98
C7 O1F B . 4.61 1.67 -2.28
C8 O1F B . 3.51 3.50 -1.11
C10 O1F B . 5.76 6.40 -0.05
C1 O1F B . 1.11 3.54 -0.62
O3 O1F B . 2.39 4.06 -0.59
O1 O1F B . 4.53 0.47 -2.89
C9 O1F B . 5.84 2.32 -2.17
O4 O1F B . 6.94 1.72 -2.70
C2 O1F B . 8.23 2.21 -2.68
C3 O1F B . 5.90 3.57 -1.52
S2 O1F B . 7.50 6.26 -0.52
C12 O1F B . 7.77 7.85 0.26
S1 O1F B . 9.05 8.49 0.29
C11 O1F B . 5.53 7.67 0.68
O2 O1F B . 4.44 8.01 1.11
H8 O1F B . 6.61 9.35 1.31
H45 O1F B . 3.79 5.84 0.10
H21 O1F B . 2.53 1.72 -1.86
H332 O1F B . 0.41 4.25 -0.12
H333 O1F B . 1.08 2.57 -0.08
H331 O1F B . 0.78 3.41 -1.67
H231 O1F B . 8.90 1.48 -3.19
H232 O1F B . 8.58 2.34 -1.63
H233 O1F B . 8.27 3.18 -3.22
H32 O1F B . 6.86 4.04 -1.46
N MET A 1 -4.39 -1.45 -13.53
CA MET A 1 -3.06 -0.89 -13.35
C MET A 1 -2.82 -0.50 -11.89
N PHE A 2 -3.01 -1.46 -10.99
CA PHE A 2 -2.82 -1.22 -9.57
C PHE A 2 -1.89 -2.27 -8.96
N GLY A 3 -1.10 -1.85 -7.98
CA GLY A 3 -0.18 -2.76 -7.33
C GLY A 3 -0.78 -3.43 -6.11
N ALA A 4 -0.08 -4.41 -5.55
CA ALA A 4 -0.56 -5.12 -4.38
C ALA A 4 0.60 -5.48 -3.45
N ILE A 5 0.47 -5.14 -2.18
CA ILE A 5 1.50 -5.43 -1.19
C ILE A 5 1.00 -6.44 -0.16
N GLN A 6 1.68 -7.58 -0.10
CA GLN A 6 1.31 -8.63 0.85
C GLN A 6 2.22 -8.61 2.07
N LEU A 7 1.69 -8.14 3.20
CA LEU A 7 2.45 -8.06 4.43
C LEU A 7 1.86 -8.99 5.50
N ASP A 8 2.62 -9.20 6.56
CA ASP A 8 2.17 -10.06 7.65
C ASP A 8 1.77 -9.24 8.88
N GLY A 9 1.38 -9.92 9.95
CA GLY A 9 0.98 -9.23 11.16
C GLY A 9 2.12 -8.46 11.80
N ASP A 10 3.35 -8.89 11.53
CA ASP A 10 4.53 -8.24 12.09
C ASP A 10 4.78 -6.91 11.39
N GLY A 11 4.24 -6.76 10.19
CA GLY A 11 4.42 -5.54 9.43
C GLY A 11 5.56 -5.64 8.43
N ASN A 12 5.89 -6.86 8.04
CA ASN A 12 6.97 -7.10 7.08
C ASN A 12 6.40 -7.49 5.72
N ILE A 13 7.23 -7.34 4.68
CA ILE A 13 6.80 -7.68 3.33
C ILE A 13 6.98 -9.17 3.06
N LEU A 14 5.95 -9.78 2.47
CA LEU A 14 5.99 -11.21 2.16
C LEU A 14 5.97 -11.43 0.65
N GLN A 15 5.12 -10.67 -0.05
CA GLN A 15 5.00 -10.79 -1.50
C GLN A 15 4.74 -9.42 -2.13
N TYR A 16 5.58 -9.05 -3.09
CA TYR A 16 5.43 -7.77 -3.77
C TYR A 16 5.04 -7.98 -5.24
N ASN A 17 3.87 -7.46 -5.61
CA ASN A 17 3.39 -7.59 -6.98
C ASN A 17 4.31 -6.86 -7.95
N ALA A 18 4.09 -7.10 -9.24
CA ALA A 18 4.90 -6.47 -10.27
C ALA A 18 4.45 -5.03 -10.52
N ALA A 19 3.14 -4.83 -10.58
CA ALA A 19 2.58 -3.50 -10.81
C ALA A 19 3.14 -2.49 -9.83
N GGL A 20 3.01 -2.78 -8.54
CA GGL A 20 3.50 -1.89 -7.51
C GGL A 20 4.99 -1.59 -7.74
O GGL A 20 5.46 -0.46 -7.57
CB GGL A 20 3.27 -2.48 -6.11
CG GGL A 20 3.35 -1.39 -5.04
CD GGL A 20 1.98 -0.78 -4.79
OE1 GGL A 20 0.95 -1.48 -4.86
OE2 GGL A 20 1.99 0.48 -4.51
H GGL A 20 2.57 -3.62 -8.20
HA GGL A 20 2.92 -0.98 -7.61
HB2 GGL A 20 2.30 -2.96 -6.08
HB3 GGL A 20 4.01 -3.25 -5.91
HG2 GGL A 20 3.74 -1.82 -4.12
HG3 GGL A 20 4.05 -0.61 -5.35
HE2 GGL A 20 2.79 0.70 -3.95
N GLY A 21 5.72 -2.63 -8.13
CA GLY A 21 7.14 -2.49 -8.38
C GLY A 21 7.44 -1.49 -9.48
N ASP A 22 6.56 -1.44 -10.48
CA ASP A 22 6.74 -0.53 -11.61
C ASP A 22 6.28 0.88 -11.23
N ILE A 23 5.22 0.97 -10.43
CA ILE A 23 4.68 2.26 -10.01
C ILE A 23 5.65 2.95 -9.05
N THR A 24 6.32 2.17 -8.22
CA THR A 24 7.27 2.71 -7.25
C THR A 24 8.67 2.80 -7.85
N GLY A 25 9.07 1.74 -8.54
CA GLY A 25 10.39 1.72 -9.15
C GLY A 25 11.39 0.92 -8.34
N ARG A 26 10.89 -0.07 -7.61
CA ARG A 26 11.75 -0.92 -6.78
C ARG A 26 11.45 -2.39 -7.01
N ASP A 27 12.48 -3.22 -6.97
CA ASP A 27 12.32 -4.65 -7.16
C ASP A 27 11.51 -5.28 -6.03
N PRO A 28 10.90 -6.44 -6.30
CA PRO A 28 10.10 -7.17 -5.30
C PRO A 28 10.93 -7.74 -4.18
N LYS A 29 12.00 -8.45 -4.54
CA LYS A 29 12.88 -9.06 -3.55
C LYS A 29 13.65 -7.99 -2.78
N GLN A 30 13.88 -6.85 -3.42
CA GLN A 30 14.60 -5.75 -2.78
C GLN A 30 13.84 -5.24 -1.57
N VAL A 31 12.51 -5.27 -1.65
CA VAL A 31 11.66 -4.80 -0.55
C VAL A 31 11.20 -5.96 0.31
N ILE A 32 11.00 -7.12 -0.32
CA ILE A 32 10.56 -8.31 0.40
C ILE A 32 11.59 -8.75 1.44
N GLY A 33 11.12 -9.11 2.63
CA GLY A 33 12.01 -9.55 3.67
C GLY A 33 12.23 -8.48 4.74
N LYS A 34 12.07 -7.23 4.35
CA LYS A 34 12.25 -6.10 5.27
C LYS A 34 10.92 -5.40 5.53
N ASN A 35 10.96 -4.41 6.42
CA ASN A 35 9.75 -3.66 6.76
C ASN A 35 9.44 -2.61 5.69
N PHE A 36 8.18 -2.55 5.27
CA PHE A 36 7.75 -1.61 4.26
C PHE A 36 7.48 -0.24 4.87
N PHE A 37 7.29 -0.22 6.19
CA PHE A 37 7.02 1.03 6.89
C PHE A 37 8.29 1.60 7.50
N LYS A 38 9.32 0.76 7.61
CA LYS A 38 10.60 1.18 8.17
C LYS A 38 11.65 1.32 7.07
N ASP A 39 11.72 0.33 6.19
CA ASP A 39 12.68 0.35 5.09
C ASP A 39 12.10 1.04 3.87
N VAL A 40 11.14 0.39 3.22
CA VAL A 40 10.51 0.94 2.04
C VAL A 40 10.07 2.38 2.27
N ALA A 41 9.14 2.56 3.20
CA ALA A 41 8.63 3.89 3.52
C ALA A 41 8.78 4.18 5.01
N PRO A 42 9.94 4.73 5.39
CA PRO A 42 10.22 5.06 6.79
C PRO A 42 9.39 6.25 7.29
N GLY A 43 9.03 7.13 6.36
CA GLY A 43 8.24 8.30 6.72
C GLY A 43 6.79 7.94 7.00
N THR A 44 6.27 6.99 6.25
CA THR A 44 4.87 6.56 6.41
C THR A 44 4.61 6.09 7.85
N ASP A 45 5.68 5.74 8.55
CA ASP A 45 5.55 5.28 9.93
C ASP A 45 4.92 6.34 10.81
N SER A 46 3.61 6.23 11.02
CA SER A 46 2.88 7.19 11.84
C SER A 46 1.72 6.52 12.55
N PRO A 47 1.19 7.19 13.59
CA PRO A 47 0.06 6.67 14.38
C PRO A 47 -1.24 6.68 13.60
N GLU A 48 -1.32 7.54 12.58
CA GLU A 48 -2.51 7.63 11.75
C GLU A 48 -2.57 6.49 10.74
N PHE A 49 -1.41 6.06 10.27
CA PHE A 49 -1.33 4.98 9.30
C PHE A 49 -0.98 3.67 9.99
N TYR A 50 0.27 3.56 10.45
CA TYR A 50 0.73 2.35 11.12
C TYR A 50 -0.16 2.01 12.31
N GLY A 51 -0.57 3.03 13.06
CA GLY A 51 -1.42 2.82 14.21
C GLY A 51 -2.69 2.08 13.85
N LYS A 52 -3.32 2.48 12.77
CA LYS A 52 -4.56 1.85 12.31
C LYS A 52 -4.31 0.41 11.87
N PHE A 53 -3.21 0.20 11.14
CA PHE A 53 -2.85 -1.13 10.65
C PHE A 53 -2.74 -2.12 11.81
N LYS A 54 -2.01 -1.73 12.84
CA LYS A 54 -1.82 -2.59 14.01
C LYS A 54 -3.16 -2.88 14.69
N GLU A 55 -3.98 -1.84 14.85
CA GLU A 55 -5.28 -1.99 15.48
C GLU A 55 -6.08 -3.11 14.82
N GLY A 56 -6.21 -3.05 13.50
CA GLY A 56 -6.95 -4.07 12.78
C GLY A 56 -6.33 -5.45 12.93
N VAL A 57 -5.00 -5.50 12.98
CA VAL A 57 -4.29 -6.77 13.12
C VAL A 57 -4.69 -7.48 14.41
N ALA A 58 -4.80 -6.70 15.49
CA ALA A 58 -5.18 -7.26 16.79
C ALA A 58 -6.63 -7.70 16.79
N SER A 59 -7.49 -6.93 16.14
CA SER A 59 -8.91 -7.25 16.07
C SER A 59 -9.16 -8.47 15.20
N GLY A 60 -8.35 -8.61 14.15
CA GLY A 60 -8.49 -9.74 13.25
C GLY A 60 -9.27 -9.39 12.00
N ASN A 61 -9.18 -8.14 11.58
CA ASN A 61 -9.88 -7.67 10.39
C ASN A 61 -9.64 -6.18 10.16
N LEU A 62 -8.55 -5.88 9.45
CA LEU A 62 -8.20 -4.49 9.15
C LEU A 62 -8.84 -4.03 7.86
N ASN A 63 -9.89 -3.22 7.97
CA ASN A 63 -10.61 -2.71 6.80
C ASN A 63 -10.53 -1.19 6.75
N THR A 64 -9.68 -0.68 5.87
CA THR A 64 -9.51 0.77 5.72
C THR A 64 -9.39 1.15 4.25
N MET A 65 -9.97 2.29 3.89
CA MET A 65 -9.93 2.77 2.52
C MET A 65 -9.77 4.29 2.48
N PHE A 66 -8.60 4.75 2.05
CA PHE A 66 -8.32 6.18 1.96
C PHE A 66 -7.26 6.47 0.91
N GLU A 67 -6.96 7.74 0.71
CA GLU A 67 -5.95 8.15 -0.28
C GLU A 67 -4.63 8.46 0.40
N TRP A 68 -3.54 8.39 -0.36
CA TRP A 68 -2.22 8.66 0.16
C TRP A 68 -1.33 9.29 -0.89
N MET A 69 -0.33 10.04 -0.46
CA MET A 69 0.60 10.70 -1.37
C MET A 69 1.94 9.98 -1.41
N ILE A 70 2.49 9.84 -2.61
CA ILE A 70 3.78 9.17 -2.79
C ILE A 70 4.77 10.07 -3.49
N PRO A 71 5.59 10.80 -2.69
CA PRO A 71 6.60 11.71 -3.22
C PRO A 71 7.76 10.97 -3.89
N THR A 72 7.98 11.26 -5.17
CA THR A 72 9.05 10.62 -5.92
C THR A 72 9.77 11.62 -6.82
N SER A 73 10.65 11.12 -7.66
CA SER A 73 11.41 11.97 -8.58
C SER A 73 10.47 12.82 -9.43
N ARG A 74 9.30 12.26 -9.74
CA ARG A 74 8.32 12.96 -10.56
C ARG A 74 7.32 13.71 -9.68
N GLY A 75 7.74 14.03 -8.46
CA GLY A 75 6.88 14.75 -7.54
C GLY A 75 5.90 13.83 -6.83
N PRO A 76 4.98 14.43 -6.05
CA PRO A 76 3.96 13.68 -5.31
C PRO A 76 2.92 13.04 -6.23
N THR A 77 2.63 11.77 -5.98
CA THR A 77 1.65 11.06 -6.78
C THR A 77 0.50 10.52 -5.91
N LYS A 78 -0.69 11.05 -6.13
CA LYS A 78 -1.86 10.63 -5.36
C LYS A 78 -2.33 9.24 -5.81
N VAL A 79 -2.65 8.40 -4.82
CA VAL A 79 -3.11 7.05 -5.11
C VAL A 79 -4.06 6.54 -4.03
N LYS A 80 -4.95 5.64 -4.40
CA LYS A 80 -5.91 5.08 -3.46
C LYS A 80 -5.31 3.92 -2.69
N VAL A 81 -5.07 4.12 -1.40
CA VAL A 81 -4.50 3.08 -0.56
C VAL A 81 -5.59 2.36 0.25
N HIS A 82 -5.80 1.09 -0.08
CA HIS A 82 -6.80 0.29 0.61
C HIS A 82 -6.18 -0.94 1.25
N MET A 83 -6.34 -1.07 2.57
CA MET A 83 -5.78 -2.20 3.29
C MET A 83 -6.88 -3.14 3.77
N LYS A 84 -6.81 -4.39 3.35
CA LYS A 84 -7.80 -5.39 3.73
C LYS A 84 -7.13 -6.68 4.20
N LYS A 85 -7.59 -7.19 5.34
CA LYS A 85 -7.04 -8.42 5.90
C LYS A 85 -7.05 -9.54 4.87
N ALA A 86 -6.03 -10.39 4.93
CA ALA A 86 -5.93 -11.52 4.00
C ALA A 86 -7.19 -12.37 4.02
N LEU A 87 -7.31 -13.26 3.05
CA LEU A 87 -8.47 -14.13 2.95
C LEU A 87 -8.33 -15.34 3.88
N SER A 88 -7.15 -15.92 3.91
CA SER A 88 -6.88 -17.07 4.75
C SER A 88 -6.92 -16.70 6.23
N GLY A 89 -6.67 -15.42 6.50
CA GLY A 89 -6.68 -14.95 7.88
C GLY A 89 -5.32 -15.04 8.54
N ASP A 90 -4.27 -15.00 7.72
CA ASP A 90 -2.90 -15.08 8.23
C ASP A 90 -1.98 -14.13 7.47
N SER A 91 -2.53 -12.98 7.09
CA SER A 91 -1.76 -11.97 6.36
C SER A 91 -2.61 -10.75 6.06
N TYR A 92 -2.03 -9.81 5.31
CA TYR A 92 -2.74 -8.59 4.95
C TYR A 92 -2.29 -8.08 3.58
N TRP A 93 -3.24 -7.62 2.78
CA TRP A 93 -2.93 -7.10 1.45
C TRP A 93 -3.24 -5.61 1.36
N VAL A 94 -2.56 -4.93 0.44
CA VAL A 94 -2.75 -3.49 0.26
C VAL A 94 -2.92 -3.16 -1.22
N PHE A 95 -4.10 -2.68 -1.58
CA PHE A 95 -4.39 -2.31 -2.96
C PHE A 95 -4.07 -0.84 -3.21
N VAL A 96 -3.22 -0.59 -4.20
CA VAL A 96 -2.83 0.78 -4.55
C VAL A 96 -3.21 1.11 -5.99
N LYS A 97 -4.15 2.04 -6.15
CA LYS A 97 -4.60 2.46 -7.47
C LYS A 97 -4.17 3.88 -7.77
N ARG A 98 -3.66 4.10 -8.97
CA ARG A 98 -3.21 5.43 -9.38
C ARG A 98 -4.38 6.28 -9.86
N VAL A 99 -4.81 7.22 -9.03
CA VAL A 99 -5.92 8.09 -9.36
C VAL A 99 -5.64 8.88 -10.65
N LYS A 100 -6.67 9.51 -11.18
CA LYS A 100 -6.53 10.30 -12.41
C LYS A 100 -5.60 11.49 -12.18
N LEU A 101 -4.89 11.88 -13.23
CA LEU A 101 -3.96 13.01 -13.16
C LEU A 101 -4.48 14.19 -13.97
N ALA A 102 -5.77 14.48 -13.84
CA ALA A 102 -6.37 15.59 -14.56
C ALA A 102 -6.18 16.90 -13.82
N ALA A 103 -6.59 17.99 -14.44
CA ALA A 103 -6.46 19.32 -13.84
C ALA A 103 -7.72 19.69 -13.06
N ALA A 104 -7.99 18.94 -12.00
CA ALA A 104 -9.17 19.18 -11.17
C ALA A 104 -8.88 20.23 -10.10
N LEU A 105 -7.69 20.16 -9.53
CA LEU A 105 -7.28 21.11 -8.48
C LEU A 105 -6.06 21.89 -8.92
N GLU A 106 -6.08 23.21 -8.71
CA GLU A 106 -4.97 24.07 -9.08
C GLU A 106 -3.87 24.01 -8.03
N HIS A 107 -2.72 23.45 -8.41
CA HIS A 107 -1.59 23.33 -7.49
C HIS A 107 -0.78 24.62 -7.47
N HIS A 108 0.08 24.75 -6.46
CA HIS A 108 0.91 25.94 -6.33
C HIS A 108 2.12 25.87 -7.26
N HIS A 109 2.94 24.83 -7.08
CA HIS A 109 4.13 24.65 -7.92
C HIS A 109 4.65 23.23 -7.79
N HIS A 110 5.21 22.71 -8.88
CA HIS A 110 5.77 21.36 -8.89
C HIS A 110 7.21 21.35 -8.42
N HIS A 111 7.60 20.29 -7.72
CA HIS A 111 8.96 20.17 -7.22
C HIS A 111 9.90 19.64 -8.30
N HIS A 112 11.19 19.92 -8.15
CA HIS A 112 12.19 19.48 -9.12
C HIS A 112 12.11 17.97 -9.32
N1 O1F B . 6.63 8.45 1.01
C4 O1F B . 4.71 5.58 -0.11
C5 O1F B . 3.36 2.35 -1.62
C6 O1F B . 4.68 4.25 -0.84
C7 O1F B . 4.49 1.76 -2.17
C8 O1F B . 3.43 3.59 -0.95
C10 O1F B . 5.74 6.45 0.12
C1 O1F B . 1.04 3.64 -0.43
O3 O1F B . 2.32 4.15 -0.41
O1 O1F B . 4.39 0.58 -2.80
C9 O1F B . 5.73 2.40 -2.07
O4 O1F B . 6.81 1.80 -2.64
C2 O1F B . 8.11 2.27 -2.64
C3 O1F B . 5.82 3.64 -1.41
S2 O1F B . 7.47 6.29 -0.38
C12 O1F B . 7.77 7.87 0.42
S1 O1F B . 9.06 8.48 0.44
C11 O1F B . 5.53 7.70 0.87
O2 O1F B . 4.46 8.05 1.33
H8 O1F B . 6.64 9.36 1.51
H45 O1F B . 3.76 5.90 0.29
H21 O1F B . 2.42 1.83 -1.72
H332 O1F B . 0.37 4.34 0.10
H333 O1F B . 1.01 2.67 0.09
H331 O1F B . 0.69 3.54 -1.48
H231 O1F B . 8.76 1.55 -3.17
H232 O1F B . 8.47 2.38 -1.59
H233 O1F B . 8.16 3.25 -3.16
H32 O1F B . 6.78 4.10 -1.35
N MET A 1 -4.27 -2.36 -13.97
CA MET A 1 -2.99 -1.91 -13.44
C MET A 1 -3.13 -1.47 -11.99
N PHE A 2 -3.27 -2.45 -11.09
CA PHE A 2 -3.42 -2.15 -9.67
C PHE A 2 -2.27 -2.75 -8.87
N GLY A 3 -2.00 -2.16 -7.70
CA GLY A 3 -0.92 -2.64 -6.86
C GLY A 3 -1.41 -3.54 -5.74
N ALA A 4 -0.55 -4.44 -5.29
CA ALA A 4 -0.90 -5.36 -4.21
C ALA A 4 0.32 -5.71 -3.37
N ILE A 5 0.20 -5.48 -2.06
CA ILE A 5 1.30 -5.77 -1.14
C ILE A 5 0.85 -6.71 -0.03
N GLN A 6 1.41 -7.90 0.00
CA GLN A 6 1.07 -8.89 1.01
C GLN A 6 2.01 -8.81 2.21
N LEU A 7 1.51 -8.27 3.31
CA LEU A 7 2.31 -8.13 4.52
C LEU A 7 1.84 -9.08 5.61
N ASP A 8 2.65 -9.24 6.66
CA ASP A 8 2.31 -10.13 7.75
C ASP A 8 1.92 -9.33 8.99
N GLY A 9 1.57 -10.04 10.07
CA GLY A 9 1.18 -9.38 11.30
C GLY A 9 2.29 -8.56 11.90
N ASP A 10 3.53 -8.97 11.65
CA ASP A 10 4.69 -8.26 12.18
C ASP A 10 4.94 -6.97 11.39
N GLY A 11 4.42 -6.92 10.18
CA GLY A 11 4.60 -5.74 9.35
C GLY A 11 5.72 -5.91 8.34
N ASN A 12 5.97 -7.16 7.95
CA ASN A 12 7.02 -7.46 6.98
C ASN A 12 6.43 -7.80 5.62
N ILE A 13 7.19 -7.53 4.56
CA ILE A 13 6.74 -7.82 3.20
C ILE A 13 6.90 -9.30 2.86
N LEU A 14 5.81 -9.92 2.45
CA LEU A 14 5.83 -11.34 2.10
C LEU A 14 5.70 -11.52 0.59
N GLN A 15 4.88 -10.69 -0.04
CA GLN A 15 4.67 -10.76 -1.48
C GLN A 15 4.46 -9.37 -2.07
N TYR A 16 5.26 -9.03 -3.06
CA TYR A 16 5.17 -7.72 -3.72
C TYR A 16 4.76 -7.87 -5.19
N ASN A 17 4.00 -6.91 -5.68
CA ASN A 17 3.55 -6.92 -7.07
C ASN A 17 4.53 -6.19 -7.98
N ALA A 18 4.43 -6.44 -9.28
CA ALA A 18 5.31 -5.81 -10.24
C ALA A 18 4.87 -4.39 -10.55
N ALA A 19 3.55 -4.19 -10.64
CA ALA A 19 3.00 -2.86 -10.92
C ALA A 19 3.53 -1.83 -9.93
N GGL A 20 3.50 -2.17 -8.65
CA GGL A 20 3.98 -1.26 -7.63
C GGL A 20 5.47 -0.97 -7.83
O GGL A 20 5.94 0.15 -7.64
CB GGL A 20 3.70 -1.82 -6.23
CG GGL A 20 2.26 -1.55 -5.80
CD GGL A 20 2.01 -0.06 -5.61
OE1 GGL A 20 1.70 0.65 -6.57
OE2 GGL A 20 2.16 0.36 -4.40
H GGL A 20 3.16 -3.05 -8.32
HA GGL A 20 3.40 -0.35 -7.76
HB2 GGL A 20 3.90 -2.89 -6.21
HB3 GGL A 20 4.38 -1.36 -5.51
HG2 GGL A 20 1.58 -1.95 -6.56
HG3 GGL A 20 2.04 -2.09 -4.88
HE2 GGL A 20 3.05 0.81 -4.29
N GLY A 21 6.20 -2.02 -8.19
CA GLY A 21 7.63 -1.89 -8.41
C GLY A 21 7.95 -0.96 -9.56
N ASP A 22 7.08 -0.94 -10.57
CA ASP A 22 7.29 -0.09 -11.73
C ASP A 22 6.90 1.35 -11.43
N ILE A 23 5.84 1.52 -10.65
CA ILE A 23 5.36 2.85 -10.28
C ILE A 23 6.29 3.50 -9.25
N THR A 24 6.71 2.71 -8.26
CA THR A 24 7.59 3.21 -7.23
C THR A 24 9.04 3.25 -7.70
N GLY A 25 9.45 2.20 -8.41
CA GLY A 25 10.80 2.13 -8.92
C GLY A 25 11.69 1.23 -8.08
N ARG A 26 11.08 0.24 -7.43
CA ARG A 26 11.82 -0.69 -6.59
C ARG A 26 11.44 -2.14 -6.92
N ASP A 27 12.43 -3.03 -6.86
CA ASP A 27 12.20 -4.44 -7.15
C ASP A 27 11.39 -5.10 -6.03
N PRO A 28 10.73 -6.21 -6.35
CA PRO A 28 9.91 -6.96 -5.39
C PRO A 28 10.75 -7.65 -4.33
N LYS A 29 11.77 -8.39 -4.77
CA LYS A 29 12.65 -9.10 -3.86
C LYS A 29 13.47 -8.12 -3.02
N GLN A 30 13.75 -6.96 -3.58
CA GLN A 30 14.52 -5.93 -2.87
C GLN A 30 13.77 -5.43 -1.65
N VAL A 31 12.44 -5.36 -1.76
CA VAL A 31 11.60 -4.90 -0.66
C VAL A 31 11.12 -6.06 0.20
N ILE A 32 10.91 -7.22 -0.44
CA ILE A 32 10.45 -8.40 0.27
C ILE A 32 11.48 -8.85 1.31
N GLY A 33 11.01 -9.10 2.52
CA GLY A 33 11.90 -9.53 3.58
C GLY A 33 12.10 -8.47 4.64
N LYS A 34 11.96 -7.21 4.25
CA LYS A 34 12.12 -6.10 5.17
C LYS A 34 10.79 -5.40 5.44
N ASN A 35 10.80 -4.43 6.34
CA ASN A 35 9.59 -3.70 6.70
C ASN A 35 9.24 -2.69 5.61
N PHE A 36 7.97 -2.65 5.23
CA PHE A 36 7.50 -1.74 4.20
C PHE A 36 7.22 -0.36 4.78
N PHE A 37 7.08 -0.29 6.10
CA PHE A 37 6.82 0.97 6.78
C PHE A 37 8.11 1.56 7.34
N LYS A 38 9.13 0.72 7.49
CA LYS A 38 10.42 1.16 8.01
C LYS A 38 11.45 1.24 6.89
N ASP A 39 11.45 0.26 6.00
CA ASP A 39 12.39 0.22 4.89
C ASP A 39 11.79 0.89 3.66
N VAL A 40 10.82 0.23 3.05
CA VAL A 40 10.17 0.76 1.86
C VAL A 40 9.74 2.20 2.07
N ALA A 41 8.82 2.42 3.00
CA ALA A 41 8.33 3.76 3.30
C ALA A 41 8.51 4.10 4.77
N PRO A 42 9.71 4.62 5.12
CA PRO A 42 10.03 5.00 6.49
C PRO A 42 9.25 6.21 6.96
N GLY A 43 8.90 7.09 6.02
CA GLY A 43 8.14 8.28 6.36
C GLY A 43 6.69 7.98 6.69
N THR A 44 6.14 6.98 6.03
CA THR A 44 4.75 6.59 6.24
C THR A 44 4.52 6.14 7.68
N ASP A 45 5.61 5.83 8.38
CA ASP A 45 5.53 5.40 9.77
C ASP A 45 4.85 6.46 10.64
N SER A 46 3.56 6.29 10.87
CA SER A 46 2.81 7.24 11.69
C SER A 46 1.72 6.52 12.48
N PRO A 47 1.19 7.21 13.51
CA PRO A 47 0.13 6.65 14.37
C PRO A 47 -1.20 6.54 13.64
N GLU A 48 -1.40 7.37 12.63
CA GLU A 48 -2.63 7.36 11.86
C GLU A 48 -2.64 6.20 10.86
N PHE A 49 -1.46 5.86 10.35
CA PHE A 49 -1.33 4.78 9.39
C PHE A 49 -0.97 3.47 10.09
N TYR A 50 0.24 3.41 10.63
CA TYR A 50 0.71 2.22 11.32
C TYR A 50 -0.22 1.86 12.49
N GLY A 51 -0.57 2.86 13.28
CA GLY A 51 -1.45 2.63 14.41
C GLY A 51 -2.72 1.90 14.02
N LYS A 52 -3.35 2.33 12.92
CA LYS A 52 -4.57 1.72 12.43
C LYS A 52 -4.32 0.27 12.02
N PHE A 53 -3.20 0.04 11.34
CA PHE A 53 -2.85 -1.29 10.87
C PHE A 53 -2.79 -2.28 12.04
N LYS A 54 -2.12 -1.87 13.11
CA LYS A 54 -1.98 -2.71 14.29
C LYS A 54 -3.35 -3.02 14.90
N GLU A 55 -4.18 -1.99 15.04
CA GLU A 55 -5.51 -2.16 15.60
C GLU A 55 -6.27 -3.27 14.87
N GLY A 56 -6.34 -3.17 13.55
CA GLY A 56 -7.03 -4.17 12.77
C GLY A 56 -6.44 -5.56 12.95
N VAL A 57 -5.12 -5.63 13.09
CA VAL A 57 -4.44 -6.91 13.27
C VAL A 57 -4.92 -7.61 14.54
N ALA A 58 -5.06 -6.84 15.62
CA ALA A 58 -5.51 -7.39 16.89
C ALA A 58 -6.96 -7.82 16.82
N SER A 59 -7.76 -7.08 16.07
CA SER A 59 -9.18 -7.38 15.92
C SER A 59 -9.38 -8.59 15.00
N GLY A 60 -8.52 -8.72 14.01
CA GLY A 60 -8.62 -9.83 13.08
C GLY A 60 -9.37 -9.46 11.82
N ASN A 61 -9.29 -8.19 11.42
CA ASN A 61 -9.97 -7.71 10.23
C ASN A 61 -9.71 -6.22 10.01
N LEU A 62 -8.60 -5.90 9.38
CA LEU A 62 -8.24 -4.51 9.10
C LEU A 62 -8.87 -4.03 7.80
N ASN A 63 -9.91 -3.23 7.92
CA ASN A 63 -10.61 -2.69 6.75
C ASN A 63 -10.53 -1.16 6.73
N THR A 64 -9.66 -0.64 5.87
CA THR A 64 -9.49 0.80 5.74
C THR A 64 -9.35 1.22 4.27
N MET A 65 -9.94 2.34 3.93
CA MET A 65 -9.89 2.85 2.57
C MET A 65 -9.76 4.37 2.56
N PHE A 66 -8.60 4.86 2.14
CA PHE A 66 -8.35 6.30 2.09
C PHE A 66 -7.33 6.64 1.01
N GLU A 67 -7.00 7.91 0.88
CA GLU A 67 -6.03 8.37 -0.11
C GLU A 67 -4.68 8.65 0.54
N TRP A 68 -3.63 8.56 -0.27
CA TRP A 68 -2.28 8.81 0.22
C TRP A 68 -1.41 9.46 -0.85
N MET A 69 -0.30 10.06 -0.44
CA MET A 69 0.61 10.71 -1.37
C MET A 69 1.95 9.98 -1.42
N ILE A 70 2.52 9.88 -2.62
CA ILE A 70 3.80 9.21 -2.80
C ILE A 70 4.76 10.07 -3.62
N PRO A 71 5.59 10.87 -2.92
CA PRO A 71 6.57 11.74 -3.57
C PRO A 71 7.70 10.96 -4.23
N THR A 72 7.90 11.19 -5.52
CA THR A 72 8.95 10.52 -6.26
C THR A 72 9.81 11.51 -7.04
N SER A 73 10.74 11.00 -7.83
CA SER A 73 11.62 11.84 -8.62
C SER A 73 10.83 12.69 -9.60
N ARG A 74 9.78 12.10 -10.17
CA ARG A 74 8.93 12.81 -11.12
C ARG A 74 8.02 13.81 -10.41
N GLY A 75 7.83 13.60 -9.11
CA GLY A 75 6.98 14.49 -8.33
C GLY A 75 5.98 13.74 -7.47
N PRO A 76 5.11 14.48 -6.79
CA PRO A 76 4.09 13.90 -5.91
C PRO A 76 3.01 13.15 -6.69
N THR A 77 2.80 11.89 -6.35
CA THR A 77 1.79 11.07 -7.02
C THR A 77 0.66 10.69 -6.07
N LYS A 78 -0.54 11.14 -6.39
CA LYS A 78 -1.71 10.85 -5.56
C LYS A 78 -2.30 9.48 -5.91
N VAL A 79 -2.35 8.60 -4.92
CA VAL A 79 -2.89 7.25 -5.13
C VAL A 79 -3.75 6.83 -3.94
N LYS A 80 -4.71 5.94 -4.21
CA LYS A 80 -5.60 5.44 -3.16
C LYS A 80 -4.99 4.24 -2.45
N VAL A 81 -4.97 4.29 -1.12
CA VAL A 81 -4.42 3.20 -0.33
C VAL A 81 -5.52 2.46 0.43
N HIS A 82 -5.74 1.20 0.05
CA HIS A 82 -6.76 0.38 0.70
C HIS A 82 -6.14 -0.87 1.32
N MET A 83 -6.32 -1.02 2.63
CA MET A 83 -5.78 -2.17 3.35
C MET A 83 -6.90 -3.12 3.79
N LYS A 84 -6.84 -4.36 3.33
CA LYS A 84 -7.85 -5.35 3.68
C LYS A 84 -7.20 -6.65 4.15
N LYS A 85 -7.67 -7.18 5.27
CA LYS A 85 -7.14 -8.42 5.83
C LYS A 85 -7.13 -9.52 4.77
N ALA A 86 -6.13 -10.39 4.85
CA ALA A 86 -6.01 -11.50 3.90
C ALA A 86 -7.14 -12.50 4.08
N LEU A 87 -7.21 -13.47 3.19
CA LEU A 87 -8.25 -14.50 3.26
C LEU A 87 -7.88 -15.59 4.25
N SER A 88 -6.59 -15.89 4.34
CA SER A 88 -6.10 -16.91 5.25
C SER A 88 -6.29 -16.49 6.70
N GLY A 89 -6.36 -15.19 6.92
CA GLY A 89 -6.54 -14.67 8.27
C GLY A 89 -5.23 -14.34 8.94
N ASP A 90 -4.13 -14.92 8.44
CA ASP A 90 -2.82 -14.68 9.00
C ASP A 90 -1.97 -13.85 8.06
N SER A 91 -2.61 -12.91 7.36
CA SER A 91 -1.91 -12.05 6.41
C SER A 91 -2.75 -10.82 6.08
N TYR A 92 -2.17 -9.90 5.31
CA TYR A 92 -2.87 -8.69 4.91
C TYR A 92 -2.41 -8.23 3.53
N TRP A 93 -3.37 -7.77 2.73
CA TRP A 93 -3.08 -7.30 1.39
C TRP A 93 -3.41 -5.82 1.23
N VAL A 94 -2.51 -5.06 0.63
CA VAL A 94 -2.72 -3.64 0.43
C VAL A 94 -2.93 -3.31 -1.05
N PHE A 95 -4.16 -2.94 -1.39
CA PHE A 95 -4.50 -2.60 -2.77
C PHE A 95 -4.30 -1.11 -3.03
N VAL A 96 -3.32 -0.79 -3.87
CA VAL A 96 -3.04 0.60 -4.20
C VAL A 96 -3.36 0.89 -5.67
N LYS A 97 -4.12 1.96 -5.90
CA LYS A 97 -4.49 2.34 -7.26
C LYS A 97 -4.31 3.85 -7.46
N ARG A 98 -3.70 4.22 -8.58
CA ARG A 98 -3.47 5.63 -8.89
C ARG A 98 -4.76 6.30 -9.33
N VAL A 99 -5.22 7.27 -8.55
CA VAL A 99 -6.44 8.00 -8.86
C VAL A 99 -6.42 8.52 -10.29
N LYS A 100 -5.25 8.92 -10.75
CA LYS A 100 -5.08 9.44 -12.10
C LYS A 100 -4.61 8.35 -13.06
N LEU A 101 -5.16 8.34 -14.27
CA LEU A 101 -4.78 7.35 -15.27
C LEU A 101 -5.06 7.87 -16.68
N ALA A 102 -4.74 7.06 -17.68
CA ALA A 102 -4.95 7.44 -19.08
C ALA A 102 -6.44 7.49 -19.40
N ALA A 103 -6.81 8.34 -20.34
CA ALA A 103 -8.20 8.48 -20.75
C ALA A 103 -8.79 7.14 -21.18
N ALA A 104 -9.86 6.72 -20.52
CA ALA A 104 -10.52 5.46 -20.82
C ALA A 104 -11.02 5.44 -22.26
N LEU A 105 -11.72 4.37 -22.63
CA LEU A 105 -12.27 4.24 -23.97
C LEU A 105 -13.63 3.56 -23.94
N GLU A 106 -14.31 3.55 -25.08
CA GLU A 106 -15.62 2.94 -25.20
C GLU A 106 -15.58 1.47 -24.76
N HIS A 107 -16.51 1.09 -23.89
CA HIS A 107 -16.57 -0.28 -23.39
C HIS A 107 -17.74 -1.03 -24.03
N HIS A 108 -17.73 -2.35 -23.89
CA HIS A 108 -18.79 -3.19 -24.45
C HIS A 108 -20.08 -3.03 -23.67
N HIS A 109 -21.17 -3.54 -24.22
CA HIS A 109 -22.48 -3.46 -23.57
C HIS A 109 -22.41 -4.03 -22.16
N HIS A 110 -22.91 -3.26 -21.19
CA HIS A 110 -22.90 -3.69 -19.80
C HIS A 110 -24.29 -4.17 -19.39
N HIS A 111 -24.43 -4.51 -18.11
CA HIS A 111 -25.71 -4.99 -17.58
C HIS A 111 -26.78 -3.91 -17.69
N HIS A 112 -28.03 -4.35 -17.82
CA HIS A 112 -29.15 -3.42 -17.94
C HIS A 112 -29.84 -3.21 -16.59
N1 O1F B . 6.58 8.51 1.00
C4 O1F B . 4.69 5.64 -0.14
C5 O1F B . 3.35 2.40 -1.66
C6 O1F B . 4.67 4.31 -0.87
C7 O1F B . 4.49 1.82 -2.21
C8 O1F B . 3.42 3.64 -0.99
C10 O1F B . 5.70 6.50 0.10
C1 O1F B . 1.02 3.69 -0.49
O3 O1F B . 2.30 4.21 -0.45
O1 O1F B . 4.39 0.64 -2.84
C9 O1F B . 5.73 2.46 -2.10
O4 O1F B . 6.82 1.85 -2.65
C2 O1F B . 8.10 2.33 -2.64
C3 O1F B . 5.81 3.70 -1.43
S2 O1F B . 7.44 6.36 -0.39
C12 O1F B . 7.72 7.93 0.41
S1 O1F B . 9.02 8.55 0.44
C11 O1F B . 5.49 7.76 0.85
O2 O1F B . 4.41 8.11 1.30
H8 O1F B . 6.59 9.42 1.50
H45 O1F B . 3.73 5.95 0.25
H21 O1F B . 2.41 1.88 -1.76
H332 O1F B . 0.34 4.40 0.03
H333 O1F B . 0.99 2.71 0.04
H331 O1F B . 0.68 3.59 -1.54
H231 O1F B . 8.76 1.61 -3.17
H232 O1F B . 8.47 2.44 -1.59
H233 O1F B . 8.16 3.31 -3.16
H32 O1F B . 6.76 4.15 -1.36
N MET A 1 -2.10 -1.58 -13.44
CA MET A 1 -2.94 -0.48 -12.96
C MET A 1 -2.96 -0.43 -11.44
N PHE A 2 -3.33 -1.54 -10.82
CA PHE A 2 -3.39 -1.63 -9.36
C PHE A 2 -2.32 -2.57 -8.83
N GLY A 3 -1.72 -2.21 -7.70
CA GLY A 3 -0.69 -3.03 -7.11
C GLY A 3 -1.19 -3.77 -5.87
N ALA A 4 -0.52 -4.87 -5.52
CA ALA A 4 -0.89 -5.66 -4.37
C ALA A 4 0.33 -5.98 -3.50
N ILE A 5 0.30 -5.56 -2.25
CA ILE A 5 1.39 -5.81 -1.32
C ILE A 5 0.96 -6.71 -0.18
N GLN A 6 1.52 -7.91 -0.13
CA GLN A 6 1.19 -8.87 0.92
C GLN A 6 2.11 -8.70 2.12
N LEU A 7 1.58 -8.13 3.20
CA LEU A 7 2.35 -7.91 4.42
C LEU A 7 1.88 -8.84 5.54
N ASP A 8 2.68 -8.93 6.59
CA ASP A 8 2.35 -9.78 7.73
C ASP A 8 1.91 -8.93 8.92
N GLY A 9 1.54 -9.60 10.01
CA GLY A 9 1.11 -8.91 11.21
C GLY A 9 2.21 -8.05 11.82
N ASP A 10 3.46 -8.46 11.60
CA ASP A 10 4.60 -7.73 12.14
C ASP A 10 4.86 -6.47 11.31
N GLY A 11 4.36 -6.45 10.09
CA GLY A 11 4.55 -5.30 9.23
C GLY A 11 5.69 -5.49 8.25
N ASN A 12 5.97 -6.74 7.90
CA ASN A 12 7.05 -7.06 6.97
C ASN A 12 6.49 -7.47 5.61
N ILE A 13 7.31 -7.31 4.58
CA ILE A 13 6.89 -7.66 3.22
C ILE A 13 6.99 -9.17 2.99
N LEU A 14 5.92 -9.75 2.47
CA LEU A 14 5.88 -11.18 2.19
C LEU A 14 5.79 -11.44 0.69
N GLN A 15 5.00 -10.63 0.00
CA GLN A 15 4.84 -10.78 -1.44
C GLN A 15 4.60 -9.43 -2.10
N TYR A 16 5.41 -9.12 -3.11
CA TYR A 16 5.29 -7.85 -3.82
C TYR A 16 4.89 -8.08 -5.28
N ASN A 17 4.25 -7.09 -5.88
CA ASN A 17 3.81 -7.18 -7.26
C ASN A 17 4.76 -6.42 -8.18
N ALA A 18 4.66 -6.71 -9.48
CA ALA A 18 5.52 -6.05 -10.47
C ALA A 18 5.00 -4.66 -10.81
N ALA A 19 3.67 -4.53 -10.88
CA ALA A 19 3.05 -3.25 -11.19
C ALA A 19 3.55 -2.16 -10.25
N GGL A 20 3.32 -2.35 -8.96
CA GGL A 20 3.75 -1.36 -7.98
C GGL A 20 5.26 -1.13 -8.09
O GGL A 20 5.75 0.00 -7.97
CB GGL A 20 3.37 -1.80 -6.56
CG GGL A 20 3.54 -0.66 -5.57
CD GGL A 20 2.30 0.23 -5.54
OE1 GGL A 20 1.41 0.09 -6.39
OE2 GGL A 20 2.26 1.10 -4.57
H GGL A 20 2.85 -3.14 -8.58
HA GGL A 20 3.21 -0.45 -8.22
HB2 GGL A 20 2.33 -2.15 -6.56
HB3 GGL A 20 3.98 -2.65 -6.26
HG2 GGL A 20 3.72 -1.06 -4.57
HG3 GGL A 20 4.41 -0.06 -5.83
HE2 GGL A 20 2.71 0.72 -3.76
N GLY A 21 5.98 -2.21 -8.32
CA GLY A 21 7.43 -2.13 -8.44
C GLY A 21 7.86 -1.22 -9.57
N ASP A 22 7.08 -1.20 -10.64
CA ASP A 22 7.38 -0.36 -11.80
C ASP A 22 7.00 1.09 -11.53
N ILE A 23 5.90 1.29 -10.84
CA ILE A 23 5.42 2.63 -10.51
C ILE A 23 6.31 3.29 -9.46
N THR A 24 6.78 2.48 -8.52
CA THR A 24 7.65 2.98 -7.45
C THR A 24 9.09 3.10 -7.92
N GLY A 25 9.56 2.09 -8.65
CA GLY A 25 10.92 2.09 -9.14
C GLY A 25 11.84 1.21 -8.32
N ARG A 26 11.27 0.19 -7.70
CA ARG A 26 12.05 -0.72 -6.87
C ARG A 26 11.71 -2.18 -7.18
N ASP A 27 12.67 -3.07 -6.99
CA ASP A 27 12.46 -4.49 -7.24
C ASP A 27 11.64 -5.13 -6.13
N PRO A 28 10.97 -6.26 -6.46
CA PRO A 28 10.13 -6.99 -5.51
C PRO A 28 10.95 -7.66 -4.42
N LYS A 29 11.98 -8.41 -4.83
CA LYS A 29 12.84 -9.11 -3.89
C LYS A 29 13.67 -8.12 -3.07
N GLN A 30 14.00 -6.99 -3.67
CA GLN A 30 14.78 -5.96 -3.00
C GLN A 30 14.03 -5.42 -1.78
N VAL A 31 12.71 -5.38 -1.88
CA VAL A 31 11.88 -4.88 -0.78
C VAL A 31 11.36 -6.02 0.07
N ILE A 32 11.11 -7.16 -0.55
CA ILE A 32 10.62 -8.33 0.17
C ILE A 32 11.64 -8.82 1.19
N GLY A 33 11.17 -9.07 2.41
CA GLY A 33 12.06 -9.54 3.46
C GLY A 33 12.29 -8.50 4.54
N LYS A 34 12.16 -7.22 4.16
CA LYS A 34 12.36 -6.12 5.09
C LYS A 34 11.05 -5.41 5.37
N ASN A 35 11.09 -4.42 6.26
CA ASN A 35 9.91 -3.65 6.62
C ASN A 35 9.58 -2.63 5.54
N PHE A 36 8.33 -2.63 5.09
CA PHE A 36 7.89 -1.70 4.06
C PHE A 36 7.55 -0.34 4.67
N PHE A 37 7.33 -0.32 5.98
CA PHE A 37 6.99 0.92 6.68
C PHE A 37 8.24 1.58 7.24
N LYS A 38 9.33 0.81 7.35
CA LYS A 38 10.59 1.33 7.87
C LYS A 38 11.62 1.45 6.76
N ASP A 39 11.80 0.37 6.00
CA ASP A 39 12.75 0.36 4.90
C ASP A 39 12.17 1.02 3.66
N VAL A 40 11.22 0.35 3.03
CA VAL A 40 10.58 0.87 1.82
C VAL A 40 10.12 2.31 2.04
N ALA A 41 9.17 2.50 2.93
CA ALA A 41 8.64 3.82 3.23
C ALA A 41 8.72 4.13 4.72
N PRO A 42 9.84 4.74 5.14
CA PRO A 42 10.07 5.10 6.54
C PRO A 42 9.16 6.23 7.01
N GLY A 43 8.79 7.12 6.08
CA GLY A 43 7.93 8.23 6.41
C GLY A 43 6.52 7.79 6.73
N THR A 44 6.03 6.79 6.01
CA THR A 44 4.69 6.27 6.21
C THR A 44 4.48 5.85 7.66
N ASP A 45 5.57 5.53 8.34
CA ASP A 45 5.50 5.11 9.74
C ASP A 45 4.87 6.19 10.60
N SER A 46 3.57 6.04 10.86
CA SER A 46 2.84 7.01 11.68
C SER A 46 1.71 6.33 12.45
N PRO A 47 1.20 7.02 13.48
CA PRO A 47 0.11 6.51 14.32
C PRO A 47 -1.21 6.45 13.57
N GLU A 48 -1.36 7.33 12.58
CA GLU A 48 -2.58 7.38 11.79
C GLU A 48 -2.65 6.23 10.80
N PHE A 49 -1.48 5.83 10.29
CA PHE A 49 -1.40 4.74 9.32
C PHE A 49 -1.06 3.43 10.02
N TYR A 50 0.16 3.33 10.52
CA TYR A 50 0.62 2.12 11.20
C TYR A 50 -0.30 1.78 12.37
N GLY A 51 -0.64 2.80 13.17
CA GLY A 51 -1.51 2.58 14.31
C GLY A 51 -2.79 1.87 13.93
N LYS A 52 -3.41 2.30 12.84
CA LYS A 52 -4.65 1.69 12.37
C LYS A 52 -4.42 0.25 11.94
N PHE A 53 -3.32 0.01 11.25
CA PHE A 53 -2.98 -1.33 10.78
C PHE A 53 -2.93 -2.32 11.95
N LYS A 54 -2.25 -1.92 13.01
CA LYS A 54 -2.12 -2.76 14.20
C LYS A 54 -3.49 -3.05 14.82
N GLU A 55 -4.29 -2.00 14.97
CA GLU A 55 -5.62 -2.14 15.55
C GLU A 55 -6.41 -3.24 14.83
N GLY A 56 -6.47 -3.16 13.51
CA GLY A 56 -7.19 -4.16 12.74
C GLY A 56 -6.64 -5.55 12.92
N VAL A 57 -5.31 -5.65 13.02
CA VAL A 57 -4.65 -6.93 13.20
C VAL A 57 -5.12 -7.62 14.47
N ALA A 58 -5.25 -6.84 15.53
CA ALA A 58 -5.69 -7.37 16.83
C ALA A 58 -7.15 -7.81 16.76
N SER A 59 -7.98 -7.00 16.12
CA SER A 59 -9.40 -7.31 15.99
C SER A 59 -9.62 -8.53 15.11
N GLY A 60 -8.77 -8.67 14.09
CA GLY A 60 -8.88 -9.80 13.18
C GLY A 60 -9.61 -9.43 11.90
N ASN A 61 -9.49 -8.17 11.49
CA ASN A 61 -10.14 -7.69 10.28
C ASN A 61 -9.85 -6.21 10.04
N LEU A 62 -8.71 -5.93 9.42
CA LEU A 62 -8.31 -4.55 9.14
C LEU A 62 -8.93 -4.07 7.83
N ASN A 63 -9.96 -3.23 7.94
CA ASN A 63 -10.64 -2.70 6.77
C ASN A 63 -10.52 -1.18 6.72
N THR A 64 -9.64 -0.68 5.86
CA THR A 64 -9.44 0.76 5.73
C THR A 64 -9.29 1.15 4.27
N MET A 65 -9.84 2.31 3.91
CA MET A 65 -9.78 2.80 2.54
C MET A 65 -9.58 4.32 2.52
N PHE A 66 -8.39 4.74 2.09
CA PHE A 66 -8.06 6.16 2.03
C PHE A 66 -6.95 6.41 1.01
N GLU A 67 -6.75 7.68 0.66
CA GLU A 67 -5.73 8.06 -0.30
C GLU A 67 -4.40 8.35 0.41
N TRP A 68 -3.30 8.26 -0.34
CA TRP A 68 -1.98 8.52 0.21
C TRP A 68 -1.09 9.23 -0.80
N MET A 69 -0.12 9.98 -0.31
CA MET A 69 0.80 10.71 -1.18
C MET A 69 2.13 9.97 -1.29
N ILE A 70 2.67 9.93 -2.51
CA ILE A 70 3.94 9.26 -2.76
C ILE A 70 4.93 10.18 -3.46
N PRO A 71 5.77 10.86 -2.67
CA PRO A 71 6.78 11.79 -3.20
C PRO A 71 7.90 11.07 -3.93
N THR A 72 8.08 11.42 -5.21
CA THR A 72 9.12 10.80 -6.03
C THR A 72 9.82 11.84 -6.90
N SER A 73 10.66 11.36 -7.81
CA SER A 73 11.38 12.25 -8.72
C SER A 73 10.42 13.16 -9.49
N ARG A 74 9.23 12.63 -9.77
CA ARG A 74 8.22 13.39 -10.50
C ARG A 74 7.27 14.11 -9.54
N GLY A 75 7.75 14.35 -8.33
CA GLY A 75 6.93 15.01 -7.33
C GLY A 75 5.96 14.07 -6.64
N PRO A 76 5.06 14.64 -5.83
CA PRO A 76 4.06 13.86 -5.09
C PRO A 76 3.00 13.26 -6.00
N THR A 77 2.69 11.98 -5.77
CA THR A 77 1.69 11.29 -6.58
C THR A 77 0.55 10.76 -5.72
N LYS A 78 -0.65 11.26 -5.95
CA LYS A 78 -1.82 10.83 -5.20
C LYS A 78 -2.31 9.46 -5.67
N VAL A 79 -2.46 8.53 -4.73
CA VAL A 79 -2.92 7.19 -5.05
C VAL A 79 -3.88 6.68 -3.99
N LYS A 80 -4.76 5.77 -4.39
CA LYS A 80 -5.73 5.19 -3.47
C LYS A 80 -5.14 3.98 -2.75
N VAL A 81 -4.98 4.09 -1.43
CA VAL A 81 -4.43 3.01 -0.63
C VAL A 81 -5.52 2.33 0.20
N HIS A 82 -5.76 1.06 -0.10
CA HIS A 82 -6.78 0.29 0.61
C HIS A 82 -6.18 -0.97 1.24
N MET A 83 -6.31 -1.08 2.56
CA MET A 83 -5.78 -2.23 3.28
C MET A 83 -6.90 -3.16 3.72
N LYS A 84 -6.78 -4.44 3.37
CA LYS A 84 -7.79 -5.43 3.73
C LYS A 84 -7.13 -6.72 4.23
N LYS A 85 -7.61 -7.22 5.36
CA LYS A 85 -7.07 -8.45 5.94
C LYS A 85 -7.48 -9.67 5.11
N ALA A 86 -6.58 -10.65 5.04
CA ALA A 86 -6.85 -11.87 4.29
C ALA A 86 -8.06 -12.61 4.85
N LEU A 87 -8.47 -13.67 4.16
CA LEU A 87 -9.61 -14.46 4.59
C LEU A 87 -9.20 -15.48 5.65
N SER A 88 -8.03 -16.06 5.48
CA SER A 88 -7.51 -17.05 6.42
C SER A 88 -7.19 -16.40 7.76
N GLY A 89 -6.92 -15.10 7.73
CA GLY A 89 -6.60 -14.39 8.95
C GLY A 89 -5.13 -14.50 9.32
N ASP A 90 -4.29 -14.73 8.32
CA ASP A 90 -2.85 -14.86 8.54
C ASP A 90 -2.06 -14.11 7.46
N SER A 91 -2.60 -12.99 7.02
CA SER A 91 -1.96 -12.18 5.99
C SER A 91 -2.77 -10.94 5.67
N TYR A 92 -2.11 -9.92 5.14
CA TYR A 92 -2.78 -8.67 4.79
C TYR A 92 -2.36 -8.19 3.40
N TRP A 93 -3.32 -7.70 2.63
CA TRP A 93 -3.04 -7.22 1.29
C TRP A 93 -3.34 -5.72 1.18
N VAL A 94 -2.45 -4.99 0.50
CA VAL A 94 -2.62 -3.55 0.32
C VAL A 94 -2.81 -3.20 -1.14
N PHE A 95 -3.99 -2.70 -1.48
CA PHE A 95 -4.30 -2.32 -2.85
C PHE A 95 -3.96 -0.85 -3.11
N VAL A 96 -2.95 -0.61 -3.93
CA VAL A 96 -2.53 0.75 -4.25
C VAL A 96 -2.70 1.03 -5.74
N LYS A 97 -3.65 1.89 -6.07
CA LYS A 97 -3.91 2.26 -7.45
C LYS A 97 -3.81 3.76 -7.65
N ARG A 98 -3.53 4.18 -8.88
CA ARG A 98 -3.40 5.60 -9.20
C ARG A 98 -4.77 6.24 -9.38
N VAL A 99 -5.02 7.34 -8.66
CA VAL A 99 -6.29 8.04 -8.75
C VAL A 99 -6.33 8.95 -9.96
N LYS A 100 -6.13 8.37 -11.14
CA LYS A 100 -6.15 9.13 -12.38
C LYS A 100 -7.59 9.37 -12.85
N LEU A 101 -7.74 10.31 -13.79
CA LEU A 101 -9.06 10.64 -14.32
C LEU A 101 -9.26 10.02 -15.70
N ALA A 102 -8.78 8.79 -15.87
CA ALA A 102 -8.90 8.09 -17.15
C ALA A 102 -10.23 7.36 -17.24
N ALA A 103 -10.71 6.87 -16.10
CA ALA A 103 -11.97 6.13 -16.05
C ALA A 103 -12.84 6.61 -14.89
N ALA A 104 -14.11 6.84 -15.16
CA ALA A 104 -15.05 7.30 -14.15
C ALA A 104 -15.10 6.33 -12.97
N LEU A 105 -15.51 6.83 -11.81
CA LEU A 105 -15.61 6.01 -10.62
C LEU A 105 -16.98 6.13 -9.97
N GLU A 106 -17.57 5.00 -9.61
CA GLU A 106 -18.89 4.98 -8.98
C GLU A 106 -18.78 4.71 -7.49
N HIS A 107 -17.80 5.35 -6.85
CA HIS A 107 -17.59 5.18 -5.42
C HIS A 107 -17.98 6.45 -4.66
N HIS A 108 -18.59 6.26 -3.50
CA HIS A 108 -19.03 7.38 -2.68
C HIS A 108 -18.10 7.57 -1.47
N HIS A 109 -17.17 8.51 -1.59
CA HIS A 109 -16.22 8.78 -0.50
C HIS A 109 -16.14 10.27 -0.22
N HIS A 110 -16.09 10.63 1.06
CA HIS A 110 -16.00 12.03 1.46
C HIS A 110 -14.57 12.53 1.35
N HIS A 111 -14.42 13.81 0.98
CA HIS A 111 -13.10 14.42 0.86
C HIS A 111 -12.60 14.95 2.19
N HIS A 112 -11.43 14.50 2.61
CA HIS A 112 -10.85 14.93 3.87
C HIS A 112 -9.63 15.83 3.63
N1 O1F B . 6.88 8.35 0.91
C4 O1F B . 4.93 5.50 -0.24
C5 O1F B . 3.55 2.30 -1.79
C6 O1F B . 4.89 4.19 -0.99
C7 O1F B . 4.67 1.73 -2.37
C8 O1F B . 3.63 3.53 -1.10
C10 O1F B . 5.96 6.35 -0.01
C1 O1F B . 1.25 3.60 -0.55
O3 O1F B . 2.53 4.10 -0.53
O1 O1F B . 4.55 0.56 -3.01
C9 O1F B . 5.92 2.36 -2.28
O4 O1F B . 6.98 1.75 -2.86
C2 O1F B . 8.28 2.22 -2.86
C3 O1F B . 6.01 3.58 -1.58
S2 O1F B . 7.69 6.20 -0.54
C12 O1F B . 8.00 7.76 0.28
S1 O1F B . 9.30 8.38 0.30
C11 O1F B . 5.78 7.61 0.76
O2 O1F B . 4.71 7.95 1.24
H8 O1F B . 6.90 9.24 1.42
H45 O1F B . 3.98 5.82 0.18
H21 O1F B . 2.60 1.79 -1.88
H332 O1F B . 0.58 4.28 0.00
H333 O1F B . 1.22 2.60 -0.04
H331 O1F B . 0.88 3.50 -1.59
H231 O1F B . 8.92 1.50 -3.42
H232 O1F B . 8.66 2.31 -1.82
H233 O1F B . 8.34 3.20 -3.37
H32 O1F B . 6.98 4.02 -1.53
N MET A 1 -2.94 1.39 -13.77
CA MET A 1 -2.87 0.05 -13.20
C MET A 1 -2.96 0.10 -11.69
N PHE A 2 -3.07 -1.07 -11.06
CA PHE A 2 -3.16 -1.17 -9.61
C PHE A 2 -2.11 -2.11 -9.06
N GLY A 3 -1.63 -1.81 -7.85
CA GLY A 3 -0.62 -2.65 -7.23
C GLY A 3 -1.15 -3.41 -6.04
N ALA A 4 -0.36 -4.36 -5.54
CA ALA A 4 -0.77 -5.17 -4.39
C ALA A 4 0.44 -5.56 -3.55
N ILE A 5 0.37 -5.25 -2.26
CA ILE A 5 1.45 -5.57 -1.34
C ILE A 5 0.98 -6.51 -0.24
N GLN A 6 1.54 -7.72 -0.22
CA GLN A 6 1.18 -8.72 0.78
C GLN A 6 2.06 -8.59 2.02
N LEU A 7 1.48 -8.07 3.10
CA LEU A 7 2.23 -7.89 4.35
C LEU A 7 1.70 -8.83 5.43
N ASP A 8 2.45 -8.96 6.52
CA ASP A 8 2.07 -9.83 7.62
C ASP A 8 1.61 -9.01 8.82
N GLY A 9 1.20 -9.69 9.88
CA GLY A 9 0.75 -9.01 11.08
C GLY A 9 1.84 -8.19 11.73
N ASP A 10 3.09 -8.62 11.56
CA ASP A 10 4.24 -7.92 12.13
C ASP A 10 4.54 -6.65 11.34
N GLY A 11 4.07 -6.60 10.10
CA GLY A 11 4.32 -5.43 9.27
C GLY A 11 5.48 -5.63 8.32
N ASN A 12 5.74 -6.88 7.96
CA ASN A 12 6.84 -7.21 7.06
C ASN A 12 6.32 -7.56 5.66
N ILE A 13 7.17 -7.43 4.66
CA ILE A 13 6.80 -7.74 3.29
C ILE A 13 6.88 -9.24 3.02
N LEU A 14 5.75 -9.83 2.64
CA LEU A 14 5.70 -11.26 2.36
C LEU A 14 5.76 -11.52 0.85
N GLN A 15 5.01 -10.72 0.09
CA GLN A 15 4.98 -10.87 -1.36
C GLN A 15 4.64 -9.54 -2.03
N TYR A 16 5.50 -9.11 -2.95
CA TYR A 16 5.28 -7.86 -3.67
C TYR A 16 4.83 -8.11 -5.09
N ASN A 17 4.22 -7.10 -5.71
CA ASN A 17 3.73 -7.20 -7.07
C ASN A 17 4.69 -6.54 -8.05
N ALA A 18 4.54 -6.85 -9.33
CA ALA A 18 5.39 -6.26 -10.37
C ALA A 18 4.91 -4.86 -10.73
N ALA A 19 3.61 -4.69 -10.88
CA ALA A 19 3.04 -3.40 -11.23
C ALA A 19 3.53 -2.32 -10.28
N GGL A 20 3.25 -2.48 -9.00
CA GGL A 20 3.67 -1.50 -8.01
C GGL A 20 5.18 -1.31 -8.06
O GGL A 20 5.71 -0.20 -7.94
CB GGL A 20 3.22 -1.92 -6.61
CG GGL A 20 3.39 -0.76 -5.61
CD GGL A 20 2.21 0.20 -5.68
OE1 GGL A 20 1.31 0.02 -6.52
OE2 GGL A 20 2.24 1.17 -4.82
H GGL A 20 2.73 -3.25 -8.63
HA GGL A 20 3.16 -0.57 -8.29
HB2 GGL A 20 2.17 -2.23 -6.63
HB3 GGL A 20 3.80 -2.78 -6.28
HG2 GGL A 20 3.48 -1.16 -4.60
HG3 GGL A 20 4.32 -0.23 -5.83
HE2 GGL A 20 2.72 0.87 -4.00
N GLY A 21 5.89 -2.42 -8.26
CA GLY A 21 7.33 -2.38 -8.33
C GLY A 21 7.83 -1.42 -9.39
N ASP A 22 7.08 -1.30 -10.49
CA ASP A 22 7.45 -0.41 -11.58
C ASP A 22 7.02 1.02 -11.29
N ILE A 23 5.85 1.16 -10.67
CA ILE A 23 5.32 2.49 -10.33
C ILE A 23 6.17 3.15 -9.25
N THR A 24 6.67 2.35 -8.32
CA THR A 24 7.50 2.86 -7.23
C THR A 24 8.96 2.97 -7.65
N GLY A 25 9.44 1.96 -8.37
CA GLY A 25 10.82 1.96 -8.82
C GLY A 25 11.72 1.10 -7.96
N ARG A 26 11.14 0.07 -7.35
CA ARG A 26 11.89 -0.84 -6.50
C ARG A 26 11.53 -2.30 -6.81
N ASP A 27 12.54 -3.18 -6.75
CA ASP A 27 12.33 -4.59 -7.02
C ASP A 27 11.51 -5.25 -5.91
N PRO A 28 10.86 -6.37 -6.25
CA PRO A 28 10.03 -7.11 -5.29
C PRO A 28 10.87 -7.80 -4.22
N LYS A 29 11.89 -8.55 -4.66
CA LYS A 29 12.76 -9.26 -3.73
C LYS A 29 13.60 -8.29 -2.92
N GLN A 30 13.93 -7.14 -3.52
CA GLN A 30 14.74 -6.12 -2.85
C GLN A 30 14.00 -5.57 -1.63
N VAL A 31 12.68 -5.51 -1.72
CA VAL A 31 11.86 -5.01 -0.61
C VAL A 31 11.36 -6.15 0.27
N ILE A 32 11.10 -7.29 -0.36
CA ILE A 32 10.60 -8.46 0.37
C ILE A 32 11.61 -8.90 1.43
N GLY A 33 11.13 -9.16 2.64
CA GLY A 33 11.99 -9.60 3.72
C GLY A 33 12.18 -8.53 4.78
N LYS A 34 12.03 -7.26 4.38
CA LYS A 34 12.19 -6.15 5.31
C LYS A 34 10.86 -5.46 5.54
N ASN A 35 10.86 -4.47 6.44
CA ASN A 35 9.65 -3.72 6.76
C ASN A 35 9.34 -2.68 5.67
N PHE A 36 8.12 -2.71 5.16
CA PHE A 36 7.70 -1.77 4.12
C PHE A 36 7.31 -0.42 4.72
N PHE A 37 7.04 -0.42 6.02
CA PHE A 37 6.65 0.80 6.73
C PHE A 37 7.86 1.48 7.34
N LYS A 38 8.95 0.73 7.48
CA LYS A 38 10.18 1.27 8.06
C LYS A 38 11.26 1.41 6.99
N ASP A 39 11.49 0.33 6.24
CA ASP A 39 12.51 0.34 5.19
C ASP A 39 11.97 1.01 3.93
N VAL A 40 11.04 0.33 3.26
CA VAL A 40 10.45 0.85 2.03
C VAL A 40 9.96 2.29 2.23
N ALA A 41 8.96 2.45 3.10
CA ALA A 41 8.41 3.77 3.38
C ALA A 41 8.63 4.15 4.84
N PRO A 42 9.80 4.74 5.13
CA PRO A 42 10.16 5.16 6.48
C PRO A 42 9.34 6.36 6.95
N GLY A 43 8.86 7.15 5.99
CA GLY A 43 8.06 8.31 6.33
C GLY A 43 6.62 7.97 6.66
N THR A 44 6.10 6.96 5.97
CA THR A 44 4.72 6.52 6.20
C THR A 44 4.51 6.05 7.63
N ASP A 45 5.61 5.74 8.31
CA ASP A 45 5.56 5.27 9.68
C ASP A 45 4.90 6.31 10.59
N SER A 46 3.61 6.15 10.84
CA SER A 46 2.86 7.07 11.68
C SER A 46 1.74 6.35 12.43
N PRO A 47 1.22 6.99 13.48
CA PRO A 47 0.14 6.43 14.29
C PRO A 47 -1.18 6.39 13.55
N GLU A 48 -1.34 7.30 12.60
CA GLU A 48 -2.57 7.36 11.80
C GLU A 48 -2.65 6.22 10.81
N PHE A 49 -1.49 5.83 10.29
CA PHE A 49 -1.41 4.73 9.33
C PHE A 49 -1.04 3.42 10.00
N TYR A 50 0.19 3.33 10.48
CA TYR A 50 0.67 2.13 11.15
C TYR A 50 -0.22 1.77 12.33
N GLY A 51 -0.53 2.76 13.15
CA GLY A 51 -1.38 2.54 14.31
C GLY A 51 -2.67 1.84 13.95
N LYS A 52 -3.28 2.24 12.84
CA LYS A 52 -4.52 1.65 12.39
C LYS A 52 -4.31 0.20 11.95
N PHE A 53 -3.19 -0.05 11.26
CA PHE A 53 -2.87 -1.38 10.78
C PHE A 53 -2.78 -2.37 11.95
N LYS A 54 -2.02 -2.00 12.97
CA LYS A 54 -1.86 -2.84 14.15
C LYS A 54 -3.19 -3.12 14.81
N GLU A 55 -3.98 -2.07 15.00
CA GLU A 55 -5.30 -2.20 15.63
C GLU A 55 -6.12 -3.29 14.95
N GLY A 56 -6.28 -3.18 13.64
CA GLY A 56 -7.05 -4.17 12.91
C GLY A 56 -6.50 -5.57 13.05
N VAL A 57 -5.17 -5.68 13.11
CA VAL A 57 -4.52 -6.98 13.25
C VAL A 57 -4.93 -7.64 14.56
N ALA A 58 -5.01 -6.86 15.62
CA ALA A 58 -5.40 -7.39 16.93
C ALA A 58 -6.86 -7.81 16.94
N SER A 59 -7.70 -7.02 16.26
CA SER A 59 -9.13 -7.31 16.20
C SER A 59 -9.40 -8.52 15.30
N GLY A 60 -8.60 -8.66 14.25
CA GLY A 60 -8.77 -9.77 13.33
C GLY A 60 -9.57 -9.38 12.10
N ASN A 61 -9.45 -8.13 11.70
CA ASN A 61 -10.16 -7.63 10.53
C ASN A 61 -9.86 -6.17 10.27
N LEU A 62 -8.77 -5.90 9.56
CA LEU A 62 -8.35 -4.53 9.25
C LEU A 62 -8.99 -4.06 7.95
N ASN A 63 -10.00 -3.21 8.05
CA ASN A 63 -10.68 -2.67 6.89
C ASN A 63 -10.54 -1.16 6.80
N THR A 64 -9.66 -0.69 5.92
CA THR A 64 -9.42 0.73 5.75
C THR A 64 -9.30 1.10 4.28
N MET A 65 -9.89 2.22 3.90
CA MET A 65 -9.84 2.68 2.51
C MET A 65 -9.72 4.20 2.45
N PHE A 66 -8.55 4.67 2.02
CA PHE A 66 -8.30 6.10 1.92
C PHE A 66 -7.26 6.40 0.84
N GLU A 67 -6.87 7.67 0.73
CA GLU A 67 -5.88 8.08 -0.26
C GLU A 67 -4.58 8.47 0.41
N TRP A 68 -3.47 8.24 -0.28
CA TRP A 68 -2.15 8.56 0.24
C TRP A 68 -1.28 9.24 -0.82
N MET A 69 -0.30 10.01 -0.37
CA MET A 69 0.59 10.72 -1.28
C MET A 69 1.92 9.99 -1.42
N ILE A 70 2.48 10.00 -2.61
CA ILE A 70 3.76 9.35 -2.87
C ILE A 70 4.70 10.25 -3.65
N PRO A 71 5.56 10.99 -2.91
CA PRO A 71 6.52 11.91 -3.50
C PRO A 71 7.64 11.18 -4.24
N THR A 72 7.76 11.44 -5.54
CA THR A 72 8.79 10.81 -6.35
C THR A 72 9.70 11.86 -6.99
N SER A 73 10.75 11.39 -7.66
CA SER A 73 11.69 12.28 -8.32
C SER A 73 11.01 13.06 -9.44
N ARG A 74 9.98 12.47 -10.02
CA ARG A 74 9.24 13.11 -11.11
C ARG A 74 8.05 13.90 -10.56
N GLY A 75 8.13 14.29 -9.29
CA GLY A 75 7.07 15.05 -8.68
C GLY A 75 6.17 14.18 -7.81
N PRO A 76 5.25 14.83 -7.07
CA PRO A 76 4.32 14.12 -6.19
C PRO A 76 3.28 13.31 -6.96
N THR A 77 2.91 12.15 -6.41
CA THR A 77 1.93 11.29 -7.05
C THR A 77 0.90 10.80 -6.04
N LYS A 78 -0.34 11.26 -6.19
CA LYS A 78 -1.42 10.87 -5.29
C LYS A 78 -2.04 9.55 -5.73
N VAL A 79 -2.19 8.62 -4.78
CA VAL A 79 -2.76 7.32 -5.07
C VAL A 79 -3.76 6.91 -4.00
N LYS A 80 -4.56 5.88 -4.30
CA LYS A 80 -5.55 5.39 -3.36
C LYS A 80 -5.07 4.11 -2.68
N VAL A 81 -4.89 4.18 -1.36
CA VAL A 81 -4.44 3.03 -0.59
C VAL A 81 -5.61 2.32 0.08
N HIS A 82 -5.56 0.99 0.10
CA HIS A 82 -6.61 0.19 0.71
C HIS A 82 -6.04 -1.06 1.36
N MET A 83 -6.27 -1.21 2.65
CA MET A 83 -5.78 -2.37 3.39
C MET A 83 -6.93 -3.25 3.87
N LYS A 84 -6.94 -4.50 3.42
CA LYS A 84 -7.98 -5.45 3.81
C LYS A 84 -7.38 -6.78 4.23
N LYS A 85 -7.85 -7.30 5.37
CA LYS A 85 -7.36 -8.58 5.88
C LYS A 85 -7.48 -9.66 4.82
N ALA A 86 -6.56 -10.62 4.87
CA ALA A 86 -6.57 -11.74 3.91
C ALA A 86 -7.58 -12.80 4.32
N LEU A 87 -7.69 -13.84 3.51
CA LEU A 87 -8.62 -14.94 3.78
C LEU A 87 -8.03 -15.92 4.78
N SER A 88 -6.72 -16.13 4.70
CA SER A 88 -6.03 -17.04 5.60
C SER A 88 -6.04 -16.51 7.02
N GLY A 89 -6.17 -15.19 7.17
CA GLY A 89 -6.19 -14.58 8.47
C GLY A 89 -4.81 -14.17 8.95
N ASP A 90 -3.78 -14.75 8.35
CA ASP A 90 -2.40 -14.44 8.71
C ASP A 90 -1.71 -13.68 7.59
N SER A 91 -2.46 -12.81 6.90
CA SER A 91 -1.92 -12.02 5.81
C SER A 91 -2.79 -10.81 5.53
N TYR A 92 -2.24 -9.82 4.85
CA TYR A 92 -2.96 -8.60 4.52
C TYR A 92 -2.66 -8.16 3.08
N TRP A 93 -3.69 -7.71 2.39
CA TRP A 93 -3.55 -7.26 1.01
C TRP A 93 -3.70 -5.74 0.91
N VAL A 94 -2.66 -5.06 0.45
CA VAL A 94 -2.68 -3.61 0.31
C VAL A 94 -2.77 -3.21 -1.16
N PHE A 95 -3.95 -2.73 -1.56
CA PHE A 95 -4.18 -2.31 -2.95
C PHE A 95 -3.86 -0.82 -3.11
N VAL A 96 -2.99 -0.52 -4.06
CA VAL A 96 -2.61 0.87 -4.32
C VAL A 96 -2.77 1.22 -5.79
N LYS A 97 -3.76 2.07 -6.08
CA LYS A 97 -4.03 2.48 -7.45
C LYS A 97 -4.04 4.00 -7.57
N ARG A 98 -3.35 4.52 -8.58
CA ARG A 98 -3.28 5.96 -8.80
C ARG A 98 -4.66 6.54 -9.10
N VAL A 99 -5.12 7.42 -8.22
CA VAL A 99 -6.43 8.05 -8.39
C VAL A 99 -6.51 8.80 -9.72
N LYS A 100 -7.73 9.04 -10.19
CA LYS A 100 -7.95 9.75 -11.44
C LYS A 100 -7.32 11.13 -11.40
N LEU A 101 -6.61 11.49 -12.45
CA LEU A 101 -5.95 12.80 -12.53
C LEU A 101 -5.42 13.05 -13.95
N ALA A 102 -5.48 14.31 -14.38
CA ALA A 102 -5.01 14.68 -15.70
C ALA A 102 -3.87 15.69 -15.61
N ALA A 103 -2.91 15.59 -16.52
CA ALA A 103 -1.76 16.49 -16.55
C ALA A 103 -2.02 17.67 -17.47
N ALA A 104 -1.82 18.88 -16.94
CA ALA A 104 -2.01 20.09 -17.72
C ALA A 104 -0.76 20.97 -17.73
N LEU A 105 -0.09 21.03 -16.58
CA LEU A 105 1.13 21.83 -16.45
C LEU A 105 2.20 21.07 -15.69
N GLU A 106 3.45 21.42 -15.92
CA GLU A 106 4.58 20.76 -15.25
C GLU A 106 5.48 21.80 -14.58
N HIS A 107 4.89 22.74 -13.86
CA HIS A 107 5.63 23.78 -13.18
C HIS A 107 5.61 23.57 -11.67
N HIS A 108 6.63 22.92 -11.15
CA HIS A 108 6.72 22.65 -9.72
C HIS A 108 7.04 23.93 -8.95
N HIS A 109 6.00 24.68 -8.59
CA HIS A 109 6.17 25.92 -7.86
C HIS A 109 6.86 25.67 -6.51
N HIS A 110 6.48 24.58 -5.86
CA HIS A 110 7.07 24.23 -4.57
C HIS A 110 8.49 23.69 -4.75
N HIS A 111 9.41 24.21 -3.95
CA HIS A 111 10.81 23.77 -4.02
C HIS A 111 10.92 22.27 -3.81
N HIS A 112 11.92 21.66 -4.45
CA HIS A 112 12.14 20.23 -4.33
C HIS A 112 12.36 19.82 -2.88
N1 O1F B . 6.68 8.52 0.72
C4 O1F B . 4.70 5.64 -0.30
C5 O1F B . 3.28 2.39 -1.68
C6 O1F B . 4.64 4.30 -0.96
C7 O1F B . 4.40 1.76 -2.20
C8 O1F B . 3.38 3.65 -1.05
C10 O1F B . 5.74 6.49 -0.08
C1 O1F B . 0.99 3.80 -0.56
O3 O1F B . 2.27 4.27 -0.55
O1 O1F B . 4.28 0.55 -2.78
C9 O1F B . 5.65 2.37 -2.11
O4 O1F B . 6.73 1.71 -2.63
C2 O1F B . 8.03 2.15 -2.64
C3 O1F B . 5.76 3.63 -1.50
S2 O1F B . 7.48 6.28 -0.57
C12 O1F B . 7.80 7.88 0.16
S1 O1F B . 9.11 8.47 0.17
C11 O1F B . 5.56 7.79 0.61
O2 O1F B . 4.49 8.19 1.04
H8 O1F B . 6.70 9.44 1.18
H45 O1F B . 3.75 6.01 0.09
H21 O1F B . 2.32 1.88 -1.76
H332 O1F B . 0.31 4.54 -0.08
H333 O1F B . 0.93 2.84 0.00
H331 O1F B . 0.64 3.65 -1.61
H231 O1F B . 8.68 1.39 -3.13
H232 O1F B . 8.40 2.30 -1.60
H233 O1F B . 8.12 3.10 -3.21
H32 O1F B . 6.74 4.07 -1.45
N MET A 1 -0.82 -0.66 -13.78
CA MET A 1 -1.29 -1.87 -13.12
C MET A 1 -1.60 -1.59 -11.65
N PHE A 2 -2.51 -2.38 -11.08
CA PHE A 2 -2.90 -2.22 -9.69
C PHE A 2 -1.78 -2.68 -8.76
N GLY A 3 -1.61 -1.97 -7.65
CA GLY A 3 -0.57 -2.33 -6.69
C GLY A 3 -1.07 -3.28 -5.63
N ALA A 4 -0.29 -4.33 -5.36
CA ALA A 4 -0.66 -5.32 -4.35
C ALA A 4 0.54 -5.72 -3.52
N ILE A 5 0.47 -5.47 -2.22
CA ILE A 5 1.56 -5.81 -1.30
C ILE A 5 1.06 -6.70 -0.17
N GLN A 6 1.54 -7.94 -0.14
CA GLN A 6 1.15 -8.89 0.90
C GLN A 6 2.07 -8.78 2.11
N LEU A 7 1.56 -8.20 3.18
CA LEU A 7 2.33 -8.04 4.41
C LEU A 7 1.82 -8.97 5.50
N ASP A 8 2.61 -9.11 6.57
CA ASP A 8 2.24 -9.97 7.69
C ASP A 8 1.83 -9.14 8.90
N GLY A 9 1.43 -9.81 9.97
CA GLY A 9 1.01 -9.12 11.17
C GLY A 9 2.14 -8.33 11.80
N ASP A 10 3.37 -8.78 11.59
CA ASP A 10 4.55 -8.11 12.14
C ASP A 10 4.85 -6.84 11.37
N GLY A 11 4.35 -6.75 10.15
CA GLY A 11 4.58 -5.58 9.32
C GLY A 11 5.72 -5.78 8.35
N ASN A 12 5.95 -7.02 7.96
CA ASN A 12 7.02 -7.34 7.02
C ASN A 12 6.46 -7.67 5.64
N ILE A 13 7.25 -7.46 4.61
CA ILE A 13 6.84 -7.74 3.24
C ILE A 13 6.95 -9.23 2.92
N LEU A 14 5.82 -9.85 2.63
CA LEU A 14 5.80 -11.28 2.30
C LEU A 14 5.87 -11.48 0.79
N GLN A 15 5.10 -10.68 0.05
CA GLN A 15 5.09 -10.79 -1.40
C GLN A 15 4.82 -9.42 -2.04
N TYR A 16 5.70 -9.01 -2.94
CA TYR A 16 5.56 -7.73 -3.62
C TYR A 16 5.15 -7.92 -5.07
N ASN A 17 4.19 -7.12 -5.52
CA ASN A 17 3.70 -7.21 -6.90
C ASN A 17 4.63 -6.45 -7.84
N ALA A 18 4.52 -6.75 -9.14
CA ALA A 18 5.34 -6.10 -10.14
C ALA A 18 4.86 -4.67 -10.40
N ALA A 19 3.55 -4.47 -10.35
CA ALA A 19 2.98 -3.15 -10.57
C ALA A 19 3.64 -2.10 -9.69
N GGL A 20 3.60 -2.32 -8.39
CA GGL A 20 4.19 -1.38 -7.45
C GGL A 20 5.66 -1.14 -7.81
O GGL A 20 6.18 -0.03 -7.73
CB GGL A 20 4.06 -1.88 -6.01
CG GGL A 20 2.59 -1.93 -5.58
CD GGL A 20 2.02 -0.52 -5.41
OE1 GGL A 20 1.56 0.09 -6.39
OE2 GGL A 20 2.06 -0.06 -4.21
H GGL A 20 3.16 -3.12 -7.97
HA GGL A 20 3.63 -0.46 -7.56
HB2 GGL A 20 4.50 -2.87 -5.92
HB3 GGL A 20 4.61 -1.23 -5.34
HG2 GGL A 20 2.01 -2.47 -6.33
HG3 GGL A 20 2.49 -2.48 -4.65
HE2 GGL A 20 2.98 0.29 -4.01
N GLY A 21 6.32 -2.22 -8.20
CA GLY A 21 7.72 -2.13 -8.57
C GLY A 21 7.99 -1.07 -9.61
N ASP A 22 7.02 -0.87 -10.51
CA ASP A 22 7.15 0.12 -11.57
C ASP A 22 6.73 1.51 -11.07
N ILE A 23 5.52 1.59 -10.53
CA ILE A 23 4.99 2.85 -10.02
C ILE A 23 5.96 3.47 -9.01
N THR A 24 6.63 2.63 -8.24
CA THR A 24 7.57 3.09 -7.23
C THR A 24 8.99 3.14 -7.80
N GLY A 25 9.37 2.08 -8.51
CA GLY A 25 10.69 2.01 -9.09
C GLY A 25 11.65 1.17 -8.27
N ARG A 26 11.10 0.20 -7.56
CA ARG A 26 11.92 -0.68 -6.72
C ARG A 26 11.63 -2.15 -7.04
N ASP A 27 12.63 -3.00 -6.84
CA ASP A 27 12.49 -4.42 -7.11
C ASP A 27 11.64 -5.10 -6.03
N PRO A 28 11.05 -6.25 -6.37
CA PRO A 28 10.21 -7.01 -5.45
C PRO A 28 11.01 -7.65 -4.32
N LYS A 29 12.08 -8.34 -4.68
CA LYS A 29 12.93 -9.01 -3.70
C LYS A 29 13.69 -7.98 -2.87
N GLN A 30 13.99 -6.84 -3.47
CA GLN A 30 14.71 -5.78 -2.78
C GLN A 30 13.92 -5.26 -1.58
N VAL A 31 12.59 -5.29 -1.71
CA VAL A 31 11.71 -4.83 -0.64
C VAL A 31 11.21 -6.00 0.21
N ILE A 32 11.02 -7.14 -0.44
CA ILE A 32 10.55 -8.34 0.25
C ILE A 32 11.55 -8.79 1.32
N GLY A 33 11.02 -9.19 2.48
CA GLY A 33 11.88 -9.63 3.56
C GLY A 33 12.10 -8.55 4.60
N LYS A 34 12.01 -7.30 4.18
CA LYS A 34 12.20 -6.17 5.08
C LYS A 34 10.88 -5.47 5.39
N ASN A 35 10.93 -4.47 6.26
CA ASN A 35 9.73 -3.73 6.63
C ASN A 35 9.38 -2.70 5.56
N PHE A 36 8.11 -2.68 5.16
CA PHE A 36 7.64 -1.75 4.14
C PHE A 36 7.35 -0.38 4.76
N PHE A 37 7.20 -0.35 6.07
CA PHE A 37 6.92 0.89 6.78
C PHE A 37 8.19 1.51 7.34
N LYS A 38 9.24 0.69 7.44
CA LYS A 38 10.52 1.15 7.97
C LYS A 38 11.55 1.28 6.84
N ASP A 39 11.59 0.28 5.97
CA ASP A 39 12.53 0.29 4.85
C ASP A 39 11.91 0.97 3.62
N VAL A 40 10.96 0.29 3.01
CA VAL A 40 10.28 0.82 1.83
C VAL A 40 9.82 2.25 2.06
N ALA A 41 8.90 2.43 3.00
CA ALA A 41 8.38 3.75 3.33
C ALA A 41 8.56 4.07 4.80
N PRO A 42 9.73 4.63 5.14
CA PRO A 42 10.05 5.00 6.53
C PRO A 42 9.24 6.18 7.03
N GLY A 43 8.86 7.06 6.10
CA GLY A 43 8.08 8.23 6.47
C GLY A 43 6.64 7.88 6.79
N THR A 44 6.10 6.88 6.09
CA THR A 44 4.72 6.46 6.31
C THR A 44 4.52 6.00 7.75
N ASP A 45 5.61 5.68 8.43
CA ASP A 45 5.55 5.22 9.81
C ASP A 45 4.89 6.28 10.70
N SER A 46 3.60 6.12 10.96
CA SER A 46 2.86 7.05 11.79
C SER A 46 1.74 6.36 12.54
N PRO A 47 1.22 7.01 13.59
CA PRO A 47 0.13 6.47 14.41
C PRO A 47 -1.20 6.41 13.65
N GLU A 48 -1.35 7.29 12.66
CA GLU A 48 -2.57 7.34 11.87
C GLU A 48 -2.62 6.18 10.88
N PHE A 49 -1.45 5.79 10.38
CA PHE A 49 -1.36 4.69 9.42
C PHE A 49 -1.03 3.38 10.13
N TYR A 50 0.19 3.29 10.65
CA TYR A 50 0.64 2.09 11.34
C TYR A 50 -0.30 1.75 12.50
N GLY A 51 -0.64 2.76 13.30
CA GLY A 51 -1.52 2.54 14.42
C GLY A 51 -2.80 1.84 14.03
N LYS A 52 -3.39 2.25 12.91
CA LYS A 52 -4.62 1.66 12.43
C LYS A 52 -4.40 0.21 12.00
N PHE A 53 -3.26 -0.04 11.36
CA PHE A 53 -2.92 -1.38 10.90
C PHE A 53 -2.91 -2.37 12.06
N LYS A 54 -2.25 -1.99 13.14
CA LYS A 54 -2.16 -2.84 14.32
C LYS A 54 -3.54 -3.09 14.92
N GLU A 55 -4.33 -2.02 15.04
CA GLU A 55 -5.67 -2.13 15.60
C GLU A 55 -6.47 -3.22 14.89
N GLY A 56 -6.53 -3.14 13.57
CA GLY A 56 -7.26 -4.13 12.80
C GLY A 56 -6.74 -5.53 13.00
N VAL A 57 -5.41 -5.66 13.07
CA VAL A 57 -4.78 -6.96 13.27
C VAL A 57 -5.28 -7.63 14.54
N ALA A 58 -5.39 -6.85 15.61
CA ALA A 58 -5.86 -7.37 16.89
C ALA A 58 -7.34 -7.75 16.82
N SER A 59 -8.10 -6.97 16.06
CA SER A 59 -9.53 -7.22 15.91
C SER A 59 -9.78 -8.44 15.04
N GLY A 60 -8.92 -8.64 14.05
CA GLY A 60 -9.07 -9.78 13.17
C GLY A 60 -9.80 -9.43 11.89
N ASN A 61 -9.65 -8.18 11.45
CA ASN A 61 -10.31 -7.72 10.23
C ASN A 61 -10.00 -6.26 9.97
N LEU A 62 -8.77 -5.98 9.57
CA LEU A 62 -8.33 -4.62 9.28
C LEU A 62 -8.95 -4.11 7.98
N ASN A 63 -9.96 -3.26 8.11
CA ASN A 63 -10.64 -2.70 6.94
C ASN A 63 -10.51 -1.18 6.91
N THR A 64 -9.62 -0.69 6.05
CA THR A 64 -9.40 0.75 5.92
C THR A 64 -9.26 1.16 4.46
N MET A 65 -9.82 2.31 4.12
CA MET A 65 -9.77 2.82 2.75
C MET A 65 -9.58 4.34 2.74
N PHE A 66 -8.41 4.78 2.31
CA PHE A 66 -8.10 6.20 2.25
C PHE A 66 -7.09 6.49 1.15
N GLU A 67 -6.71 7.76 1.02
CA GLU A 67 -5.75 8.18 0.01
C GLU A 67 -4.38 8.45 0.63
N TRP A 68 -3.35 8.36 -0.20
CA TRP A 68 -1.98 8.60 0.28
C TRP A 68 -1.14 9.27 -0.80
N MET A 69 -0.09 9.97 -0.38
CA MET A 69 0.79 10.66 -1.32
C MET A 69 2.09 9.89 -1.50
N ILE A 70 2.60 9.87 -2.73
CA ILE A 70 3.85 9.18 -3.03
C ILE A 70 4.78 10.05 -3.86
N PRO A 71 5.68 10.77 -3.17
CA PRO A 71 6.65 11.66 -3.81
C PRO A 71 7.71 10.88 -4.59
N THR A 72 7.85 11.20 -5.87
CA THR A 72 8.82 10.54 -6.72
C THR A 72 9.64 11.56 -7.51
N SER A 73 10.52 11.06 -8.38
CA SER A 73 11.38 11.92 -9.18
C SER A 73 10.54 12.78 -10.14
N ARG A 74 9.37 12.25 -10.52
CA ARG A 74 8.48 12.96 -11.42
C ARG A 74 7.47 13.80 -10.65
N GLY A 75 7.82 14.15 -9.42
CA GLY A 75 6.94 14.96 -8.60
C GLY A 75 6.03 14.11 -7.73
N PRO A 76 5.17 14.77 -6.94
CA PRO A 76 4.23 14.09 -6.05
C PRO A 76 3.12 13.38 -6.81
N THR A 77 2.96 12.09 -6.56
CA THR A 77 1.93 11.30 -7.22
C THR A 77 0.87 10.82 -6.24
N LYS A 78 -0.33 11.35 -6.35
CA LYS A 78 -1.43 10.98 -5.47
C LYS A 78 -2.03 9.64 -5.88
N VAL A 79 -2.23 8.76 -4.90
CA VAL A 79 -2.80 7.44 -5.17
C VAL A 79 -3.68 6.99 -4.01
N LYS A 80 -4.62 6.10 -4.31
CA LYS A 80 -5.53 5.59 -3.29
C LYS A 80 -4.96 4.33 -2.64
N VAL A 81 -4.98 4.29 -1.31
CA VAL A 81 -4.46 3.16 -0.56
C VAL A 81 -5.57 2.47 0.23
N HIS A 82 -5.71 1.16 0.03
CA HIS A 82 -6.73 0.38 0.72
C HIS A 82 -6.12 -0.87 1.34
N MET A 83 -6.26 -1.00 2.66
CA MET A 83 -5.72 -2.16 3.37
C MET A 83 -6.85 -3.07 3.85
N LYS A 84 -6.77 -4.35 3.49
CA LYS A 84 -7.78 -5.33 3.87
C LYS A 84 -7.13 -6.59 4.42
N LYS A 85 -7.79 -7.21 5.39
CA LYS A 85 -7.28 -8.43 6.00
C LYS A 85 -7.40 -9.61 5.03
N ALA A 86 -6.46 -10.55 5.15
CA ALA A 86 -6.46 -11.72 4.28
C ALA A 86 -7.59 -12.68 4.64
N LEU A 87 -7.89 -13.59 3.74
CA LEU A 87 -8.96 -14.57 3.96
C LEU A 87 -8.47 -15.73 4.82
N SER A 88 -7.21 -16.11 4.62
CA SER A 88 -6.61 -17.21 5.37
C SER A 88 -6.47 -16.84 6.85
N GLY A 89 -6.39 -15.55 7.12
CA GLY A 89 -6.25 -15.08 8.49
C GLY A 89 -4.81 -15.11 8.96
N ASP A 90 -3.88 -15.01 8.02
CA ASP A 90 -2.46 -15.02 8.35
C ASP A 90 -1.67 -14.10 7.41
N SER A 91 -2.30 -12.99 7.02
CA SER A 91 -1.67 -12.04 6.11
C SER A 91 -2.59 -10.87 5.84
N TYR A 92 -2.11 -9.92 5.03
CA TYR A 92 -2.90 -8.74 4.69
C TYR A 92 -2.60 -8.28 3.26
N TRP A 93 -3.64 -7.90 2.54
CA TRP A 93 -3.49 -7.44 1.15
C TRP A 93 -3.60 -5.92 1.08
N VAL A 94 -2.57 -5.28 0.52
CA VAL A 94 -2.55 -3.84 0.38
C VAL A 94 -2.84 -3.42 -1.06
N PHE A 95 -4.04 -2.89 -1.29
CA PHE A 95 -4.42 -2.46 -2.63
C PHE A 95 -4.04 -0.99 -2.85
N VAL A 96 -3.45 -0.71 -4.01
CA VAL A 96 -3.04 0.64 -4.35
C VAL A 96 -3.31 0.96 -5.81
N LYS A 97 -3.75 2.18 -6.09
CA LYS A 97 -4.05 2.59 -7.45
C LYS A 97 -4.17 4.12 -7.53
N ARG A 98 -3.57 4.70 -8.57
CA ARG A 98 -3.61 6.14 -8.76
C ARG A 98 -5.02 6.60 -9.11
N VAL A 99 -5.44 7.72 -8.52
CA VAL A 99 -6.76 8.27 -8.76
C VAL A 99 -6.87 8.85 -10.17
N LYS A 100 -5.77 9.44 -10.64
CA LYS A 100 -5.73 10.04 -11.97
C LYS A 100 -5.94 8.98 -13.05
N LEU A 101 -7.18 8.80 -13.47
CA LEU A 101 -7.51 7.82 -14.50
C LEU A 101 -8.93 8.02 -15.01
N ALA A 102 -9.20 7.52 -16.21
CA ALA A 102 -10.52 7.63 -16.81
C ALA A 102 -11.59 7.02 -15.90
N ALA A 103 -12.80 7.56 -15.98
CA ALA A 103 -13.91 7.06 -15.17
C ALA A 103 -15.23 7.70 -15.60
N ALA A 104 -16.26 6.89 -15.74
CA ALA A 104 -17.57 7.37 -16.13
C ALA A 104 -18.35 7.89 -14.93
N LEU A 105 -18.86 6.97 -14.12
CA LEU A 105 -19.62 7.34 -12.93
C LEU A 105 -18.86 6.98 -11.66
N GLU A 106 -18.54 7.99 -10.86
CA GLU A 106 -17.82 7.77 -9.60
C GLU A 106 -18.76 7.24 -8.52
N HIS A 107 -18.36 6.15 -7.88
CA HIS A 107 -19.16 5.54 -6.82
C HIS A 107 -19.38 6.53 -5.68
N HIS A 108 -20.36 6.24 -4.83
CA HIS A 108 -20.69 7.10 -3.70
C HIS A 108 -20.90 6.27 -2.44
N HIS A 109 -21.21 6.95 -1.33
CA HIS A 109 -21.43 6.28 -0.06
C HIS A 109 -22.77 6.70 0.54
N HIS A 110 -23.86 6.09 0.05
CA HIS A 110 -25.18 6.41 0.54
C HIS A 110 -25.44 5.75 1.89
N HIS A 111 -24.72 6.21 2.91
CA HIS A 111 -24.85 5.66 4.25
C HIS A 111 -26.01 6.33 4.99
N HIS A 112 -26.87 5.52 5.61
CA HIS A 112 -28.01 6.04 6.34
C HIS A 112 -28.89 6.90 5.44
N1 O1F B . 6.78 8.65 0.72
C4 O1F B . 4.85 5.74 -0.29
C5 O1F B . 3.48 2.46 -1.68
C6 O1F B . 4.81 4.39 -0.96
C7 O1F B . 4.61 1.85 -2.20
C8 O1F B . 3.55 3.73 -1.06
C10 O1F B . 5.88 6.61 -0.09
C1 O1F B . 1.16 3.83 -0.56
O3 O1F B . 2.45 4.33 -0.55
O1 O1F B . 4.50 0.65 -2.78
C9 O1F B . 5.86 2.48 -2.12
O4 O1F B . 6.93 1.84 -2.63
C2 O1F B . 8.24 2.30 -2.64
C3 O1F B . 5.95 3.75 -1.50
S2 O1F B . 7.61 6.43 -0.57
C12 O1F B . 7.91 8.03 0.17
S1 O1F B . 9.22 8.64 0.18
C11 O1F B . 5.67 7.90 0.60
O2 O1F B . 4.59 8.28 1.04
H8 O1F B . 6.79 9.57 1.18
H45 O1F B . 3.89 6.09 0.08
H21 O1F B . 2.53 1.95 -1.76
H332 O1F B . 0.49 4.56 -0.07
H333 O1F B . 1.12 2.88 0.00
H331 O1F B . 0.82 3.68 -1.61
H231 O1F B . 8.88 1.55 -3.13
H232 O1F B . 8.59 2.45 -1.60
H233 O1F B . 8.30 3.25 -3.21
H32 O1F B . 6.92 4.19 -1.46
N MET A 1 -3.87 -2.97 -13.97
CA MET A 1 -2.77 -2.13 -13.52
C MET A 1 -2.97 -1.69 -12.08
N PHE A 2 -3.23 -2.66 -11.21
CA PHE A 2 -3.43 -2.39 -9.78
C PHE A 2 -2.27 -2.90 -8.95
N GLY A 3 -2.12 -2.36 -7.75
CA GLY A 3 -1.04 -2.78 -6.88
C GLY A 3 -1.53 -3.69 -5.75
N ALA A 4 -0.69 -4.63 -5.35
CA ALA A 4 -1.04 -5.56 -4.28
C ALA A 4 0.20 -5.96 -3.48
N ILE A 5 0.19 -5.66 -2.19
CA ILE A 5 1.30 -5.99 -1.31
C ILE A 5 0.85 -6.87 -0.15
N GLN A 6 1.33 -8.12 -0.14
CA GLN A 6 0.96 -9.06 0.91
C GLN A 6 1.92 -8.93 2.10
N LEU A 7 1.42 -8.37 3.19
CA LEU A 7 2.23 -8.18 4.40
C LEU A 7 1.73 -9.08 5.53
N ASP A 8 2.53 -9.19 6.57
CA ASP A 8 2.17 -10.02 7.72
C ASP A 8 1.80 -9.14 8.92
N GLY A 9 1.37 -9.78 10.01
CA GLY A 9 1.00 -9.05 11.21
C GLY A 9 2.16 -8.32 11.83
N ASP A 10 3.37 -8.83 11.59
CA ASP A 10 4.58 -8.24 12.15
C ASP A 10 4.94 -6.96 11.38
N GLY A 11 4.43 -6.85 10.16
CA GLY A 11 4.71 -5.67 9.35
C GLY A 11 5.82 -5.93 8.34
N ASN A 12 5.99 -7.18 7.94
CA ASN A 12 7.02 -7.55 6.97
C ASN A 12 6.41 -7.84 5.61
N ILE A 13 7.21 -7.68 4.56
CA ILE A 13 6.76 -7.93 3.20
C ILE A 13 6.83 -9.41 2.86
N LEU A 14 5.73 -9.95 2.35
CA LEU A 14 5.68 -11.36 1.97
C LEU A 14 5.62 -11.52 0.46
N GLN A 15 4.82 -10.69 -0.19
CA GLN A 15 4.67 -10.73 -1.64
C GLN A 15 4.51 -9.33 -2.21
N TYR A 16 5.28 -9.02 -3.25
CA TYR A 16 5.23 -7.72 -3.89
C TYR A 16 4.86 -7.84 -5.36
N ASN A 17 3.79 -7.16 -5.77
CA ASN A 17 3.33 -7.21 -7.15
C ASN A 17 4.33 -6.52 -8.08
N ALA A 18 4.22 -6.78 -9.37
CA ALA A 18 5.11 -6.20 -10.35
C ALA A 18 4.70 -4.77 -10.68
N ALA A 19 3.40 -4.52 -10.70
CA ALA A 19 2.88 -3.19 -10.99
C ALA A 19 3.48 -2.13 -10.06
N GGL A 20 3.26 -2.30 -8.77
CA GGL A 20 3.80 -1.37 -7.79
C GGL A 20 5.31 -1.21 -7.97
O GGL A 20 5.87 -0.12 -7.86
CB GGL A 20 3.46 -1.82 -6.36
CG GGL A 20 2.04 -1.41 -5.97
CD GGL A 20 1.98 0.08 -5.62
OE1 GGL A 20 2.22 0.94 -6.48
OE2 GGL A 20 1.68 0.33 -4.38
H GGL A 20 2.73 -3.06 -8.39
HA GGL A 20 3.29 -0.43 -8.00
HB2 GGL A 20 3.56 -2.90 -6.29
HB3 GGL A 20 4.17 -1.39 -5.66
HG2 GGL A 20 1.36 -1.61 -6.81
HG3 GGL A 20 1.70 -2.00 -5.13
HE2 GGL A 20 2.51 0.36 -3.83
N GLY A 21 5.96 -2.33 -8.27
CA GLY A 21 7.39 -2.32 -8.47
C GLY A 21 7.84 -1.27 -9.48
N ASP A 22 7.06 -1.11 -10.54
CA ASP A 22 7.37 -0.14 -11.58
C ASP A 22 6.85 1.25 -11.19
N ILE A 23 5.63 1.30 -10.68
CA ILE A 23 5.02 2.56 -10.28
C ILE A 23 5.88 3.27 -9.24
N THR A 24 6.52 2.50 -8.38
CA THR A 24 7.37 3.06 -7.33
C THR A 24 8.79 3.30 -7.85
N GLY A 25 9.30 2.35 -8.63
CA GLY A 25 10.64 2.47 -9.18
C GLY A 25 11.71 1.96 -8.23
N ARG A 26 11.34 1.01 -7.37
CA ARG A 26 12.27 0.44 -6.41
C ARG A 26 12.43 -1.06 -6.64
N ASP A 27 13.06 -1.73 -5.67
CA ASP A 27 13.28 -3.17 -5.76
C ASP A 27 12.29 -3.91 -4.87
N PRO A 28 11.23 -4.46 -5.50
CA PRO A 28 10.20 -5.21 -4.78
C PRO A 28 10.70 -6.56 -4.26
N LYS A 29 11.64 -7.14 -5.00
CA LYS A 29 12.21 -8.44 -4.63
C LYS A 29 13.24 -8.27 -3.50
N GLN A 30 13.88 -7.11 -3.47
CA GLN A 30 14.88 -6.83 -2.46
C GLN A 30 14.23 -6.47 -1.13
N VAL A 31 13.02 -5.94 -1.19
CA VAL A 31 12.27 -5.56 0.01
C VAL A 31 11.40 -6.70 0.50
N ILE A 32 11.72 -7.92 0.06
CA ILE A 32 10.96 -9.10 0.45
C ILE A 32 11.40 -9.60 1.82
N GLY A 33 10.52 -9.42 2.81
CA GLY A 33 10.84 -9.86 4.16
C GLY A 33 11.15 -8.70 5.09
N LYS A 34 11.62 -7.60 4.53
CA LYS A 34 11.96 -6.42 5.31
C LYS A 34 10.72 -5.59 5.61
N ASN A 35 10.86 -4.63 6.52
CA ASN A 35 9.74 -3.78 6.91
C ASN A 35 9.41 -2.78 5.79
N PHE A 36 8.14 -2.74 5.39
CA PHE A 36 7.70 -1.85 4.33
C PHE A 36 7.38 -0.46 4.91
N PHE A 37 7.19 -0.40 6.21
CA PHE A 37 6.88 0.87 6.88
C PHE A 37 8.15 1.50 7.46
N LYS A 38 9.18 0.67 7.67
CA LYS A 38 10.44 1.14 8.22
C LYS A 38 11.51 1.20 7.14
N ASP A 39 11.52 0.20 6.26
CA ASP A 39 12.50 0.13 5.19
C ASP A 39 11.96 0.79 3.92
N VAL A 40 11.00 0.13 3.29
CA VAL A 40 10.39 0.65 2.06
C VAL A 40 9.95 2.10 2.24
N ALA A 41 8.99 2.32 3.13
CA ALA A 41 8.49 3.66 3.39
C ALA A 41 8.64 4.03 4.87
N PRO A 42 9.81 4.55 5.24
CA PRO A 42 10.11 4.94 6.63
C PRO A 42 9.32 6.17 7.05
N GLY A 43 9.02 7.04 6.10
CA GLY A 43 8.27 8.25 6.38
C GLY A 43 6.80 7.96 6.68
N THR A 44 6.26 6.95 6.01
CA THR A 44 4.86 6.58 6.20
C THR A 44 4.59 6.14 7.64
N ASP A 45 5.66 5.83 8.36
CA ASP A 45 5.55 5.40 9.75
C ASP A 45 4.85 6.47 10.59
N SER A 46 3.55 6.30 10.80
CA SER A 46 2.78 7.26 11.59
C SER A 46 1.70 6.54 12.40
N PRO A 47 1.17 7.23 13.41
CA PRO A 47 0.11 6.69 14.28
C PRO A 47 -1.22 6.55 13.55
N GLU A 48 -1.43 7.38 12.54
CA GLU A 48 -2.67 7.34 11.76
C GLU A 48 -2.66 6.18 10.79
N PHE A 49 -1.48 5.84 10.28
CA PHE A 49 -1.33 4.75 9.33
C PHE A 49 -0.97 3.45 10.05
N TYR A 50 0.25 3.41 10.59
CA TYR A 50 0.72 2.22 11.30
C TYR A 50 -0.22 1.87 12.45
N GLY A 51 -0.58 2.87 13.24
CA GLY A 51 -1.47 2.64 14.36
C GLY A 51 -2.74 1.90 13.96
N LYS A 52 -3.34 2.31 12.85
CA LYS A 52 -4.56 1.67 12.37
C LYS A 52 -4.29 0.23 11.96
N PHE A 53 -3.16 0.01 11.30
CA PHE A 53 -2.79 -1.34 10.85
C PHE A 53 -2.75 -2.31 12.03
N LYS A 54 -2.09 -1.89 13.12
CA LYS A 54 -1.97 -2.72 14.31
C LYS A 54 -3.35 -3.03 14.89
N GLU A 55 -4.18 -1.99 15.01
CA GLU A 55 -5.52 -2.15 15.56
C GLU A 55 -6.27 -3.27 14.84
N GLY A 56 -6.27 -3.22 13.52
CA GLY A 56 -6.95 -4.24 12.74
C GLY A 56 -6.36 -5.62 12.93
N VAL A 57 -5.04 -5.68 13.10
CA VAL A 57 -4.34 -6.94 13.30
C VAL A 57 -4.81 -7.63 14.57
N ALA A 58 -5.03 -6.84 15.63
CA ALA A 58 -5.48 -7.38 16.90
C ALA A 58 -6.93 -7.83 16.82
N SER A 59 -7.74 -7.07 16.10
CA SER A 59 -9.16 -7.39 15.94
C SER A 59 -9.35 -8.59 15.02
N GLY A 60 -8.48 -8.71 14.03
CA GLY A 60 -8.57 -9.81 13.09
C GLY A 60 -9.32 -9.44 11.82
N ASN A 61 -9.23 -8.17 11.44
CA ASN A 61 -9.90 -7.69 10.23
C ASN A 61 -9.64 -6.20 10.02
N LEU A 62 -8.50 -5.89 9.40
CA LEU A 62 -8.13 -4.50 9.14
C LEU A 62 -8.80 -3.99 7.86
N ASN A 63 -9.83 -3.17 8.02
CA ASN A 63 -10.56 -2.61 6.89
C ASN A 63 -10.45 -1.10 6.87
N THR A 64 -9.60 -0.58 5.99
CA THR A 64 -9.41 0.87 5.87
C THR A 64 -9.32 1.29 4.41
N MET A 65 -9.85 2.47 4.11
CA MET A 65 -9.84 2.99 2.74
C MET A 65 -9.58 4.50 2.74
N PHE A 66 -8.40 4.88 2.27
CA PHE A 66 -8.03 6.30 2.21
C PHE A 66 -7.02 6.55 1.10
N GLU A 67 -6.71 7.83 0.87
CA GLU A 67 -5.76 8.20 -0.17
C GLU A 67 -4.39 8.50 0.41
N TRP A 68 -3.36 8.40 -0.42
CA TRP A 68 -1.99 8.66 0.04
C TRP A 68 -1.17 9.26 -1.09
N MET A 69 -0.08 9.94 -0.72
CA MET A 69 0.79 10.58 -1.69
C MET A 69 2.14 9.86 -1.76
N ILE A 70 2.70 9.76 -2.96
CA ILE A 70 3.97 9.09 -3.16
C ILE A 70 4.94 9.99 -3.91
N PRO A 71 5.78 10.74 -3.17
CA PRO A 71 6.77 11.65 -3.75
C PRO A 71 7.91 10.90 -4.44
N THR A 72 8.08 11.15 -5.73
CA THR A 72 9.13 10.51 -6.50
C THR A 72 9.87 11.51 -7.38
N SER A 73 10.75 11.01 -8.24
CA SER A 73 11.52 11.87 -9.13
C SER A 73 10.60 12.73 -10.00
N ARG A 74 9.42 12.18 -10.31
CA ARG A 74 8.45 12.90 -11.14
C ARG A 74 7.48 13.69 -10.27
N GLY A 75 7.90 14.02 -9.05
CA GLY A 75 7.06 14.77 -8.15
C GLY A 75 6.09 13.88 -7.38
N PRO A 76 5.17 14.51 -6.64
CA PRO A 76 4.17 13.79 -5.85
C PRO A 76 3.13 13.10 -6.72
N THR A 77 2.88 11.82 -6.44
CA THR A 77 1.91 11.05 -7.20
C THR A 77 0.72 10.65 -6.32
N LYS A 78 -0.44 11.23 -6.61
CA LYS A 78 -1.65 10.95 -5.86
C LYS A 78 -2.17 9.55 -6.19
N VAL A 79 -2.26 8.70 -5.17
CA VAL A 79 -2.74 7.34 -5.34
C VAL A 79 -3.59 6.89 -4.16
N LYS A 80 -4.58 6.04 -4.42
CA LYS A 80 -5.46 5.54 -3.38
C LYS A 80 -4.86 4.33 -2.68
N VAL A 81 -4.97 4.28 -1.36
CA VAL A 81 -4.44 3.18 -0.58
C VAL A 81 -5.54 2.50 0.23
N HIS A 82 -5.77 1.22 -0.05
CA HIS A 82 -6.79 0.45 0.65
C HIS A 82 -6.19 -0.82 1.25
N MET A 83 -6.33 -0.96 2.56
CA MET A 83 -5.81 -2.13 3.27
C MET A 83 -6.95 -3.04 3.72
N LYS A 84 -6.87 -4.31 3.34
CA LYS A 84 -7.89 -5.28 3.71
C LYS A 84 -7.25 -6.59 4.15
N LYS A 85 -7.71 -7.11 5.29
CA LYS A 85 -7.19 -8.36 5.83
C LYS A 85 -7.21 -9.47 4.78
N ALA A 86 -6.25 -10.37 4.85
CA ALA A 86 -6.16 -11.48 3.91
C ALA A 86 -7.27 -12.50 4.14
N LEU A 87 -7.37 -13.47 3.24
CA LEU A 87 -8.39 -14.50 3.35
C LEU A 87 -7.96 -15.60 4.31
N SER A 88 -6.66 -15.87 4.34
CA SER A 88 -6.11 -16.91 5.21
C SER A 88 -6.26 -16.49 6.68
N GLY A 89 -6.34 -15.19 6.92
CA GLY A 89 -6.47 -14.70 8.28
C GLY A 89 -5.13 -14.37 8.91
N ASP A 90 -4.06 -14.94 8.37
CA ASP A 90 -2.72 -14.71 8.88
C ASP A 90 -1.91 -13.87 7.92
N SER A 91 -2.57 -12.92 7.24
CA SER A 91 -1.91 -12.05 6.28
C SER A 91 -2.78 -10.84 5.96
N TYR A 92 -2.22 -9.91 5.19
CA TYR A 92 -2.95 -8.70 4.82
C TYR A 92 -2.57 -8.26 3.40
N TRP A 93 -3.57 -7.83 2.64
CA TRP A 93 -3.35 -7.39 1.28
C TRP A 93 -3.54 -5.87 1.15
N VAL A 94 -2.57 -5.20 0.55
CA VAL A 94 -2.63 -3.76 0.37
C VAL A 94 -2.91 -3.39 -1.08
N PHE A 95 -4.11 -2.92 -1.35
CA PHE A 95 -4.50 -2.54 -2.71
C PHE A 95 -4.21 -1.06 -2.96
N VAL A 96 -3.31 -0.79 -3.90
CA VAL A 96 -2.94 0.58 -4.24
C VAL A 96 -3.13 0.85 -5.73
N LYS A 97 -3.78 1.96 -6.04
CA LYS A 97 -4.02 2.33 -7.43
C LYS A 97 -3.84 3.83 -7.63
N ARG A 98 -3.59 4.24 -8.87
CA ARG A 98 -3.39 5.64 -9.19
C ARG A 98 -4.74 6.31 -9.51
N VAL A 99 -5.19 7.16 -8.59
CA VAL A 99 -6.46 7.86 -8.77
C VAL A 99 -6.45 8.69 -10.05
N LYS A 100 -7.64 8.90 -10.62
CA LYS A 100 -7.77 9.68 -11.84
C LYS A 100 -7.87 11.17 -11.53
N LEU A 101 -6.76 11.77 -11.12
CA LEU A 101 -6.73 13.18 -10.79
C LEU A 101 -5.46 13.84 -11.33
N ALA A 102 -5.02 13.39 -12.51
CA ALA A 102 -3.82 13.94 -13.13
C ALA A 102 -3.93 13.89 -14.64
N ALA A 103 -2.96 14.49 -15.32
CA ALA A 103 -2.93 14.51 -16.77
C ALA A 103 -2.45 13.18 -17.34
N ALA A 104 -2.31 13.11 -18.67
CA ALA A 104 -1.86 11.90 -19.32
C ALA A 104 -0.43 12.07 -19.84
N LEU A 105 0.41 11.07 -19.58
CA LEU A 105 1.79 11.09 -20.03
C LEU A 105 2.00 10.24 -21.28
N GLU A 106 2.75 10.77 -22.23
CA GLU A 106 3.02 10.05 -23.47
C GLU A 106 4.51 10.09 -23.82
N HIS A 107 4.87 9.43 -24.91
CA HIS A 107 6.26 9.40 -25.36
C HIS A 107 6.34 9.33 -26.88
N HIS A 108 7.56 9.35 -27.40
CA HIS A 108 7.78 9.30 -28.84
C HIS A 108 7.10 8.07 -29.45
N HIS A 109 6.63 8.21 -30.68
CA HIS A 109 5.96 7.12 -31.38
C HIS A 109 6.98 6.23 -32.09
N HIS A 110 7.59 6.77 -33.14
CA HIS A 110 8.58 6.03 -33.91
C HIS A 110 9.99 6.46 -33.54
N HIS A 111 10.74 5.56 -32.91
CA HIS A 111 12.11 5.84 -32.50
C HIS A 111 13.08 5.62 -33.66
N HIS A 112 14.13 6.44 -33.71
CA HIS A 112 15.12 6.34 -34.77
C HIS A 112 16.16 5.27 -34.43
N1 O1F B . 7.08 8.37 0.67
C4 O1F B . 4.95 5.62 -0.36
C5 O1F B . 3.33 2.44 -1.73
C6 O1F B . 4.81 4.27 -1.02
C7 O1F B . 4.42 1.74 -2.24
C8 O1F B . 3.51 3.70 -1.12
C10 O1F B . 6.03 6.39 -0.15
C1 O1F B . 1.12 3.99 -0.64
O3 O1F B . 2.44 4.40 -0.63
O1 O1F B . 4.22 0.54 -2.82
C9 O1F B . 5.71 2.27 -2.15
O4 O1F B . 6.74 1.54 -2.66
C2 O1F B . 8.07 1.91 -2.66
C3 O1F B . 5.89 3.53 -1.54
S2 O1F B . 7.75 6.07 -0.62
C12 O1F B . 8.17 7.66 0.11
S1 O1F B . 9.51 8.17 0.13
C11 O1F B . 5.93 7.70 0.53
O2 O1F B . 4.87 8.18 0.96
H8 O1F B . 7.16 9.29 1.11
H45 O1F B . 4.02 6.04 0.01
H21 O1F B . 2.35 2.00 -1.82
H332 O1F B . 0.50 4.77 -0.16
H333 O1F B . 1.00 3.05 -0.08
H331 O1F B . 0.78 3.86 -1.69
H231 O1F B . 8.67 1.11 -3.14
H232 O1F B . 8.44 2.03 -1.61
H233 O1F B . 8.21 2.85 -3.23
H32 O1F B . 6.88 3.90 -1.49
N MET A 1 -5.51 -1.55 -13.32
CA MET A 1 -4.08 -1.43 -13.05
C MET A 1 -3.82 -1.02 -11.60
N PHE A 2 -3.92 -1.98 -10.70
CA PHE A 2 -3.69 -1.73 -9.29
C PHE A 2 -2.68 -2.71 -8.70
N GLY A 3 -1.84 -2.20 -7.79
CA GLY A 3 -0.83 -3.04 -7.18
C GLY A 3 -1.31 -3.68 -5.88
N ALA A 4 -0.63 -4.73 -5.46
CA ALA A 4 -0.99 -5.43 -4.22
C ALA A 4 0.26 -5.80 -3.42
N ILE A 5 0.19 -5.59 -2.11
CA ILE A 5 1.31 -5.90 -1.23
C ILE A 5 0.87 -6.79 -0.08
N GLN A 6 1.38 -8.03 -0.06
CA GLN A 6 1.04 -8.98 0.99
C GLN A 6 1.95 -8.82 2.19
N LEU A 7 1.42 -8.24 3.27
CA LEU A 7 2.19 -8.03 4.49
C LEU A 7 1.72 -8.96 5.60
N ASP A 8 2.52 -9.05 6.66
CA ASP A 8 2.19 -9.90 7.80
C ASP A 8 1.75 -9.07 8.99
N GLY A 9 1.38 -9.75 10.08
CA GLY A 9 0.94 -9.05 11.27
C GLY A 9 2.05 -8.21 11.90
N ASP A 10 3.29 -8.63 11.69
CA ASP A 10 4.44 -7.92 12.23
C ASP A 10 4.71 -6.64 11.43
N GLY A 11 4.21 -6.60 10.21
CA GLY A 11 4.41 -5.44 9.36
C GLY A 11 5.55 -5.63 8.38
N ASN A 12 5.83 -6.87 8.02
CA ASN A 12 6.90 -7.18 7.09
C ASN A 12 6.34 -7.56 5.72
N ILE A 13 7.17 -7.43 4.69
CA ILE A 13 6.75 -7.76 3.33
C ILE A 13 6.84 -9.26 3.09
N LEU A 14 5.76 -9.83 2.55
CA LEU A 14 5.71 -11.26 2.26
C LEU A 14 5.63 -11.50 0.77
N GLN A 15 4.88 -10.66 0.06
CA GLN A 15 4.72 -10.80 -1.38
C GLN A 15 4.50 -9.43 -2.03
N TYR A 16 5.33 -9.11 -3.01
CA TYR A 16 5.23 -7.83 -3.72
C TYR A 16 4.81 -8.04 -5.17
N ASN A 17 4.09 -7.07 -5.71
CA ASN A 17 3.62 -7.15 -7.09
C ASN A 17 4.57 -6.40 -8.04
N ALA A 18 4.45 -6.66 -9.33
CA ALA A 18 5.28 -6.01 -10.32
C ALA A 18 4.80 -4.60 -10.62
N ALA A 19 3.49 -4.41 -10.62
CA ALA A 19 2.90 -3.10 -10.88
C ALA A 19 3.52 -2.03 -10.00
N GGL A 20 3.40 -2.20 -8.69
CA GGL A 20 3.95 -1.24 -7.75
C GGL A 20 5.46 -1.08 -7.99
O GGL A 20 6.02 0.01 -7.91
CB GGL A 20 3.65 -1.64 -6.31
CG GGL A 20 2.27 -1.17 -5.88
CD GGL A 20 2.33 0.25 -5.30
OE1 GGL A 20 2.76 1.19 -5.99
OE2 GGL A 20 1.90 0.35 -4.09
H GGL A 20 2.93 -2.97 -8.27
HA GGL A 20 3.45 -0.30 -7.97
HB2 GGL A 20 3.72 -2.73 -6.21
HB3 GGL A 20 4.41 -1.21 -5.64
HG2 GGL A 20 1.60 -1.18 -6.74
HG3 GGL A 20 1.86 -1.85 -5.14
HE2 GGL A 20 2.66 0.25 -3.45
N GLY A 21 6.11 -2.21 -8.26
CA GLY A 21 7.54 -2.22 -8.49
C GLY A 21 7.95 -1.22 -9.55
N ASP A 22 7.08 -1.01 -10.54
CA ASP A 22 7.36 -0.07 -11.61
C ASP A 22 6.99 1.36 -11.21
N ILE A 23 5.78 1.52 -10.71
CA ILE A 23 5.31 2.84 -10.28
C ILE A 23 6.25 3.45 -9.25
N THR A 24 6.82 2.60 -8.39
CA THR A 24 7.74 3.05 -7.36
C THR A 24 9.18 3.02 -7.85
N GLY A 25 9.54 1.93 -8.52
CA GLY A 25 10.89 1.79 -9.03
C GLY A 25 11.77 0.95 -8.12
N ARG A 26 11.16 0.04 -7.39
CA ARG A 26 11.89 -0.83 -6.47
C ARG A 26 11.62 -2.30 -6.79
N ASP A 27 12.64 -3.13 -6.64
CA ASP A 27 12.52 -4.56 -6.90
C ASP A 27 11.68 -5.24 -5.84
N PRO A 28 11.06 -6.38 -6.20
CA PRO A 28 10.21 -7.15 -5.28
C PRO A 28 11.00 -7.82 -4.17
N LYS A 29 12.06 -8.53 -4.56
CA LYS A 29 12.91 -9.22 -3.61
C LYS A 29 13.70 -8.22 -2.76
N GLN A 30 14.04 -7.10 -3.36
CA GLN A 30 14.80 -6.05 -2.66
C GLN A 30 14.00 -5.52 -1.47
N VAL A 31 12.68 -5.47 -1.62
CA VAL A 31 11.81 -4.98 -0.55
C VAL A 31 11.30 -6.13 0.31
N ILE A 32 11.07 -7.27 -0.31
CA ILE A 32 10.58 -8.44 0.40
C ILE A 32 11.57 -8.89 1.47
N GLY A 33 11.06 -9.14 2.67
CA GLY A 33 11.91 -9.58 3.75
C GLY A 33 12.11 -8.51 4.82
N LYS A 34 11.99 -7.25 4.40
CA LYS A 34 12.16 -6.13 5.32
C LYS A 34 10.83 -5.42 5.55
N ASN A 35 10.85 -4.42 6.43
CA ASN A 35 9.64 -3.66 6.74
C ASN A 35 9.35 -2.64 5.65
N PHE A 36 8.11 -2.65 5.15
CA PHE A 36 7.71 -1.72 4.11
C PHE A 36 7.34 -0.36 4.70
N PHE A 37 7.07 -0.34 6.00
CA PHE A 37 6.70 0.89 6.68
C PHE A 37 7.93 1.57 7.29
N LYS A 38 9.00 0.81 7.44
CA LYS A 38 10.24 1.32 8.00
C LYS A 38 11.32 1.44 6.93
N ASP A 39 11.53 0.36 6.19
CA ASP A 39 12.53 0.35 5.13
C ASP A 39 11.99 1.01 3.87
N VAL A 40 11.07 0.32 3.20
CA VAL A 40 10.48 0.84 1.97
C VAL A 40 10.01 2.28 2.15
N ALA A 41 9.01 2.47 3.00
CA ALA A 41 8.47 3.80 3.27
C ALA A 41 8.62 4.16 4.75
N PRO A 42 9.77 4.75 5.10
CA PRO A 42 10.06 5.17 6.47
C PRO A 42 9.21 6.34 6.92
N GLY A 43 8.81 7.18 5.97
CA GLY A 43 8.00 8.34 6.28
C GLY A 43 6.56 7.97 6.59
N THR A 44 6.06 6.95 5.89
CA THR A 44 4.68 6.50 6.09
C THR A 44 4.44 6.06 7.53
N ASP A 45 5.53 5.76 8.24
CA ASP A 45 5.45 5.34 9.63
C ASP A 45 4.78 6.40 10.49
N SER A 46 3.48 6.25 10.72
CA SER A 46 2.73 7.20 11.52
C SER A 46 1.66 6.51 12.35
N PRO A 47 1.16 7.20 13.38
CA PRO A 47 0.12 6.66 14.27
C PRO A 47 -1.23 6.51 13.57
N GLU A 48 -1.46 7.35 12.57
CA GLU A 48 -2.71 7.32 11.82
C GLU A 48 -2.73 6.17 10.82
N PHE A 49 -1.55 5.85 10.28
CA PHE A 49 -1.43 4.76 9.31
C PHE A 49 -1.04 3.46 10.00
N TYR A 50 0.18 3.40 10.51
CA TYR A 50 0.67 2.22 11.19
C TYR A 50 -0.22 1.84 12.36
N GLY A 51 -0.58 2.84 13.17
CA GLY A 51 -1.44 2.61 14.32
C GLY A 51 -2.70 1.86 13.96
N LYS A 52 -3.33 2.27 12.86
CA LYS A 52 -4.56 1.64 12.39
C LYS A 52 -4.30 0.20 11.96
N PHE A 53 -3.20 -0.02 11.24
CA PHE A 53 -2.84 -1.34 10.77
C PHE A 53 -2.77 -2.33 11.93
N LYS A 54 -2.08 -1.95 12.99
CA LYS A 54 -1.93 -2.79 14.16
C LYS A 54 -3.29 -3.10 14.79
N GLU A 55 -4.10 -2.05 14.96
CA GLU A 55 -5.42 -2.21 15.55
C GLU A 55 -6.21 -3.30 14.84
N GLY A 56 -6.27 -3.22 13.52
CA GLY A 56 -6.98 -4.21 12.74
C GLY A 56 -6.40 -5.61 12.89
N VAL A 57 -5.08 -5.69 13.02
CA VAL A 57 -4.40 -6.95 13.18
C VAL A 57 -4.84 -7.67 14.45
N ALA A 58 -4.99 -6.90 15.52
CA ALA A 58 -5.42 -7.46 16.80
C ALA A 58 -6.89 -7.88 16.76
N SER A 59 -7.69 -7.11 16.04
CA SER A 59 -9.12 -7.39 15.94
C SER A 59 -9.36 -8.58 15.00
N GLY A 60 -8.53 -8.69 13.98
CA GLY A 60 -8.67 -9.79 13.03
C GLY A 60 -9.46 -9.39 11.80
N ASN A 61 -9.35 -8.12 11.41
CA ASN A 61 -10.07 -7.61 10.24
C ASN A 61 -9.76 -6.13 10.02
N LEU A 62 -8.62 -5.85 9.40
CA LEU A 62 -8.22 -4.48 9.12
C LEU A 62 -8.86 -3.97 7.83
N ASN A 63 -9.88 -3.13 7.97
CA ASN A 63 -10.57 -2.57 6.83
C ASN A 63 -10.45 -1.05 6.80
N THR A 64 -9.58 -0.54 5.93
CA THR A 64 -9.36 0.89 5.81
C THR A 64 -9.24 1.31 4.35
N MET A 65 -9.80 2.48 4.03
CA MET A 65 -9.75 2.99 2.66
C MET A 65 -9.55 4.51 2.66
N PHE A 66 -8.37 4.93 2.22
CA PHE A 66 -8.04 6.35 2.17
C PHE A 66 -7.01 6.63 1.06
N GLU A 67 -6.72 7.91 0.86
CA GLU A 67 -5.75 8.31 -0.16
C GLU A 67 -4.39 8.58 0.46
N TRP A 68 -3.35 8.48 -0.35
CA TRP A 68 -1.98 8.71 0.11
C TRP A 68 -1.13 9.32 -0.98
N MET A 69 -0.06 10.00 -0.58
CA MET A 69 0.85 10.65 -1.52
C MET A 69 2.18 9.92 -1.58
N ILE A 70 2.76 9.84 -2.77
CA ILE A 70 4.04 9.18 -2.96
C ILE A 70 5.01 10.06 -3.73
N PRO A 71 5.84 10.81 -2.99
CA PRO A 71 6.84 11.71 -3.59
C PRO A 71 7.98 10.94 -4.26
N THR A 72 8.14 11.17 -5.56
CA THR A 72 9.19 10.51 -6.32
C THR A 72 9.91 11.49 -7.24
N SER A 73 10.79 10.97 -8.09
CA SER A 73 11.54 11.81 -9.02
C SER A 73 10.60 12.65 -9.88
N ARG A 74 9.41 12.11 -10.14
CA ARG A 74 8.42 12.81 -10.95
C ARG A 74 7.48 13.64 -10.07
N GLY A 75 7.95 13.99 -8.88
CA GLY A 75 7.14 14.77 -7.96
C GLY A 75 6.15 13.92 -7.18
N PRO A 76 5.25 14.58 -6.44
CA PRO A 76 4.24 13.89 -5.64
C PRO A 76 3.18 13.21 -6.49
N THR A 77 2.97 11.92 -6.25
CA THR A 77 1.97 11.15 -7.00
C THR A 77 0.78 10.79 -6.13
N LYS A 78 -0.37 11.39 -6.43
CA LYS A 78 -1.59 11.14 -5.67
C LYS A 78 -2.18 9.78 -6.04
N VAL A 79 -2.16 8.85 -5.08
CA VAL A 79 -2.69 7.51 -5.29
C VAL A 79 -3.60 7.09 -4.15
N LYS A 80 -4.46 6.12 -4.40
CA LYS A 80 -5.38 5.62 -3.39
C LYS A 80 -4.80 4.39 -2.69
N VAL A 81 -4.93 4.36 -1.37
CA VAL A 81 -4.42 3.25 -0.57
C VAL A 81 -5.55 2.55 0.18
N HIS A 82 -5.68 1.24 -0.05
CA HIS A 82 -6.72 0.45 0.61
C HIS A 82 -6.12 -0.81 1.22
N MET A 83 -6.31 -0.97 2.52
CA MET A 83 -5.80 -2.13 3.23
C MET A 83 -6.94 -3.04 3.68
N LYS A 84 -6.84 -4.32 3.33
CA LYS A 84 -7.87 -5.29 3.69
C LYS A 84 -7.23 -6.61 4.13
N LYS A 85 -7.70 -7.14 5.25
CA LYS A 85 -7.18 -8.40 5.77
C LYS A 85 -7.21 -9.49 4.70
N ALA A 86 -6.20 -10.35 4.71
CA ALA A 86 -6.12 -11.44 3.74
C ALA A 86 -7.26 -12.43 3.93
N LEU A 87 -7.38 -13.38 3.00
CA LEU A 87 -8.43 -14.38 3.07
C LEU A 87 -8.04 -15.52 4.01
N SER A 88 -6.75 -15.83 4.05
CA SER A 88 -6.24 -16.89 4.91
C SER A 88 -6.40 -16.53 6.38
N GLY A 89 -6.47 -15.23 6.66
CA GLY A 89 -6.62 -14.78 8.04
C GLY A 89 -5.29 -14.51 8.71
N ASP A 90 -4.23 -15.09 8.16
CA ASP A 90 -2.89 -14.90 8.72
C ASP A 90 -2.03 -14.04 7.81
N SER A 91 -2.66 -13.07 7.15
CA SER A 91 -1.96 -12.17 6.25
C SER A 91 -2.82 -10.94 5.93
N TYR A 92 -2.23 -9.98 5.21
CA TYR A 92 -2.93 -8.76 4.85
C TYR A 92 -2.50 -8.29 3.46
N TRP A 93 -3.47 -7.83 2.68
CA TRP A 93 -3.20 -7.34 1.33
C TRP A 93 -3.44 -5.84 1.23
N VAL A 94 -2.48 -5.14 0.64
CA VAL A 94 -2.59 -3.69 0.48
C VAL A 94 -2.77 -3.31 -0.99
N PHE A 95 -3.97 -2.90 -1.35
CA PHE A 95 -4.27 -2.51 -2.72
C PHE A 95 -4.05 -1.01 -2.91
N VAL A 96 -3.07 -0.67 -3.73
CA VAL A 96 -2.76 0.73 -4.01
C VAL A 96 -2.71 1.00 -5.51
N LYS A 97 -3.38 2.06 -5.94
CA LYS A 97 -3.41 2.43 -7.36
C LYS A 97 -3.71 3.91 -7.53
N ARG A 98 -3.30 4.46 -8.66
CA ARG A 98 -3.52 5.87 -8.95
C ARG A 98 -5.01 6.22 -8.90
N VAL A 99 -5.35 7.28 -8.18
CA VAL A 99 -6.74 7.71 -8.06
C VAL A 99 -7.34 8.01 -9.43
N LYS A 100 -8.58 8.47 -9.43
CA LYS A 100 -9.28 8.80 -10.68
C LYS A 100 -8.43 9.73 -11.53
N LEU A 101 -8.59 9.61 -12.85
CA LEU A 101 -7.85 10.45 -13.79
C LEU A 101 -7.98 11.92 -13.44
N ALA A 102 -7.02 12.72 -13.89
CA ALA A 102 -7.04 14.16 -13.63
C ALA A 102 -6.60 14.94 -14.86
N ALA A 103 -6.45 16.26 -14.70
CA ALA A 103 -6.03 17.12 -15.80
C ALA A 103 -4.54 16.99 -16.05
N ALA A 104 -4.18 16.27 -17.11
CA ALA A 104 -2.78 16.07 -17.46
C ALA A 104 -2.61 15.88 -18.96
N LEU A 105 -1.76 16.69 -19.57
CA LEU A 105 -1.51 16.60 -21.01
C LEU A 105 -0.20 15.88 -21.29
N GLU A 106 -0.05 15.40 -22.53
CA GLU A 106 1.17 14.70 -22.93
C GLU A 106 1.14 14.37 -24.41
N HIS A 107 2.17 14.84 -25.13
CA HIS A 107 2.26 14.60 -26.57
C HIS A 107 3.43 13.67 -26.89
N HIS A 108 3.49 13.22 -28.13
CA HIS A 108 4.55 12.32 -28.56
C HIS A 108 4.86 12.51 -30.05
N HIS A 109 6.07 12.96 -30.35
CA HIS A 109 6.49 13.19 -31.73
C HIS A 109 7.83 12.52 -32.01
N HIS A 110 7.81 11.50 -32.85
CA HIS A 110 9.03 10.77 -33.21
C HIS A 110 9.45 11.09 -34.64
N HIS A 111 10.36 12.06 -34.78
CA HIS A 111 10.85 12.45 -36.09
C HIS A 111 11.68 11.35 -36.73
N HIS A 112 11.76 11.35 -38.06
CA HIS A 112 12.52 10.34 -38.78
C HIS A 112 14.00 10.69 -38.79
N1 O1F B . 6.83 8.41 0.74
C4 O1F B . 4.84 5.56 -0.34
C5 O1F B . 3.39 2.34 -1.79
C6 O1F B . 4.77 4.22 -1.04
C7 O1F B . 4.52 1.72 -2.33
C8 O1F B . 3.50 3.59 -1.14
C10 O1F B . 5.88 6.40 -0.11
C1 O1F B . 1.11 3.72 -0.64
O3 O1F B . 2.41 4.20 -0.62
O1 O1F B . 4.39 0.53 -2.94
C9 O1F B . 5.78 2.32 -2.24
O4 O1F B . 6.83 1.67 -2.77
C2 O1F B . 8.15 2.10 -2.78
C3 O1F B . 5.89 3.57 -1.60
S2 O1F B . 7.61 6.19 -0.61
C12 O1F B . 7.95 7.77 0.16
S1 O1F B . 9.25 8.36 0.18
C11 O1F B . 5.71 7.68 0.60
O2 O1F B . 4.63 8.07 1.05
H8 O1F B . 6.86 9.32 1.22
H45 O1F B . 3.88 5.91 0.05
H21 O1F B . 2.44 1.84 -1.89
H332 O1F B . 0.44 4.46 -0.13
H333 O1F B . 1.05 2.76 -0.10
H331 O1F B . 0.76 3.61 -1.69
H231 O1F B . 8.77 1.35 -3.29
H232 O1F B . 8.51 2.22 -1.73
H233 O1F B . 8.22 3.07 -3.32
H32 O1F B . 6.86 3.99 -1.54
N MET A 1 -4.33 -0.51 -13.59
CA MET A 1 -3.22 -1.29 -13.05
C MET A 1 -2.99 -0.97 -11.58
N PHE A 2 -3.61 -1.75 -10.71
CA PHE A 2 -3.48 -1.55 -9.28
C PHE A 2 -2.44 -2.51 -8.68
N GLY A 3 -1.65 -2.00 -7.73
CA GLY A 3 -0.63 -2.81 -7.11
C GLY A 3 -1.14 -3.50 -5.85
N ALA A 4 -0.40 -4.51 -5.39
CA ALA A 4 -0.77 -5.24 -4.19
C ALA A 4 0.45 -5.62 -3.37
N ILE A 5 0.37 -5.39 -2.06
CA ILE A 5 1.48 -5.70 -1.17
C ILE A 5 1.04 -6.66 -0.06
N GLN A 6 1.62 -7.86 -0.05
CA GLN A 6 1.30 -8.86 0.96
C GLN A 6 2.20 -8.73 2.18
N LEU A 7 1.64 -8.21 3.27
CA LEU A 7 2.39 -8.03 4.51
C LEU A 7 1.89 -8.98 5.59
N ASP A 8 2.66 -9.10 6.67
CA ASP A 8 2.30 -9.96 7.77
C ASP A 8 1.82 -9.14 8.97
N GLY A 9 1.44 -9.84 10.04
CA GLY A 9 0.97 -9.16 11.24
C GLY A 9 2.03 -8.28 11.87
N ASP A 10 3.29 -8.67 11.70
CA ASP A 10 4.40 -7.91 12.26
C ASP A 10 4.66 -6.65 11.44
N GLY A 11 4.18 -6.63 10.20
CA GLY A 11 4.38 -5.48 9.34
C GLY A 11 5.56 -5.65 8.40
N ASN A 12 5.87 -6.89 8.06
CA ASN A 12 6.97 -7.18 7.15
C ASN A 12 6.47 -7.58 5.78
N ILE A 13 7.30 -7.37 4.76
CA ILE A 13 6.94 -7.70 3.39
C ILE A 13 7.05 -9.19 3.14
N LEU A 14 6.00 -9.79 2.59
CA LEU A 14 5.99 -11.21 2.30
C LEU A 14 5.93 -11.46 0.79
N GLN A 15 5.13 -10.67 0.09
CA GLN A 15 5.00 -10.81 -1.35
C GLN A 15 4.68 -9.46 -2.00
N TYR A 16 5.49 -9.08 -2.98
CA TYR A 16 5.31 -7.80 -3.68
C TYR A 16 4.85 -8.04 -5.11
N ASN A 17 3.69 -7.48 -5.44
CA ASN A 17 3.14 -7.61 -6.79
C ASN A 17 4.04 -6.96 -7.83
N ALA A 18 3.90 -7.38 -9.08
CA ALA A 18 4.70 -6.83 -10.16
C ALA A 18 4.26 -5.42 -10.51
N ALA A 19 2.95 -5.21 -10.59
CA ALA A 19 2.40 -3.91 -10.92
C ALA A 19 2.98 -2.82 -10.01
N GGL A 20 2.79 -2.98 -8.71
CA GGL A 20 3.30 -2.01 -7.76
C GGL A 20 4.79 -1.78 -7.99
O GGL A 20 5.30 -0.65 -7.93
CB GGL A 20 3.03 -2.46 -6.32
CG GGL A 20 3.30 -1.33 -5.32
CD GGL A 20 2.10 -0.39 -5.23
OE1 GGL A 20 1.41 -0.16 -6.24
OE2 GGL A 20 1.89 0.10 -4.05
H GGL A 20 2.30 -3.75 -8.30
HA GGL A 20 2.75 -1.10 -7.95
HB2 GGL A 20 2.00 -2.80 -6.22
HB3 GGL A 20 3.68 -3.32 -6.08
HG2 GGL A 20 3.53 -1.75 -4.34
HG3 GGL A 20 4.18 -0.76 -5.64
HE2 GGL A 20 2.68 0.63 -3.76
N GLY A 21 5.50 -2.87 -8.25
CA GLY A 21 6.93 -2.79 -8.49
C GLY A 21 7.28 -1.80 -9.59
N ASP A 22 6.42 -1.71 -10.60
CA ASP A 22 6.64 -0.79 -11.72
C ASP A 22 6.21 0.63 -11.34
N ILE A 23 5.01 0.75 -10.79
CA ILE A 23 4.48 2.04 -10.39
C ILE A 23 5.43 2.75 -9.42
N THR A 24 6.07 1.98 -8.55
CA THR A 24 7.00 2.54 -7.57
C THR A 24 8.40 2.66 -8.17
N GLY A 25 8.77 1.68 -8.99
CA GLY A 25 10.09 1.70 -9.61
C GLY A 25 11.19 1.33 -8.64
N ARG A 26 10.84 0.52 -7.64
CA ARG A 26 11.81 0.08 -6.64
C ARG A 26 12.12 -1.40 -6.79
N ASP A 27 12.81 -1.97 -5.81
CA ASP A 27 13.17 -3.37 -5.82
C ASP A 27 12.27 -4.19 -4.90
N PRO A 28 11.27 -4.85 -5.49
CA PRO A 28 10.31 -5.67 -4.74
C PRO A 28 10.95 -6.94 -4.17
N LYS A 29 11.93 -7.47 -4.89
CA LYS A 29 12.63 -8.68 -4.46
C LYS A 29 13.63 -8.36 -3.36
N GLN A 30 14.15 -7.14 -3.37
CA GLN A 30 15.12 -6.72 -2.37
C GLN A 30 14.43 -6.38 -1.05
N VAL A 31 13.18 -5.93 -1.13
CA VAL A 31 12.41 -5.57 0.05
C VAL A 31 11.58 -6.75 0.55
N ILE A 32 12.05 -7.96 0.23
CA ILE A 32 11.35 -9.17 0.66
C ILE A 32 11.70 -9.53 2.09
N GLY A 33 10.74 -9.36 3.00
CA GLY A 33 10.97 -9.68 4.39
C GLY A 33 11.24 -8.45 5.22
N LYS A 34 11.77 -7.41 4.59
CA LYS A 34 12.08 -6.16 5.28
C LYS A 34 10.81 -5.35 5.53
N ASN A 35 10.86 -4.49 6.54
CA ASN A 35 9.73 -3.65 6.89
C ASN A 35 9.44 -2.63 5.79
N PHE A 36 8.19 -2.60 5.33
CA PHE A 36 7.79 -1.68 4.27
C PHE A 36 7.47 -0.30 4.85
N PHE A 37 7.22 -0.25 6.15
CA PHE A 37 6.90 0.99 6.84
C PHE A 37 8.14 1.61 7.48
N LYS A 38 9.15 0.78 7.70
CA LYS A 38 10.40 1.23 8.31
C LYS A 38 11.52 1.30 7.27
N ASP A 39 11.58 0.30 6.40
CA ASP A 39 12.60 0.25 5.37
C ASP A 39 12.10 0.92 4.09
N VAL A 40 11.18 0.27 3.41
CA VAL A 40 10.62 0.80 2.16
C VAL A 40 10.18 2.26 2.35
N ALA A 41 9.18 2.46 3.20
CA ALA A 41 8.67 3.81 3.46
C ALA A 41 8.75 4.14 4.94
N PRO A 42 9.90 4.67 5.37
CA PRO A 42 10.13 5.05 6.77
C PRO A 42 9.32 6.26 7.19
N GLY A 43 9.02 7.14 6.22
CA GLY A 43 8.25 8.32 6.51
C GLY A 43 6.78 8.02 6.73
N THR A 44 6.27 7.01 6.03
CA THR A 44 4.88 6.62 6.16
C THR A 44 4.55 6.18 7.59
N ASP A 45 5.60 5.87 8.35
CA ASP A 45 5.43 5.43 9.73
C ASP A 45 4.72 6.49 10.55
N SER A 46 3.40 6.33 10.72
CA SER A 46 2.60 7.28 11.49
C SER A 46 1.51 6.56 12.26
N PRO A 47 0.94 7.25 13.26
CA PRO A 47 -0.13 6.71 14.10
C PRO A 47 -1.44 6.55 13.34
N GLU A 48 -1.61 7.35 12.29
CA GLU A 48 -2.83 7.31 11.48
C GLU A 48 -2.77 6.15 10.49
N PHE A 49 -1.56 5.86 10.00
CA PHE A 49 -1.37 4.78 9.04
C PHE A 49 -0.98 3.48 9.75
N TYR A 50 0.23 3.46 10.31
CA TYR A 50 0.73 2.29 11.01
C TYR A 50 -0.18 1.94 12.19
N GLY A 51 -0.53 2.95 12.97
CA GLY A 51 -1.40 2.72 14.12
C GLY A 51 -2.65 1.96 13.77
N LYS A 52 -3.31 2.37 12.69
CA LYS A 52 -4.53 1.71 12.24
C LYS A 52 -4.25 0.27 11.82
N PHE A 53 -3.13 0.07 11.13
CA PHE A 53 -2.75 -1.26 10.67
C PHE A 53 -2.64 -2.23 11.84
N LYS A 54 -1.94 -1.81 12.89
CA LYS A 54 -1.76 -2.63 14.08
C LYS A 54 -3.10 -2.97 14.72
N GLU A 55 -3.94 -1.97 14.89
CA GLU A 55 -5.26 -2.16 15.49
C GLU A 55 -6.01 -3.28 14.78
N GLY A 56 -6.20 -3.13 13.48
CA GLY A 56 -6.90 -4.14 12.71
C GLY A 56 -6.32 -5.52 12.88
N VAL A 57 -4.99 -5.60 12.93
CA VAL A 57 -4.31 -6.88 13.10
C VAL A 57 -4.73 -7.57 14.39
N ALA A 58 -4.82 -6.79 15.46
CA ALA A 58 -5.22 -7.32 16.76
C ALA A 58 -6.66 -7.82 16.73
N SER A 59 -7.53 -7.07 16.04
CA SER A 59 -8.93 -7.43 15.94
C SER A 59 -9.12 -8.65 15.03
N GLY A 60 -8.28 -8.74 14.00
CA GLY A 60 -8.37 -9.85 13.07
C GLY A 60 -9.11 -9.48 11.80
N ASN A 61 -9.04 -8.21 11.42
CA ASN A 61 -9.72 -7.74 10.22
C ASN A 61 -9.49 -6.24 10.02
N LEU A 62 -8.41 -5.91 9.32
CA LEU A 62 -8.07 -4.51 9.06
C LEU A 62 -8.72 -4.03 7.77
N ASN A 63 -9.79 -3.25 7.90
CA ASN A 63 -10.50 -2.72 6.74
C ASN A 63 -10.47 -1.20 6.73
N THR A 64 -9.61 -0.63 5.91
CA THR A 64 -9.48 0.82 5.80
C THR A 64 -9.32 1.26 4.35
N MET A 65 -9.91 2.39 4.01
CA MET A 65 -9.83 2.93 2.65
C MET A 65 -9.59 4.43 2.67
N PHE A 66 -8.39 4.84 2.26
CA PHE A 66 -8.04 6.25 2.24
C PHE A 66 -7.05 6.54 1.10
N GLU A 67 -6.61 7.80 1.02
CA GLU A 67 -5.68 8.20 -0.02
C GLU A 67 -4.32 8.54 0.57
N TRP A 68 -3.29 8.49 -0.26
CA TRP A 68 -1.94 8.79 0.19
C TRP A 68 -1.12 9.43 -0.94
N MET A 69 -0.07 10.16 -0.57
CA MET A 69 0.79 10.82 -1.54
C MET A 69 2.17 10.16 -1.59
N ILE A 70 2.64 9.88 -2.80
CA ILE A 70 3.95 9.26 -2.98
C ILE A 70 4.91 10.18 -3.72
N PRO A 71 5.69 10.96 -2.97
CA PRO A 71 6.67 11.90 -3.53
C PRO A 71 7.84 11.19 -4.18
N THR A 72 8.02 11.44 -5.48
CA THR A 72 9.12 10.82 -6.23
C THR A 72 9.96 11.87 -6.93
N SER A 73 10.99 11.41 -7.64
CA SER A 73 11.89 12.31 -8.35
C SER A 73 11.13 13.12 -9.40
N ARG A 74 10.15 12.47 -10.03
CA ARG A 74 9.34 13.12 -11.06
C ARG A 74 8.33 14.08 -10.44
N GLY A 75 8.06 13.90 -9.15
CA GLY A 75 7.13 14.76 -8.46
C GLY A 75 6.15 13.98 -7.60
N PRO A 76 5.27 14.70 -6.88
CA PRO A 76 4.27 14.09 -6.00
C PRO A 76 3.18 13.36 -6.78
N THR A 77 2.99 12.08 -6.47
CA THR A 77 1.98 11.28 -7.14
C THR A 77 0.89 10.85 -6.17
N LYS A 78 -0.31 11.38 -6.36
CA LYS A 78 -1.44 11.05 -5.51
C LYS A 78 -2.05 9.71 -5.90
N VAL A 79 -2.16 8.80 -4.93
CA VAL A 79 -2.71 7.48 -5.17
C VAL A 79 -3.61 7.04 -4.02
N LYS A 80 -4.51 6.10 -4.30
CA LYS A 80 -5.42 5.60 -3.29
C LYS A 80 -4.84 4.38 -2.58
N VAL A 81 -4.83 4.43 -1.25
CA VAL A 81 -4.30 3.32 -0.45
C VAL A 81 -5.42 2.61 0.31
N HIS A 82 -5.58 1.32 0.02
CA HIS A 82 -6.61 0.52 0.68
C HIS A 82 -6.01 -0.75 1.28
N MET A 83 -6.18 -0.91 2.58
CA MET A 83 -5.65 -2.08 3.29
C MET A 83 -6.78 -3.00 3.73
N LYS A 84 -6.74 -4.24 3.27
CA LYS A 84 -7.77 -5.23 3.62
C LYS A 84 -7.12 -6.55 4.05
N LYS A 85 -7.62 -7.10 5.15
CA LYS A 85 -7.09 -8.36 5.67
C LYS A 85 -7.16 -9.45 4.61
N ALA A 86 -6.15 -10.32 4.61
CA ALA A 86 -6.09 -11.42 3.63
C ALA A 86 -7.35 -12.27 3.71
N LEU A 87 -7.55 -13.10 2.68
CA LEU A 87 -8.72 -13.98 2.62
C LEU A 87 -8.49 -15.24 3.44
N SER A 88 -7.24 -15.72 3.44
CA SER A 88 -6.89 -16.93 4.17
C SER A 88 -6.99 -16.70 5.68
N GLY A 89 -6.87 -15.44 6.09
CA GLY A 89 -6.94 -15.10 7.49
C GLY A 89 -5.60 -15.22 8.20
N ASP A 90 -4.52 -15.09 7.44
CA ASP A 90 -3.18 -15.19 7.99
C ASP A 90 -2.22 -14.24 7.28
N SER A 91 -2.74 -13.08 6.89
CA SER A 91 -1.92 -12.09 6.20
C SER A 91 -2.75 -10.84 5.87
N TYR A 92 -2.12 -9.87 5.22
CA TYR A 92 -2.79 -8.63 4.85
C TYR A 92 -2.33 -8.15 3.48
N TRP A 93 -3.27 -7.66 2.68
CA TRP A 93 -2.96 -7.17 1.34
C TRP A 93 -3.29 -5.68 1.23
N VAL A 94 -2.36 -4.92 0.64
CA VAL A 94 -2.55 -3.49 0.47
C VAL A 94 -2.69 -3.13 -1.01
N PHE A 95 -3.89 -2.70 -1.40
CA PHE A 95 -4.15 -2.32 -2.78
C PHE A 95 -3.90 -0.84 -2.99
N VAL A 96 -2.87 -0.52 -3.79
CA VAL A 96 -2.52 0.86 -4.07
C VAL A 96 -2.62 1.15 -5.56
N LYS A 97 -3.42 2.15 -5.90
CA LYS A 97 -3.60 2.54 -7.30
C LYS A 97 -3.92 4.03 -7.42
N ARG A 98 -3.40 4.66 -8.47
CA ARG A 98 -3.62 6.08 -8.69
C ARG A 98 -5.11 6.38 -8.85
N VAL A 99 -5.59 7.34 -8.07
CA VAL A 99 -7.00 7.72 -8.11
C VAL A 99 -7.45 8.02 -9.54
N LYS A 100 -8.75 7.98 -9.77
CA LYS A 100 -9.31 8.25 -11.09
C LYS A 100 -9.32 9.75 -11.37
N LEU A 101 -8.82 10.12 -12.54
CA LEU A 101 -8.78 11.53 -12.94
C LEU A 101 -10.19 12.12 -13.00
N ALA A 102 -11.12 11.38 -13.60
CA ALA A 102 -12.49 11.84 -13.71
C ALA A 102 -13.45 10.86 -13.02
N ALA A 103 -14.67 11.33 -12.76
CA ALA A 103 -15.67 10.51 -12.09
C ALA A 103 -16.62 9.87 -13.10
N ALA A 104 -16.25 8.70 -13.60
CA ALA A 104 -17.07 7.99 -14.58
C ALA A 104 -17.68 6.73 -13.97
N LEU A 105 -18.98 6.56 -14.17
CA LEU A 105 -19.68 5.39 -13.64
C LEU A 105 -19.35 4.13 -14.45
N GLU A 106 -18.65 3.20 -13.80
CA GLU A 106 -18.27 1.95 -14.46
C GLU A 106 -19.14 0.80 -13.99
N HIS A 107 -19.22 -0.26 -14.79
CA HIS A 107 -20.01 -1.43 -14.46
C HIS A 107 -19.22 -2.39 -13.58
N HIS A 108 -19.80 -2.76 -12.45
CA HIS A 108 -19.16 -3.68 -11.52
C HIS A 108 -20.15 -4.17 -10.46
N HIS A 109 -19.70 -5.12 -9.64
CA HIS A 109 -20.55 -5.68 -8.59
C HIS A 109 -19.73 -5.98 -7.34
N HIS A 110 -20.04 -5.27 -6.25
CA HIS A 110 -19.33 -5.47 -4.99
C HIS A 110 -20.12 -4.86 -3.83
N HIS A 111 -20.24 -5.62 -2.74
CA HIS A 111 -20.96 -5.15 -1.57
C HIS A 111 -20.19 -4.04 -0.86
N HIS A 112 -20.88 -2.94 -0.58
CA HIS A 112 -20.26 -1.80 0.09
C HIS A 112 -20.21 -2.03 1.60
N1 O1F B . 7.23 8.48 0.46
C4 O1F B . 5.03 5.73 -0.42
C5 O1F B . 3.34 2.53 -1.65
C6 O1F B . 4.86 4.36 -1.03
C7 O1F B . 4.41 1.80 -2.16
C8 O1F B . 3.54 3.81 -1.08
C10 O1F B . 6.13 6.51 -0.26
C1 O1F B . 1.18 4.14 -0.56
O3 O1F B . 2.50 4.53 -0.58
O1 O1F B . 4.18 0.59 -2.69
C9 O1F B . 5.70 2.32 -2.13
O4 O1F B . 6.71 1.57 -2.64
C2 O1F B . 8.04 1.91 -2.68
C3 O1F B . 5.92 3.59 -1.57
S2 O1F B . 7.83 6.15 -0.77
C12 O1F B . 8.29 7.74 -0.10
S1 O1F B . 9.64 8.23 -0.14
C11 O1F B . 6.06 7.84 0.38
O2 O1F B . 5.02 8.33 0.82
H8 O1F B . 7.33 9.43 0.88
H45 O1F B . 4.11 6.17 -0.04
H21 O1F B . 2.35 2.10 -1.70
H332 O1F B . 0.58 4.95 -0.08
H333 O1F B . 1.06 3.22 0.05
H331 O1F B . 0.80 3.98 -1.59
H231 O1F B . 8.61 1.09 -3.16
H232 O1F B . 8.44 2.06 -1.66
H233 O1F B . 8.18 2.83 -3.28
H32 O1F B . 6.92 3.95 -1.54
N MET A 1 -5.60 -0.11 -12.89
CA MET A 1 -4.25 -0.62 -12.69
C MET A 1 -3.76 -0.33 -11.27
N PHE A 2 -3.93 -1.30 -10.39
CA PHE A 2 -3.50 -1.15 -8.99
C PHE A 2 -2.55 -2.27 -8.59
N GLY A 3 -1.75 -2.02 -7.55
CA GLY A 3 -0.81 -3.01 -7.08
C GLY A 3 -1.30 -3.74 -5.85
N ALA A 4 -0.64 -4.85 -5.51
CA ALA A 4 -1.02 -5.64 -4.35
C ALA A 4 0.20 -5.98 -3.50
N ILE A 5 0.17 -5.57 -2.23
CA ILE A 5 1.27 -5.82 -1.32
C ILE A 5 0.81 -6.67 -0.13
N GLN A 6 1.32 -7.89 -0.05
CA GLN A 6 0.96 -8.79 1.04
C GLN A 6 1.94 -8.65 2.20
N LEU A 7 1.46 -8.05 3.29
CA LEU A 7 2.28 -7.85 4.48
C LEU A 7 1.85 -8.77 5.61
N ASP A 8 2.67 -8.87 6.63
CA ASP A 8 2.37 -9.72 7.78
C ASP A 8 2.01 -8.88 9.00
N GLY A 9 1.63 -9.55 10.08
CA GLY A 9 1.26 -8.85 11.30
C GLY A 9 2.42 -8.08 11.90
N ASP A 10 3.63 -8.54 11.64
CA ASP A 10 4.83 -7.90 12.16
C ASP A 10 5.12 -6.61 11.39
N GLY A 11 4.58 -6.51 10.18
CA GLY A 11 4.80 -5.33 9.38
C GLY A 11 5.89 -5.53 8.34
N ASN A 12 6.09 -6.78 7.94
CA ASN A 12 7.12 -7.11 6.95
C ASN A 12 6.49 -7.42 5.59
N ILE A 13 7.30 -7.36 4.54
CA ILE A 13 6.82 -7.64 3.20
C ILE A 13 6.87 -9.13 2.90
N LEU A 14 5.75 -9.67 2.42
CA LEU A 14 5.66 -11.09 2.10
C LEU A 14 5.56 -11.30 0.59
N GLN A 15 4.79 -10.44 -0.07
CA GLN A 15 4.61 -10.54 -1.51
C GLN A 15 4.42 -9.14 -2.12
N TYR A 16 5.21 -8.85 -3.15
CA TYR A 16 5.14 -7.55 -3.82
C TYR A 16 4.86 -7.72 -5.31
N ASN A 17 3.84 -7.03 -5.80
CA ASN A 17 3.47 -7.11 -7.20
C ASN A 17 4.46 -6.35 -8.07
N ALA A 18 4.45 -6.63 -9.37
CA ALA A 18 5.34 -5.97 -10.31
C ALA A 18 4.83 -4.57 -10.65
N ALA A 19 3.51 -4.43 -10.75
CA ALA A 19 2.90 -3.15 -11.07
C ALA A 19 3.38 -2.05 -10.14
N GGL A 20 3.13 -2.23 -8.85
CA GGL A 20 3.55 -1.25 -7.85
C GGL A 20 5.06 -1.03 -7.93
O GGL A 20 5.57 0.07 -7.79
CB GGL A 20 3.12 -1.68 -6.45
CG GGL A 20 3.39 -0.56 -5.43
CD GGL A 20 2.33 0.53 -5.54
OE1 GGL A 20 1.41 0.43 -6.36
OE2 GGL A 20 2.49 1.52 -4.72
H GGL A 20 2.66 -3.03 -8.47
HA GGL A 20 3.03 -0.33 -8.12
HB2 GGL A 20 2.07 -1.93 -6.45
HB3 GGL A 20 3.66 -2.58 -6.16
HG2 GGL A 20 3.40 -0.97 -4.43
HG3 GGL A 20 4.38 -0.14 -5.61
HE2 GGL A 20 2.79 1.18 -3.83
N GLY A 21 5.78 -2.13 -8.14
CA GLY A 21 7.23 -2.07 -8.24
C GLY A 21 7.70 -1.09 -9.28
N ASP A 22 6.99 -1.03 -10.41
CA ASP A 22 7.34 -0.12 -11.50
C ASP A 22 6.92 1.31 -11.16
N ILE A 23 5.74 1.45 -10.55
CA ILE A 23 5.23 2.76 -10.18
C ILE A 23 6.10 3.40 -9.09
N THR A 24 6.60 2.58 -8.18
CA THR A 24 7.45 3.07 -7.10
C THR A 24 8.90 3.22 -7.55
N GLY A 25 9.39 2.24 -8.30
CA GLY A 25 10.75 2.28 -8.78
C GLY A 25 11.68 1.40 -7.96
N ARG A 26 11.14 0.36 -7.36
CA ARG A 26 11.93 -0.57 -6.55
C ARG A 26 11.60 -2.01 -6.89
N ASP A 27 12.63 -2.86 -6.85
CA ASP A 27 12.45 -4.28 -7.15
C ASP A 27 11.58 -4.96 -6.10
N PRO A 28 10.94 -6.07 -6.49
CA PRO A 28 10.06 -6.83 -5.60
C PRO A 28 10.83 -7.55 -4.50
N LYS A 29 11.87 -8.29 -4.89
CA LYS A 29 12.70 -9.03 -3.95
C LYS A 29 13.54 -8.08 -3.10
N GLN A 30 13.90 -6.94 -3.69
CA GLN A 30 14.70 -5.94 -2.99
C GLN A 30 13.97 -5.41 -1.76
N VAL A 31 12.64 -5.37 -1.85
CA VAL A 31 11.81 -4.89 -0.75
C VAL A 31 11.26 -6.04 0.08
N ILE A 32 10.97 -7.15 -0.59
CA ILE A 32 10.44 -8.33 0.07
C ILE A 32 11.40 -8.85 1.14
N GLY A 33 10.89 -9.01 2.36
CA GLY A 33 11.72 -9.50 3.45
C GLY A 33 12.00 -8.43 4.48
N LYS A 34 11.97 -7.17 4.05
CA LYS A 34 12.24 -6.06 4.94
C LYS A 34 10.95 -5.33 5.30
N ASN A 35 11.05 -4.33 6.18
CA ASN A 35 9.89 -3.56 6.60
C ASN A 35 9.50 -2.54 5.54
N PHE A 36 8.25 -2.59 5.10
CA PHE A 36 7.74 -1.68 4.09
C PHE A 36 7.35 -0.34 4.72
N PHE A 37 7.15 -0.35 6.03
CA PHE A 37 6.77 0.86 6.75
C PHE A 37 7.99 1.58 7.31
N LYS A 38 9.11 0.86 7.39
CA LYS A 38 10.34 1.43 7.90
C LYS A 38 11.36 1.61 6.78
N ASP A 39 11.59 0.55 6.01
CA ASP A 39 12.54 0.59 4.90
C ASP A 39 11.90 1.25 3.67
N VAL A 40 10.98 0.54 3.05
CA VAL A 40 10.30 1.05 1.86
C VAL A 40 9.77 2.47 2.09
N ALA A 41 8.81 2.59 3.00
CA ALA A 41 8.23 3.88 3.32
C ALA A 41 8.49 4.26 4.78
N PRO A 42 9.65 4.88 5.04
CA PRO A 42 10.04 5.31 6.38
C PRO A 42 9.19 6.47 6.89
N GLY A 43 8.70 7.29 5.97
CA GLY A 43 7.87 8.42 6.35
C GLY A 43 6.47 8.01 6.77
N THR A 44 5.96 6.95 6.15
CA THR A 44 4.63 6.46 6.46
C THR A 44 4.53 6.01 7.92
N ASP A 45 5.69 5.79 8.54
CA ASP A 45 5.73 5.37 9.94
C ASP A 45 5.04 6.38 10.84
N SER A 46 3.78 6.11 11.17
CA SER A 46 3.00 7.00 12.02
C SER A 46 1.85 6.25 12.69
N PRO A 47 1.29 6.84 13.75
CA PRO A 47 0.17 6.25 14.50
C PRO A 47 -1.12 6.25 13.69
N GLU A 48 -1.26 7.22 12.81
CA GLU A 48 -2.46 7.33 11.97
C GLU A 48 -2.53 6.18 10.98
N PHE A 49 -1.37 5.73 10.51
CA PHE A 49 -1.31 4.62 9.55
C PHE A 49 -0.97 3.32 10.26
N TYR A 50 0.25 3.22 10.76
CA TYR A 50 0.70 2.02 11.46
C TYR A 50 -0.25 1.66 12.60
N GLY A 51 -0.58 2.67 13.41
CA GLY A 51 -1.47 2.45 14.54
C GLY A 51 -2.75 1.75 14.12
N LYS A 52 -3.36 2.22 13.04
CA LYS A 52 -4.60 1.64 12.55
C LYS A 52 -4.39 0.19 12.13
N PHE A 53 -3.28 -0.08 11.46
CA PHE A 53 -2.95 -1.43 11.00
C PHE A 53 -2.91 -2.40 12.18
N LYS A 54 -2.23 -2.01 13.24
CA LYS A 54 -2.11 -2.84 14.44
C LYS A 54 -3.49 -3.13 15.03
N GLU A 55 -4.30 -2.09 15.18
CA GLU A 55 -5.65 -2.24 15.74
C GLU A 55 -6.42 -3.33 15.00
N GLY A 56 -6.46 -3.23 13.68
CA GLY A 56 -7.16 -4.21 12.87
C GLY A 56 -6.63 -5.61 13.06
N VAL A 57 -5.30 -5.72 13.22
CA VAL A 57 -4.66 -7.01 13.41
C VAL A 57 -5.17 -7.70 14.66
N ALA A 58 -5.22 -6.97 15.77
CA ALA A 58 -5.68 -7.51 17.03
C ALA A 58 -7.15 -7.92 16.95
N SER A 59 -7.95 -7.11 16.26
CA SER A 59 -9.38 -7.40 16.10
C SER A 59 -9.59 -8.61 15.19
N GLY A 60 -8.72 -8.75 14.20
CA GLY A 60 -8.83 -9.86 13.27
C GLY A 60 -9.57 -9.50 12.00
N ASN A 61 -9.46 -8.23 11.61
CA ASN A 61 -10.13 -7.75 10.40
C ASN A 61 -9.85 -6.27 10.18
N LEU A 62 -8.74 -5.97 9.52
CA LEU A 62 -8.35 -4.60 9.24
C LEU A 62 -8.98 -4.10 7.93
N ASN A 63 -10.01 -3.28 8.05
CA ASN A 63 -10.69 -2.74 6.88
C ASN A 63 -10.59 -1.22 6.84
N THR A 64 -9.70 -0.72 5.98
CA THR A 64 -9.51 0.72 5.85
C THR A 64 -9.37 1.12 4.38
N MET A 65 -9.94 2.27 4.02
CA MET A 65 -9.88 2.76 2.66
C MET A 65 -9.72 4.28 2.64
N PHE A 66 -8.55 4.74 2.21
CA PHE A 66 -8.27 6.17 2.15
C PHE A 66 -7.25 6.47 1.05
N GLU A 67 -6.88 7.75 0.93
CA GLU A 67 -5.93 8.17 -0.08
C GLU A 67 -4.57 8.51 0.56
N TRP A 68 -3.52 8.42 -0.25
CA TRP A 68 -2.17 8.71 0.25
C TRP A 68 -1.33 9.34 -0.86
N MET A 69 -0.27 10.04 -0.46
CA MET A 69 0.63 10.69 -1.42
C MET A 69 1.97 9.98 -1.47
N ILE A 70 2.52 9.83 -2.67
CA ILE A 70 3.80 9.18 -2.85
C ILE A 70 4.76 10.03 -3.67
N PRO A 71 5.58 10.84 -2.97
CA PRO A 71 6.55 11.72 -3.61
C PRO A 71 7.70 10.95 -4.26
N THR A 72 7.87 11.16 -5.56
CA THR A 72 8.93 10.48 -6.31
C THR A 72 9.77 11.49 -7.11
N SER A 73 10.75 10.98 -7.84
CA SER A 73 11.62 11.82 -8.65
C SER A 73 10.81 12.59 -9.68
N ARG A 74 9.79 11.95 -10.24
CA ARG A 74 8.94 12.58 -11.24
C ARG A 74 7.97 13.57 -10.60
N GLY A 75 7.76 13.41 -9.30
CA GLY A 75 6.86 14.30 -8.59
C GLY A 75 5.89 13.55 -7.69
N PRO A 76 5.02 14.29 -6.99
CA PRO A 76 4.03 13.71 -6.08
C PRO A 76 2.94 12.95 -6.84
N THR A 77 2.74 11.69 -6.46
CA THR A 77 1.72 10.86 -7.09
C THR A 77 0.63 10.46 -6.10
N LYS A 78 -0.59 10.89 -6.38
CA LYS A 78 -1.72 10.58 -5.51
C LYS A 78 -2.29 9.20 -5.82
N VAL A 79 -2.32 8.33 -4.81
CA VAL A 79 -2.84 6.98 -4.99
C VAL A 79 -3.73 6.58 -3.81
N LYS A 80 -4.71 5.73 -4.09
CA LYS A 80 -5.63 5.28 -3.05
C LYS A 80 -5.08 4.05 -2.34
N VAL A 81 -4.87 4.18 -1.03
CA VAL A 81 -4.34 3.09 -0.22
C VAL A 81 -5.45 2.37 0.52
N HIS A 82 -5.66 1.10 0.20
CA HIS A 82 -6.69 0.30 0.83
C HIS A 82 -6.10 -0.96 1.46
N MET A 83 -6.30 -1.13 2.76
CA MET A 83 -5.78 -2.28 3.48
C MET A 83 -6.91 -3.21 3.91
N LYS A 84 -6.85 -4.45 3.47
CA LYS A 84 -7.87 -5.44 3.81
C LYS A 84 -7.24 -6.73 4.29
N LYS A 85 -7.74 -7.26 5.40
CA LYS A 85 -7.23 -8.50 5.97
C LYS A 85 -7.24 -9.62 4.92
N ALA A 86 -6.28 -10.53 5.04
CA ALA A 86 -6.18 -11.65 4.11
C ALA A 86 -7.38 -12.59 4.26
N LEU A 87 -7.52 -13.51 3.31
CA LEU A 87 -8.62 -14.47 3.32
C LEU A 87 -8.31 -15.64 4.26
N SER A 88 -7.05 -16.07 4.25
CA SER A 88 -6.62 -17.19 5.09
C SER A 88 -6.66 -16.79 6.56
N GLY A 89 -6.56 -15.50 6.82
CA GLY A 89 -6.59 -15.02 8.20
C GLY A 89 -5.21 -15.01 8.84
N ASP A 90 -4.17 -14.90 8.01
CA ASP A 90 -2.81 -14.89 8.50
C ASP A 90 -1.94 -13.95 7.66
N SER A 91 -2.53 -12.85 7.22
CA SER A 91 -1.81 -11.87 6.41
C SER A 91 -2.71 -10.69 6.05
N TYR A 92 -2.16 -9.73 5.32
CA TYR A 92 -2.92 -8.55 4.91
C TYR A 92 -2.47 -8.07 3.53
N TRP A 93 -3.44 -7.67 2.71
CA TRP A 93 -3.14 -7.19 1.37
C TRP A 93 -3.41 -5.70 1.26
N VAL A 94 -2.53 -4.99 0.55
CA VAL A 94 -2.68 -3.55 0.37
C VAL A 94 -2.91 -3.20 -1.10
N PHE A 95 -4.11 -2.71 -1.41
CA PHE A 95 -4.44 -2.34 -2.78
C PHE A 95 -4.12 -0.87 -3.04
N VAL A 96 -3.17 -0.64 -3.95
CA VAL A 96 -2.77 0.73 -4.29
C VAL A 96 -3.18 1.07 -5.71
N LYS A 97 -4.09 2.02 -5.84
CA LYS A 97 -4.58 2.46 -7.15
C LYS A 97 -4.13 3.88 -7.45
N ARG A 98 -3.73 4.11 -8.70
CA ARG A 98 -3.28 5.43 -9.11
C ARG A 98 -4.41 6.24 -9.73
N VAL A 99 -4.78 7.34 -9.08
CA VAL A 99 -5.86 8.20 -9.56
C VAL A 99 -5.32 9.31 -10.44
N LYS A 100 -4.38 8.97 -11.31
CA LYS A 100 -3.77 9.95 -12.21
C LYS A 100 -4.31 9.78 -13.63
N LEU A 101 -4.74 8.56 -13.96
CA LEU A 101 -5.28 8.26 -15.28
C LEU A 101 -6.59 7.51 -15.18
N ALA A 102 -7.60 7.97 -15.92
CA ALA A 102 -8.90 7.33 -15.91
C ALA A 102 -9.37 7.00 -17.32
N ALA A 103 -8.76 5.98 -17.92
CA ALA A 103 -9.12 5.57 -19.28
C ALA A 103 -8.61 4.16 -19.57
N ALA A 104 -9.42 3.39 -20.29
CA ALA A 104 -9.04 2.03 -20.65
C ALA A 104 -9.96 1.47 -21.73
N LEU A 105 -9.41 1.25 -22.91
CA LEU A 105 -10.18 0.72 -24.04
C LEU A 105 -9.59 -0.59 -24.54
N GLU A 106 -10.45 -1.49 -25.01
CA GLU A 106 -10.00 -2.78 -25.51
C GLU A 106 -10.88 -3.24 -26.68
N HIS A 107 -10.26 -3.68 -27.75
CA HIS A 107 -10.97 -4.15 -28.93
C HIS A 107 -10.18 -5.22 -29.67
N HIS A 108 -10.88 -6.04 -30.46
CA HIS A 108 -10.23 -7.10 -31.22
C HIS A 108 -9.42 -8.00 -30.30
N HIS A 109 -10.02 -8.39 -29.18
CA HIS A 109 -9.35 -9.26 -28.22
C HIS A 109 -9.18 -10.67 -28.79
N HIS A 110 -10.17 -11.12 -29.56
CA HIS A 110 -10.13 -12.45 -30.17
C HIS A 110 -8.85 -12.63 -30.97
N HIS A 111 -8.59 -11.71 -31.90
CA HIS A 111 -7.41 -11.78 -32.73
C HIS A 111 -6.14 -11.78 -31.89
N HIS A 112 -5.27 -12.76 -32.14
CA HIS A 112 -4.03 -12.87 -31.39
C HIS A 112 -3.13 -11.65 -31.63
N1 O1F B . 6.67 8.80 0.96
C4 O1F B . 4.74 5.90 -0.09
C5 O1F B . 3.37 2.64 -1.50
C6 O1F B . 4.69 4.56 -0.78
C7 O1F B . 4.50 2.04 -2.04
C8 O1F B . 3.45 3.89 -0.87
C10 O1F B . 5.76 6.76 0.12
C1 O1F B . 1.05 3.97 -0.34
O3 O1F B . 2.33 4.49 -0.34
O1 O1F B . 4.38 0.84 -2.65
C9 O1F B . 5.74 2.67 -1.96
O4 O1F B . 6.81 2.05 -2.51
C2 O1F B . 8.11 2.51 -2.53
C3 O1F B . 5.83 3.93 -1.33
S2 O1F B . 7.49 6.60 -0.38
C12 O1F B . 7.80 8.19 0.37
S1 O1F B . 9.09 8.81 0.38
C11 O1F B . 5.56 8.05 0.84
O2 O1F B . 4.48 8.41 1.29
H8 O1F B . 6.68 9.71 1.43
H45 O1F B . 3.78 6.23 0.31
H21 O1F B . 2.42 2.12 -1.59
H332 O1F B . 0.38 4.70 0.16
H333 O1F B . 1.02 3.01 0.21
H331 O1F B . 0.70 3.83 -1.39
H231 O1F B . 8.76 1.78 -3.04
H232 O1F B . 8.48 2.64 -1.48
H233 O1F B . 8.16 3.48 -3.08
H32 O1F B . 6.79 4.38 -1.29
N MET A 1 -3.06 1.22 -13.74
CA MET A 1 -2.37 0.08 -13.14
C MET A 1 -2.55 0.08 -11.63
N PHE A 2 -2.70 -1.12 -11.06
CA PHE A 2 -2.89 -1.26 -9.62
C PHE A 2 -1.85 -2.22 -9.03
N GLY A 3 -1.43 -1.95 -7.80
CA GLY A 3 -0.45 -2.80 -7.15
C GLY A 3 -1.04 -3.57 -5.99
N ALA A 4 -0.30 -4.57 -5.51
CA ALA A 4 -0.76 -5.39 -4.39
C ALA A 4 0.42 -5.84 -3.52
N ILE A 5 0.38 -5.44 -2.26
CA ILE A 5 1.44 -5.80 -1.32
C ILE A 5 0.91 -6.68 -0.19
N GLN A 6 1.36 -7.93 -0.14
CA GLN A 6 0.92 -8.85 0.89
C GLN A 6 1.86 -8.83 2.08
N LEU A 7 1.41 -8.24 3.18
CA LEU A 7 2.21 -8.15 4.39
C LEU A 7 1.69 -9.10 5.47
N ASP A 8 2.50 -9.30 6.51
CA ASP A 8 2.12 -10.17 7.61
C ASP A 8 1.77 -9.37 8.86
N GLY A 9 1.27 -10.06 9.87
CA GLY A 9 0.90 -9.39 11.11
C GLY A 9 2.06 -8.65 11.73
N ASP A 10 3.27 -9.14 11.48
CA ASP A 10 4.47 -8.52 12.03
C ASP A 10 4.81 -7.23 11.27
N GLY A 11 4.29 -7.10 10.06
CA GLY A 11 4.54 -5.92 9.26
C GLY A 11 5.67 -6.13 8.26
N ASN A 12 5.87 -7.37 7.85
CA ASN A 12 6.93 -7.69 6.90
C ASN A 12 6.34 -7.98 5.52
N ILE A 13 7.16 -7.77 4.48
CA ILE A 13 6.73 -7.99 3.11
C ILE A 13 6.77 -9.48 2.77
N LEU A 14 5.64 -9.99 2.27
CA LEU A 14 5.55 -11.40 1.89
C LEU A 14 5.45 -11.55 0.38
N GLN A 15 4.66 -10.68 -0.25
CA GLN A 15 4.47 -10.73 -1.69
C GLN A 15 4.35 -9.31 -2.27
N TYR A 16 5.13 -9.04 -3.31
CA TYR A 16 5.12 -7.72 -3.94
C TYR A 16 4.83 -7.85 -5.44
N ASN A 17 3.69 -7.32 -5.85
CA ASN A 17 3.29 -7.38 -7.26
C ASN A 17 4.30 -6.63 -8.13
N ALA A 18 4.30 -6.95 -9.42
CA ALA A 18 5.21 -6.32 -10.37
C ALA A 18 4.77 -4.90 -10.68
N ALA A 19 3.46 -4.69 -10.80
CA ALA A 19 2.92 -3.38 -11.10
C ALA A 19 3.42 -2.34 -10.11
N GGL A 20 3.17 -2.57 -8.83
CA GGL A 20 3.60 -1.64 -7.80
C GGL A 20 5.10 -1.36 -7.94
O GGL A 20 5.57 -0.23 -7.77
CB GGL A 20 3.28 -2.18 -6.41
CG GGL A 20 3.37 -1.08 -5.35
CD GGL A 20 2.08 -0.28 -5.28
OE1 GGL A 20 1.38 -0.13 -6.29
OE2 GGL A 20 1.80 0.22 -4.12
H GGL A 20 2.67 -3.37 -8.50
HA GGL A 20 3.03 -0.73 -7.97
HB2 GGL A 20 2.28 -2.61 -6.40
HB3 GGL A 20 3.96 -2.99 -6.15
HG2 GGL A 20 3.59 -1.51 -4.38
HG3 GGL A 20 4.21 -0.41 -5.59
HE2 GGL A 20 2.65 0.49 -3.66
N GLY A 21 5.84 -2.42 -8.26
CA GLY A 21 7.29 -2.28 -8.43
C GLY A 21 7.65 -1.17 -9.38
N ASP A 22 6.91 -1.06 -10.47
CA ASP A 22 7.18 -0.03 -11.48
C ASP A 22 6.62 1.32 -11.02
N ILE A 23 5.37 1.33 -10.58
CA ILE A 23 4.72 2.56 -10.12
C ILE A 23 5.57 3.26 -9.06
N THR A 24 6.22 2.46 -8.21
CA THR A 24 7.07 3.00 -7.16
C THR A 24 8.45 3.36 -7.68
N GLY A 25 9.00 2.47 -8.52
CA GLY A 25 10.31 2.69 -9.09
C GLY A 25 11.43 2.24 -8.16
N ARG A 26 11.13 1.25 -7.32
CA ARG A 26 12.12 0.73 -6.38
C ARG A 26 12.35 -0.77 -6.61
N ASP A 27 13.04 -1.40 -5.67
CA ASP A 27 13.34 -2.82 -5.77
C ASP A 27 12.39 -3.64 -4.89
N PRO A 28 11.38 -4.26 -5.51
CA PRO A 28 10.39 -5.08 -4.79
C PRO A 28 10.99 -6.38 -4.27
N LYS A 29 12.08 -6.82 -4.90
CA LYS A 29 12.75 -8.04 -4.49
C LYS A 29 13.78 -7.77 -3.41
N GLN A 30 14.29 -6.55 -3.38
CA GLN A 30 15.29 -6.16 -2.39
C GLN A 30 14.61 -5.69 -1.10
N VAL A 31 13.29 -5.82 -1.04
CA VAL A 31 12.54 -5.41 0.13
C VAL A 31 11.88 -6.60 0.81
N ILE A 32 11.68 -7.67 0.04
CA ILE A 32 11.07 -8.89 0.58
C ILE A 32 11.74 -9.32 1.86
N GLY A 33 10.94 -9.50 2.91
CA GLY A 33 11.47 -9.93 4.20
C GLY A 33 11.64 -8.77 5.16
N LYS A 34 11.83 -7.57 4.62
CA LYS A 34 12.01 -6.37 5.44
C LYS A 34 10.67 -5.68 5.67
N ASN A 35 10.70 -4.62 6.49
CA ASN A 35 9.48 -3.87 6.79
C ASN A 35 9.15 -2.89 5.67
N PHE A 36 7.88 -2.87 5.28
CA PHE A 36 7.43 -1.98 4.22
C PHE A 36 7.14 -0.58 4.76
N PHE A 37 6.99 -0.47 6.07
CA PHE A 37 6.73 0.80 6.72
C PHE A 37 8.01 1.42 7.26
N LYS A 38 9.03 0.59 7.44
CA LYS A 38 10.31 1.05 7.95
C LYS A 38 11.36 1.09 6.83
N ASP A 39 11.36 0.07 5.98
CA ASP A 39 12.29 -0.01 4.88
C ASP A 39 11.72 0.64 3.62
N VAL A 40 10.73 -0.03 3.02
CA VAL A 40 10.09 0.47 1.82
C VAL A 40 9.67 1.92 1.98
N ALA A 41 8.73 2.16 2.90
CA ALA A 41 8.25 3.51 3.16
C ALA A 41 8.44 3.89 4.62
N PRO A 42 9.63 4.41 4.95
CA PRO A 42 9.96 4.83 6.31
C PRO A 42 9.18 6.07 6.75
N GLY A 43 8.86 6.93 5.79
CA GLY A 43 8.11 8.13 6.09
C GLY A 43 6.67 7.86 6.42
N THR A 44 6.10 6.83 5.79
CA THR A 44 4.70 6.47 6.02
C THR A 44 4.48 6.05 7.47
N ASP A 45 5.57 5.74 8.17
CA ASP A 45 5.49 5.33 9.56
C ASP A 45 4.84 6.42 10.41
N SER A 46 3.54 6.28 10.67
CA SER A 46 2.81 7.25 11.47
C SER A 46 1.73 6.57 12.30
N PRO A 47 1.24 7.26 13.33
CA PRO A 47 0.21 6.75 14.23
C PRO A 47 -1.15 6.64 13.54
N GLU A 48 -1.37 7.47 12.53
CA GLU A 48 -2.63 7.45 11.78
C GLU A 48 -2.66 6.29 10.79
N PHE A 49 -1.50 5.95 10.25
CA PHE A 49 -1.40 4.86 9.29
C PHE A 49 -1.01 3.56 9.98
N TYR A 50 0.22 3.49 10.47
CA TYR A 50 0.71 2.30 11.15
C TYR A 50 -0.19 1.95 12.33
N GLY A 51 -0.53 2.95 13.13
CA GLY A 51 -1.37 2.72 14.29
C GLY A 51 -2.65 1.98 13.94
N LYS A 52 -3.28 2.39 12.84
CA LYS A 52 -4.52 1.76 12.39
C LYS A 52 -4.27 0.31 11.96
N PHE A 53 -3.15 0.09 11.27
CA PHE A 53 -2.80 -1.24 10.79
C PHE A 53 -2.72 -2.22 11.96
N LYS A 54 -2.03 -1.82 13.02
CA LYS A 54 -1.88 -2.67 14.20
C LYS A 54 -3.23 -2.96 14.84
N GLU A 55 -4.04 -1.92 15.00
CA GLU A 55 -5.36 -2.07 15.60
C GLU A 55 -6.16 -3.17 14.91
N GLY A 56 -6.22 -3.09 13.57
CA GLY A 56 -6.94 -4.09 12.81
C GLY A 56 -6.38 -5.48 12.99
N VAL A 57 -5.05 -5.57 13.06
CA VAL A 57 -4.38 -6.86 13.22
C VAL A 57 -4.81 -7.55 14.51
N ALA A 58 -4.97 -6.75 15.58
CA ALA A 58 -5.38 -7.29 16.87
C ALA A 58 -6.84 -7.73 16.83
N SER A 59 -7.68 -6.94 16.19
CA SER A 59 -9.11 -7.26 16.10
C SER A 59 -9.34 -8.46 15.18
N GLY A 60 -8.50 -8.57 14.14
CA GLY A 60 -8.63 -9.67 13.21
C GLY A 60 -9.40 -9.29 11.97
N ASN A 61 -9.29 -8.03 11.56
CA ASN A 61 -9.99 -7.53 10.38
C ASN A 61 -9.70 -6.06 10.16
N LEU A 62 -8.61 -5.78 9.47
CA LEU A 62 -8.21 -4.40 9.17
C LEU A 62 -8.84 -3.91 7.87
N ASN A 63 -9.86 -3.06 8.00
CA ASN A 63 -10.56 -2.53 6.84
C ASN A 63 -10.43 -1.01 6.78
N THR A 64 -9.56 -0.53 5.90
CA THR A 64 -9.34 0.89 5.74
C THR A 64 -9.22 1.28 4.27
N MET A 65 -9.78 2.44 3.92
CA MET A 65 -9.73 2.92 2.54
C MET A 65 -9.53 4.43 2.50
N PHE A 66 -8.35 4.85 2.05
CA PHE A 66 -8.02 6.26 1.95
C PHE A 66 -6.97 6.52 0.87
N GLU A 67 -6.52 7.76 0.77
CA GLU A 67 -5.53 8.13 -0.23
C GLU A 67 -4.19 8.47 0.43
N TRP A 68 -3.12 8.37 -0.33
CA TRP A 68 -1.78 8.67 0.18
C TRP A 68 -0.92 9.30 -0.91
N MET A 69 0.06 10.11 -0.48
CA MET A 69 0.96 10.77 -1.42
C MET A 69 2.29 10.04 -1.50
N ILE A 70 2.84 9.94 -2.70
CA ILE A 70 4.11 9.27 -2.91
C ILE A 70 5.09 10.15 -3.68
N PRO A 71 5.92 10.89 -2.94
CA PRO A 71 6.92 11.78 -3.54
C PRO A 71 8.05 11.03 -4.22
N THR A 72 8.20 11.26 -5.53
CA THR A 72 9.24 10.60 -6.30
C THR A 72 9.95 11.59 -7.23
N SER A 73 10.82 11.07 -8.09
CA SER A 73 11.56 11.90 -9.03
C SER A 73 10.61 12.69 -9.93
N ARG A 74 9.46 12.10 -10.22
CA ARG A 74 8.47 12.74 -11.08
C ARG A 74 7.46 13.52 -10.24
N GLY A 75 7.86 13.90 -9.04
CA GLY A 75 6.98 14.66 -8.16
C GLY A 75 6.07 13.76 -7.35
N PRO A 76 5.16 14.38 -6.58
CA PRO A 76 4.21 13.64 -5.73
C PRO A 76 3.16 12.91 -6.55
N THR A 77 2.91 11.65 -6.19
CA THR A 77 1.92 10.84 -6.88
C THR A 77 0.78 10.43 -5.95
N LYS A 78 -0.40 10.99 -6.19
CA LYS A 78 -1.57 10.68 -5.38
C LYS A 78 -2.17 9.33 -5.77
N VAL A 79 -2.03 8.35 -4.87
CA VAL A 79 -2.55 7.02 -5.12
C VAL A 79 -3.55 6.60 -4.04
N LYS A 80 -4.47 5.72 -4.41
CA LYS A 80 -5.48 5.25 -3.47
C LYS A 80 -4.97 4.04 -2.67
N VAL A 81 -4.74 4.26 -1.39
CA VAL A 81 -4.25 3.19 -0.52
C VAL A 81 -5.41 2.50 0.21
N HIS A 82 -5.50 1.19 0.04
CA HIS A 82 -6.55 0.41 0.68
C HIS A 82 -5.99 -0.87 1.30
N MET A 83 -6.19 -1.03 2.61
CA MET A 83 -5.71 -2.19 3.32
C MET A 83 -6.87 -3.08 3.78
N LYS A 84 -6.83 -4.35 3.38
CA LYS A 84 -7.87 -5.29 3.74
C LYS A 84 -7.27 -6.62 4.22
N LYS A 85 -7.76 -7.11 5.35
CA LYS A 85 -7.27 -8.37 5.90
C LYS A 85 -7.31 -9.49 4.85
N ALA A 86 -6.31 -10.35 4.87
CA ALA A 86 -6.24 -11.46 3.92
C ALA A 86 -7.38 -12.44 4.15
N LEU A 87 -7.49 -13.43 3.26
CA LEU A 87 -8.54 -14.43 3.36
C LEU A 87 -8.15 -15.53 4.35
N SER A 88 -6.86 -15.85 4.40
CA SER A 88 -6.36 -16.87 5.30
C SER A 88 -6.50 -16.44 6.75
N GLY A 89 -6.55 -15.13 6.97
CA GLY A 89 -6.68 -14.61 8.33
C GLY A 89 -5.34 -14.29 8.96
N ASP A 90 -4.28 -14.88 8.42
CA ASP A 90 -2.94 -14.66 8.95
C ASP A 90 -2.10 -13.86 7.96
N SER A 91 -2.75 -12.92 7.27
CA SER A 91 -2.05 -12.08 6.30
C SER A 91 -2.88 -10.83 5.98
N TYR A 92 -2.28 -9.92 5.22
CA TYR A 92 -2.95 -8.68 4.85
C TYR A 92 -2.51 -8.22 3.46
N TRP A 93 -3.48 -7.74 2.67
CA TRP A 93 -3.19 -7.26 1.32
C TRP A 93 -3.42 -5.76 1.22
N VAL A 94 -2.54 -5.09 0.46
CA VAL A 94 -2.65 -3.65 0.28
C VAL A 94 -2.86 -3.30 -1.18
N PHE A 95 -4.05 -2.83 -1.51
CA PHE A 95 -4.38 -2.45 -2.89
C PHE A 95 -4.07 -0.97 -3.13
N VAL A 96 -3.08 -0.72 -3.98
CA VAL A 96 -2.69 0.65 -4.31
C VAL A 96 -2.96 0.96 -5.77
N LYS A 97 -3.93 1.83 -6.02
CA LYS A 97 -4.30 2.21 -7.38
C LYS A 97 -4.47 3.72 -7.49
N ARG A 98 -3.87 4.31 -8.51
CA ARG A 98 -3.96 5.75 -8.72
C ARG A 98 -5.39 6.18 -8.98
N VAL A 99 -5.88 7.12 -8.19
CA VAL A 99 -7.24 7.63 -8.34
C VAL A 99 -7.45 8.28 -9.70
N LYS A 100 -6.41 8.96 -10.18
CA LYS A 100 -6.48 9.63 -11.47
C LYS A 100 -6.79 8.63 -12.60
N LEU A 101 -6.87 9.13 -13.82
CA LEU A 101 -7.17 8.30 -14.97
C LEU A 101 -6.01 8.32 -15.97
N ALA A 102 -5.92 7.28 -16.78
CA ALA A 102 -4.87 7.19 -17.79
C ALA A 102 -5.45 6.83 -19.15
N ALA A 103 -4.57 6.70 -20.15
CA ALA A 103 -4.99 6.36 -21.50
C ALA A 103 -5.36 4.89 -21.61
N ALA A 104 -6.64 4.59 -21.38
CA ALA A 104 -7.13 3.21 -21.45
C ALA A 104 -8.55 3.16 -21.98
N LEU A 105 -9.04 1.96 -22.23
CA LEU A 105 -10.39 1.77 -22.74
C LEU A 105 -10.57 2.48 -24.08
N GLU A 106 -9.63 2.26 -24.99
CA GLU A 106 -9.68 2.89 -26.31
C GLU A 106 -10.31 1.94 -27.34
N HIS A 107 -11.60 1.66 -27.17
CA HIS A 107 -12.31 0.76 -28.07
C HIS A 107 -13.79 1.12 -28.14
N HIS A 108 -14.26 1.44 -29.33
CA HIS A 108 -15.66 1.80 -29.54
C HIS A 108 -16.14 1.35 -30.91
N HIS A 109 -17.40 0.89 -30.97
CA HIS A 109 -17.98 0.43 -32.22
C HIS A 109 -19.49 0.26 -32.08
N HIS A 110 -20.23 0.75 -33.06
CA HIS A 110 -21.69 0.65 -33.06
C HIS A 110 -22.27 0.99 -34.43
N HIS A 111 -23.03 0.06 -34.98
CA HIS A 111 -23.64 0.25 -36.30
C HIS A 111 -24.93 1.07 -36.18
N HIS A 112 -25.12 1.99 -37.12
CA HIS A 112 -26.31 2.85 -37.12
C HIS A 112 -27.56 2.03 -37.41
N1 O1F B . 7.07 8.44 0.68
C4 O1F B . 4.94 5.66 -0.28
C5 O1F B . 3.34 2.47 -1.60
C6 O1F B . 4.81 4.31 -0.93
C7 O1F B . 4.42 1.77 -2.13
C8 O1F B . 3.52 3.72 -1.00
C10 O1F B . 6.03 6.46 -0.10
C1 O1F B . 1.14 3.98 -0.46
O3 O1F B . 2.45 4.41 -0.47
O1 O1F B . 4.23 0.57 -2.70
C9 O1F B . 5.71 2.33 -2.09
O4 O1F B . 6.73 1.62 -2.62
C2 O1F B . 8.06 2.00 -2.65
C3 O1F B . 5.89 3.58 -1.48
S2 O1F B . 7.74 6.16 -0.61
C12 O1F B . 8.16 7.75 0.10
S1 O1F B . 9.49 8.27 0.08
C11 O1F B . 5.92 7.77 0.58
O2 O1F B . 4.88 8.22 1.04
H8 O1F B . 7.16 9.37 1.12
H45 O1F B . 4.02 6.07 0.12
H21 O1F B . 2.37 2.01 -1.66
H332 O1F B . 0.52 4.76 0.04
H333 O1F B . 1.05 3.03 0.12
H331 O1F B . 0.77 3.85 -1.49
H231 O1F B . 8.66 1.20 -3.16
H232 O1F B . 8.45 2.12 -1.62
H233 O1F B . 8.17 2.94 -3.23
H32 O1F B . 6.88 3.97 -1.46
N MET A 1 -1.92 -1.68 -13.77
CA MET A 1 -2.54 -0.42 -13.37
C MET A 1 -2.66 -0.34 -11.85
N PHE A 2 -2.93 -1.47 -11.22
CA PHE A 2 -3.08 -1.52 -9.77
C PHE A 2 -2.07 -2.49 -9.16
N GLY A 3 -1.38 -2.05 -8.12
CA GLY A 3 -0.39 -2.88 -7.47
C GLY A 3 -0.93 -3.52 -6.20
N ALA A 4 -0.25 -4.57 -5.74
CA ALA A 4 -0.66 -5.28 -4.53
C ALA A 4 0.55 -5.67 -3.68
N ILE A 5 0.48 -5.36 -2.39
CA ILE A 5 1.57 -5.68 -1.48
C ILE A 5 1.10 -6.63 -0.38
N GLN A 6 1.64 -7.84 -0.38
CA GLN A 6 1.28 -8.85 0.62
C GLN A 6 2.19 -8.76 1.84
N LEU A 7 1.66 -8.23 2.93
CA LEU A 7 2.42 -8.09 4.16
C LEU A 7 1.91 -9.05 5.24
N ASP A 8 2.69 -9.20 6.30
CA ASP A 8 2.32 -10.08 7.40
C ASP A 8 1.88 -9.28 8.62
N GLY A 9 1.48 -9.99 9.67
CA GLY A 9 1.04 -9.32 10.88
C GLY A 9 2.14 -8.53 11.55
N ASP A 10 3.39 -8.95 11.34
CA ASP A 10 4.54 -8.27 11.92
C ASP A 10 4.83 -6.97 11.17
N GLY A 11 4.34 -6.88 9.94
CA GLY A 11 4.56 -5.68 9.14
C GLY A 11 5.71 -5.85 8.17
N ASN A 12 5.98 -7.09 7.76
CA ASN A 12 7.06 -7.37 6.83
C ASN A 12 6.52 -7.69 5.44
N ILE A 13 7.34 -7.46 4.42
CA ILE A 13 6.95 -7.72 3.05
C ILE A 13 7.07 -9.20 2.71
N LEU A 14 5.95 -9.83 2.37
CA LEU A 14 5.93 -11.24 2.02
C LEU A 14 6.03 -11.43 0.51
N GLN A 15 5.23 -10.67 -0.22
CA GLN A 15 5.22 -10.76 -1.68
C GLN A 15 4.88 -9.41 -2.31
N TYR A 16 5.75 -8.94 -3.20
CA TYR A 16 5.55 -7.66 -3.86
C TYR A 16 5.14 -7.86 -5.32
N ASN A 17 3.88 -7.54 -5.62
CA ASN A 17 3.36 -7.68 -6.97
C ASN A 17 4.21 -6.90 -7.97
N ALA A 18 4.09 -7.25 -9.24
CA ALA A 18 4.84 -6.58 -10.30
C ALA A 18 4.27 -5.19 -10.58
N ALA A 19 2.94 -5.09 -10.57
CA ALA A 19 2.28 -3.82 -10.83
C ALA A 19 2.83 -2.72 -9.94
N GGL A 20 2.74 -2.92 -8.63
CA GGL A 20 3.24 -1.93 -7.68
C GGL A 20 4.70 -1.62 -7.98
O GGL A 20 5.15 -0.47 -7.89
CB GGL A 20 3.06 -2.41 -6.24
CG GGL A 20 3.29 -1.28 -5.25
CD GGL A 20 2.18 -0.21 -5.37
OE1 GGL A 20 1.23 -0.40 -6.13
OE2 GGL A 20 2.35 0.83 -4.62
H GGL A 20 2.33 -3.73 -8.22
HA GGL A 20 2.62 -1.04 -7.85
HB2 GGL A 20 2.05 -2.82 -6.12
HB3 GGL A 20 3.75 -3.23 -6.04
HG2 GGL A 20 3.31 -1.67 -4.24
HG3 GGL A 20 4.25 -0.82 -5.44
HE2 GGL A 20 2.76 0.56 -3.75
N GLY A 21 5.45 -2.66 -8.32
CA GLY A 21 6.86 -2.49 -8.62
C GLY A 21 7.11 -1.41 -9.66
N ASP A 22 6.21 -1.30 -10.63
CA ASP A 22 6.34 -0.30 -11.68
C ASP A 22 5.84 1.06 -11.20
N ILE A 23 4.78 1.04 -10.38
CA ILE A 23 4.21 2.27 -9.86
C ILE A 23 5.19 2.99 -8.95
N THR A 24 5.95 2.21 -8.18
CA THR A 24 6.94 2.77 -7.26
C THR A 24 8.31 2.87 -7.92
N GLY A 25 8.70 1.82 -8.62
CA GLY A 25 9.99 1.81 -9.28
C GLY A 25 11.13 1.41 -8.36
N ARG A 26 10.80 0.61 -7.35
CA ARG A 26 11.80 0.17 -6.38
C ARG A 26 11.98 -1.35 -6.45
N ASP A 27 13.20 -1.81 -6.17
CA ASP A 27 13.51 -3.23 -6.21
C ASP A 27 12.56 -4.01 -5.29
N PRO A 28 11.68 -4.82 -5.90
CA PRO A 28 10.70 -5.62 -5.16
C PRO A 28 11.37 -6.77 -4.41
N LYS A 29 12.53 -7.20 -4.89
CA LYS A 29 13.26 -8.29 -4.26
C LYS A 29 14.18 -7.76 -3.16
N GLN A 30 14.58 -6.50 -3.29
CA GLN A 30 15.47 -5.88 -2.32
C GLN A 30 14.67 -5.29 -1.15
N VAL A 31 13.36 -5.54 -1.15
CA VAL A 31 12.48 -5.05 -0.10
C VAL A 31 11.87 -6.20 0.68
N ILE A 32 11.62 -7.31 0.00
CA ILE A 32 11.03 -8.49 0.64
C ILE A 32 11.83 -8.91 1.87
N GLY A 33 11.12 -9.25 2.94
CA GLY A 33 11.78 -9.67 4.16
C GLY A 33 11.96 -8.52 5.15
N LYS A 34 12.03 -7.31 4.63
CA LYS A 34 12.19 -6.13 5.46
C LYS A 34 10.86 -5.43 5.70
N ASN A 35 10.88 -4.37 6.51
CA ASN A 35 9.66 -3.62 6.81
C ASN A 35 9.35 -2.62 5.72
N PHE A 36 8.11 -2.62 5.26
CA PHE A 36 7.68 -1.70 4.20
C PHE A 36 7.35 -0.33 4.78
N PHE A 37 7.16 -0.27 6.09
CA PHE A 37 6.84 0.98 6.77
C PHE A 37 8.09 1.62 7.35
N LYS A 38 9.14 0.81 7.52
CA LYS A 38 10.40 1.28 8.07
C LYS A 38 11.46 1.40 6.99
N ASP A 39 11.53 0.40 6.12
CA ASP A 39 12.51 0.39 5.03
C ASP A 39 11.92 1.05 3.79
N VAL A 40 10.99 0.36 3.14
CA VAL A 40 10.35 0.87 1.94
C VAL A 40 9.88 2.31 2.13
N ALA A 41 8.93 2.50 3.04
CA ALA A 41 8.39 3.82 3.32
C ALA A 41 8.53 4.16 4.81
N PRO A 42 9.68 4.73 5.17
CA PRO A 42 9.97 5.11 6.56
C PRO A 42 9.12 6.30 7.02
N GLY A 43 8.79 7.18 6.08
CA GLY A 43 7.99 8.34 6.40
C GLY A 43 6.55 8.00 6.69
N THR A 44 6.03 6.99 5.99
CA THR A 44 4.65 6.56 6.18
C THR A 44 4.41 6.12 7.62
N ASP A 45 5.49 5.78 8.33
CA ASP A 45 5.40 5.34 9.71
C ASP A 45 4.75 6.41 10.58
N SER A 46 3.44 6.26 10.82
CA SER A 46 2.71 7.22 11.63
C SER A 46 1.63 6.52 12.45
N PRO A 47 1.13 7.21 13.49
CA PRO A 47 0.10 6.67 14.37
C PRO A 47 -1.25 6.56 13.68
N GLU A 48 -1.47 7.39 12.67
CA GLU A 48 -2.72 7.38 11.92
C GLU A 48 -2.74 6.25 10.90
N PHE A 49 -1.57 5.94 10.36
CA PHE A 49 -1.45 4.87 9.36
C PHE A 49 -1.06 3.55 10.03
N TYR A 50 0.18 3.49 10.53
CA TYR A 50 0.66 2.28 11.18
C TYR A 50 -0.22 1.90 12.37
N GLY A 51 -0.55 2.90 13.18
CA GLY A 51 -1.39 2.66 14.34
C GLY A 51 -2.66 1.92 14.00
N LYS A 52 -3.32 2.34 12.93
CA LYS A 52 -4.56 1.71 12.49
C LYS A 52 -4.30 0.29 12.01
N PHE A 53 -3.17 0.09 11.33
CA PHE A 53 -2.82 -1.22 10.82
C PHE A 53 -2.72 -2.24 11.95
N LYS A 54 -2.04 -1.87 13.02
CA LYS A 54 -1.88 -2.74 14.18
C LYS A 54 -3.22 -3.05 14.82
N GLU A 55 -4.03 -2.01 15.01
CA GLU A 55 -5.34 -2.17 15.61
C GLU A 55 -6.14 -3.27 14.91
N GLY A 56 -6.24 -3.17 13.59
CA GLY A 56 -6.97 -4.17 12.83
C GLY A 56 -6.39 -5.56 12.97
N VAL A 57 -5.06 -5.64 12.97
CA VAL A 57 -4.38 -6.92 13.10
C VAL A 57 -4.78 -7.63 14.40
N ALA A 58 -4.95 -6.86 15.46
CA ALA A 58 -5.33 -7.41 16.75
C ALA A 58 -6.78 -7.88 16.74
N SER A 59 -7.66 -7.07 16.13
CA SER A 59 -9.07 -7.41 16.05
C SER A 59 -9.30 -8.60 15.14
N GLY A 60 -8.49 -8.70 14.09
CA GLY A 60 -8.61 -9.80 13.15
C GLY A 60 -9.38 -9.41 11.89
N ASN A 61 -9.27 -8.14 11.51
CA ASN A 61 -9.96 -7.64 10.33
C ASN A 61 -9.67 -6.15 10.12
N LEU A 62 -8.60 -5.86 9.39
CA LEU A 62 -8.21 -4.48 9.12
C LEU A 62 -8.82 -4.00 7.80
N ASN A 63 -9.86 -3.18 7.90
CA ASN A 63 -10.52 -2.64 6.72
C ASN A 63 -10.41 -1.12 6.67
N THR A 64 -9.52 -0.62 5.81
CA THR A 64 -9.32 0.81 5.66
C THR A 64 -9.16 1.20 4.20
N MET A 65 -9.75 2.34 3.84
CA MET A 65 -9.68 2.82 2.45
C MET A 65 -9.53 4.34 2.42
N PHE A 66 -8.36 4.81 2.02
CA PHE A 66 -8.10 6.24 1.94
C PHE A 66 -7.00 6.54 0.93
N GLU A 67 -6.91 7.80 0.52
CA GLU A 67 -5.90 8.22 -0.45
C GLU A 67 -4.58 8.56 0.25
N TRP A 68 -3.48 8.38 -0.47
CA TRP A 68 -2.16 8.66 0.08
C TRP A 68 -1.25 9.29 -0.97
N MET A 69 -0.25 10.04 -0.51
CA MET A 69 0.69 10.69 -1.42
C MET A 69 2.03 9.98 -1.41
N ILE A 70 2.59 9.79 -2.60
CA ILE A 70 3.88 9.12 -2.75
C ILE A 70 4.88 9.99 -3.50
N PRO A 71 5.68 10.76 -2.75
CA PRO A 71 6.70 11.66 -3.32
C PRO A 71 7.85 10.89 -3.95
N THR A 72 8.06 11.09 -5.24
CA THR A 72 9.15 10.42 -5.95
C THR A 72 10.10 11.43 -6.58
N SER A 73 11.17 10.92 -7.19
CA SER A 73 12.17 11.79 -7.82
C SER A 73 11.53 12.61 -8.93
N ARG A 74 10.59 12.02 -9.64
CA ARG A 74 9.91 12.70 -10.74
C ARG A 74 8.90 13.72 -10.20
N GLY A 75 8.51 13.55 -8.94
CA GLY A 75 7.55 14.46 -8.33
C GLY A 75 6.52 13.73 -7.49
N PRO A 76 5.63 14.51 -6.85
CA PRO A 76 4.58 13.96 -5.99
C PRO A 76 3.51 13.22 -6.80
N THR A 77 3.26 11.96 -6.44
CA THR A 77 2.27 11.15 -7.13
C THR A 77 1.22 10.62 -6.15
N LYS A 78 0.00 11.12 -6.28
CA LYS A 78 -1.09 10.70 -5.41
C LYS A 78 -1.65 9.35 -5.84
N VAL A 79 -1.98 8.50 -4.87
CA VAL A 79 -2.52 7.18 -5.15
C VAL A 79 -3.48 6.73 -4.05
N LYS A 80 -4.48 5.94 -4.44
CA LYS A 80 -5.46 5.44 -3.49
C LYS A 80 -4.96 4.18 -2.79
N VAL A 81 -4.80 4.27 -1.47
CA VAL A 81 -4.33 3.13 -0.68
C VAL A 81 -5.48 2.42 0.01
N HIS A 82 -5.43 1.09 0.03
CA HIS A 82 -6.47 0.30 0.67
C HIS A 82 -5.88 -0.95 1.32
N MET A 83 -6.09 -1.09 2.62
CA MET A 83 -5.58 -2.24 3.36
C MET A 83 -6.73 -3.15 3.81
N LYS A 84 -6.69 -4.39 3.35
CA LYS A 84 -7.72 -5.36 3.69
C LYS A 84 -7.10 -6.67 4.18
N LYS A 85 -7.59 -7.19 5.29
CA LYS A 85 -7.09 -8.44 5.86
C LYS A 85 -7.53 -9.63 5.01
N ALA A 86 -6.64 -10.60 4.85
CA ALA A 86 -6.94 -11.79 4.07
C ALA A 86 -8.15 -12.52 4.64
N LEU A 87 -8.60 -13.55 3.93
CA LEU A 87 -9.76 -14.33 4.37
C LEU A 87 -9.34 -15.37 5.41
N SER A 88 -8.19 -16.00 5.19
CA SER A 88 -7.69 -17.02 6.11
C SER A 88 -7.31 -16.39 7.45
N GLY A 89 -7.00 -15.09 7.43
CA GLY A 89 -6.62 -14.41 8.65
C GLY A 89 -5.15 -14.57 8.98
N ASP A 90 -4.34 -14.80 7.95
CA ASP A 90 -2.91 -14.97 8.13
C ASP A 90 -2.12 -14.24 7.04
N SER A 91 -2.64 -13.09 6.63
CA SER A 91 -2.00 -12.29 5.59
C SER A 91 -2.78 -11.02 5.32
N TYR A 92 -2.09 -9.99 4.81
CA TYR A 92 -2.73 -8.72 4.52
C TYR A 92 -2.39 -8.27 3.11
N TRP A 93 -3.37 -7.70 2.42
CA TRP A 93 -3.18 -7.22 1.05
C TRP A 93 -3.39 -5.71 0.96
N VAL A 94 -2.45 -5.03 0.33
CA VAL A 94 -2.52 -3.57 0.18
C VAL A 94 -2.74 -3.19 -1.28
N PHE A 95 -3.93 -2.67 -1.58
CA PHE A 95 -4.26 -2.25 -2.94
C PHE A 95 -3.90 -0.78 -3.16
N VAL A 96 -2.98 -0.53 -4.08
CA VAL A 96 -2.55 0.83 -4.39
C VAL A 96 -2.73 1.14 -5.87
N LYS A 97 -3.69 2.01 -6.16
CA LYS A 97 -3.96 2.40 -7.54
C LYS A 97 -3.90 3.92 -7.71
N ARG A 98 -4.07 4.39 -8.94
CA ARG A 98 -4.04 5.82 -9.22
C ARG A 98 -5.44 6.40 -9.26
N VAL A 99 -5.66 7.46 -8.48
CA VAL A 99 -6.95 8.11 -8.42
C VAL A 99 -7.35 8.68 -9.78
N LYS A 100 -8.52 9.31 -9.83
CA LYS A 100 -9.01 9.90 -11.07
C LYS A 100 -9.23 8.83 -12.13
N LEU A 101 -9.69 7.67 -11.71
CA LEU A 101 -9.95 6.56 -12.62
C LEU A 101 -11.30 5.91 -12.34
N ALA A 102 -12.31 6.30 -13.12
CA ALA A 102 -13.65 5.75 -12.95
C ALA A 102 -13.68 4.25 -13.24
N ALA A 103 -14.37 3.50 -12.39
CA ALA A 103 -14.48 2.06 -12.57
C ALA A 103 -15.80 1.54 -12.03
N ALA A 104 -16.32 0.49 -12.66
CA ALA A 104 -17.59 -0.10 -12.25
C ALA A 104 -17.36 -1.34 -11.40
N LEU A 105 -17.40 -1.18 -10.09
CA LEU A 105 -17.19 -2.29 -9.17
C LEU A 105 -18.14 -2.20 -7.98
N GLU A 106 -18.17 -3.26 -7.17
CA GLU A 106 -19.05 -3.30 -6.01
C GLU A 106 -18.31 -2.79 -4.77
N HIS A 107 -19.04 -2.10 -3.89
CA HIS A 107 -18.46 -1.56 -2.67
C HIS A 107 -18.99 -2.30 -1.44
N HIS A 108 -18.37 -2.06 -0.30
CA HIS A 108 -18.77 -2.71 0.95
C HIS A 108 -18.07 -2.07 2.14
N HIS A 109 -18.45 -2.51 3.34
CA HIS A 109 -17.85 -1.98 4.57
C HIS A 109 -17.78 -3.06 5.64
N HIS A 110 -16.98 -2.81 6.67
CA HIS A 110 -16.83 -3.76 7.77
C HIS A 110 -16.48 -3.03 9.07
N HIS A 111 -17.00 -3.54 10.18
CA HIS A 111 -16.75 -2.95 11.49
C HIS A 111 -15.25 -2.80 11.73
N HIS A 112 -14.90 -1.93 12.68
CA HIS A 112 -13.49 -1.70 13.01
C HIS A 112 -12.81 -2.99 13.44
N1 O1F B . 6.81 8.52 0.99
C4 O1F B . 4.80 5.68 -0.08
C5 O1F B . 3.34 2.48 -1.54
C6 O1F B . 4.73 4.36 -0.81
C7 O1F B . 4.45 1.87 -2.13
C8 O1F B . 3.46 3.71 -0.88
C10 O1F B . 5.85 6.53 0.12
C1 O1F B . 1.09 3.82 -0.28
O3 O1F B . 2.38 4.30 -0.30
O1 O1F B . 4.31 0.69 -2.76
C9 O1F B . 5.70 2.48 -2.06
O4 O1F B . 6.76 1.86 -2.65
C2 O1F B . 8.06 2.30 -2.69
C3 O1F B . 5.83 3.73 -1.40
S2 O1F B . 7.56 6.34 -0.43
C12 O1F B . 7.91 7.91 0.35
S1 O1F B . 9.21 8.51 0.35
C11 O1F B . 5.68 7.79 0.87
O2 O1F B . 4.62 8.16 1.36
H8 O1F B . 6.84 9.43 1.49
H45 O1F B . 3.87 6.02 0.35
H21 O1F B . 2.38 1.97 -1.61
H332 O1F B . 0.43 4.53 0.26
H333 O1F B . 1.05 2.84 0.24
H331 O1F B . 0.70 3.71 -1.33
H231 O1F B . 8.68 1.57 -3.23
H232 O1F B . 8.46 2.41 -1.66
H233 O1F B . 8.11 3.29 -3.22
H32 O1F B . 6.80 4.16 -1.37
N MET A 1 -4.81 -3.44 -13.64
CA MET A 1 -3.93 -2.28 -13.62
C MET A 1 -3.81 -1.73 -12.20
N PHE A 2 -3.81 -2.62 -11.22
CA PHE A 2 -3.70 -2.23 -9.82
C PHE A 2 -2.59 -3.01 -9.11
N GLY A 3 -1.99 -2.39 -8.11
CA GLY A 3 -0.93 -3.04 -7.37
C GLY A 3 -1.41 -3.67 -6.08
N ALA A 4 -0.71 -4.69 -5.62
CA ALA A 4 -1.06 -5.39 -4.38
C ALA A 4 0.16 -5.70 -3.55
N ILE A 5 0.01 -5.62 -2.23
CA ILE A 5 1.12 -5.90 -1.32
C ILE A 5 0.66 -6.79 -0.16
N GLN A 6 1.18 -8.01 -0.12
CA GLN A 6 0.84 -8.94 0.94
C GLN A 6 1.81 -8.83 2.12
N LEU A 7 1.34 -8.24 3.21
CA LEU A 7 2.17 -8.08 4.40
C LEU A 7 1.70 -9.00 5.52
N ASP A 8 2.53 -9.14 6.55
CA ASP A 8 2.21 -10.00 7.68
C ASP A 8 1.86 -9.16 8.92
N GLY A 9 1.48 -9.83 10.00
CA GLY A 9 1.13 -9.14 11.22
C GLY A 9 2.31 -8.38 11.82
N ASP A 10 3.51 -8.86 11.55
CA ASP A 10 4.72 -8.23 12.07
C ASP A 10 5.03 -6.94 11.29
N GLY A 11 4.49 -6.84 10.09
CA GLY A 11 4.71 -5.66 9.27
C GLY A 11 5.80 -5.88 8.24
N ASN A 12 6.00 -7.13 7.83
CA ASN A 12 7.02 -7.47 6.85
C ASN A 12 6.37 -7.79 5.50
N ILE A 13 7.18 -7.75 4.44
CA ILE A 13 6.70 -8.03 3.09
C ILE A 13 6.70 -9.53 2.82
N LEU A 14 5.58 -10.04 2.32
CA LEU A 14 5.44 -11.45 2.01
C LEU A 14 5.30 -11.67 0.51
N GLN A 15 4.57 -10.77 -0.14
CA GLN A 15 4.35 -10.86 -1.58
C GLN A 15 4.15 -9.47 -2.19
N TYR A 16 4.95 -9.15 -3.20
CA TYR A 16 4.88 -7.86 -3.87
C TYR A 16 4.60 -8.03 -5.36
N ASN A 17 3.86 -7.09 -5.94
CA ASN A 17 3.53 -7.14 -7.35
C ASN A 17 4.55 -6.35 -8.18
N ALA A 18 4.62 -6.66 -9.46
CA ALA A 18 5.55 -5.99 -10.36
C ALA A 18 5.06 -4.58 -10.71
N ALA A 19 3.74 -4.44 -10.85
CA ALA A 19 3.14 -3.15 -11.18
C ALA A 19 3.58 -2.08 -10.18
N GGL A 20 3.26 -2.29 -8.92
CA GGL A 20 3.63 -1.33 -7.89
C GGL A 20 5.14 -1.07 -7.92
O GGL A 20 5.62 0.04 -7.73
CB GGL A 20 3.18 -1.81 -6.51
CG GGL A 20 2.92 -0.62 -5.58
CD GGL A 20 1.92 -0.99 -4.47
OE1 GGL A 20 1.30 -2.06 -4.54
OE2 GGL A 20 1.81 -0.13 -3.53
H GGL A 20 2.78 -3.10 -8.59
HA GGL A 20 3.11 -0.42 -8.15
HB2 GGL A 20 2.26 -2.40 -6.61
HB3 GGL A 20 3.94 -2.46 -6.08
HG2 GGL A 20 3.86 -0.29 -5.13
HG3 GGL A 20 2.53 0.22 -6.15
HE2 GGL A 20 2.62 -0.14 -2.95
N GLY A 21 5.89 -2.15 -8.13
CA GLY A 21 7.34 -2.06 -8.17
C GLY A 21 7.82 -0.99 -9.13
N ASP A 22 7.20 -0.93 -10.31
CA ASP A 22 7.58 0.06 -11.32
C ASP A 22 7.03 1.44 -10.95
N ILE A 23 5.83 1.46 -10.37
CA ILE A 23 5.20 2.71 -9.98
C ILE A 23 6.00 3.41 -8.89
N THR A 24 6.59 2.62 -8.00
CA THR A 24 7.38 3.16 -6.90
C THR A 24 8.82 3.43 -7.35
N GLY A 25 9.40 2.48 -8.07
CA GLY A 25 10.76 2.64 -8.54
C GLY A 25 11.78 2.00 -7.60
N ARG A 26 11.34 0.98 -6.88
CA ARG A 26 12.22 0.30 -5.94
C ARG A 26 12.15 -1.23 -6.13
N ASP A 27 13.29 -1.89 -5.99
CA ASP A 27 13.35 -3.33 -6.16
C ASP A 27 12.35 -4.03 -5.25
N PRO A 28 11.30 -4.60 -5.85
CA PRO A 28 10.24 -5.31 -5.12
C PRO A 28 10.73 -6.62 -4.51
N LYS A 29 11.80 -7.16 -5.08
CA LYS A 29 12.38 -8.41 -4.59
C LYS A 29 13.40 -8.15 -3.49
N GLN A 30 14.00 -6.96 -3.52
CA GLN A 30 15.00 -6.59 -2.52
C GLN A 30 14.34 -6.04 -1.27
N VAL A 31 13.01 -6.10 -1.23
CA VAL A 31 12.25 -5.60 -0.09
C VAL A 31 11.52 -6.74 0.62
N ILE A 32 11.26 -7.81 -0.12
CA ILE A 32 10.55 -8.96 0.44
C ILE A 32 11.22 -9.44 1.72
N GLY A 33 10.40 -9.60 2.77
CA GLY A 33 10.92 -10.05 4.04
C GLY A 33 11.28 -8.89 4.96
N LYS A 34 11.60 -7.75 4.38
CA LYS A 34 11.96 -6.57 5.15
C LYS A 34 10.72 -5.74 5.49
N ASN A 35 10.90 -4.71 6.31
CA ASN A 35 9.80 -3.85 6.71
C ASN A 35 9.43 -2.88 5.58
N PHE A 36 8.16 -2.89 5.20
CA PHE A 36 7.67 -2.02 4.13
C PHE A 36 7.35 -0.64 4.68
N PHE A 37 7.18 -0.54 5.99
CA PHE A 37 6.87 0.73 6.63
C PHE A 37 8.13 1.40 7.15
N LYS A 38 9.18 0.62 7.34
CA LYS A 38 10.45 1.14 7.84
C LYS A 38 11.50 1.19 6.73
N ASP A 39 11.49 0.16 5.88
CA ASP A 39 12.44 0.09 4.77
C ASP A 39 11.84 0.70 3.51
N VAL A 40 10.87 0.00 2.92
CA VAL A 40 10.21 0.48 1.71
C VAL A 40 9.76 1.93 1.85
N ALA A 41 8.83 2.15 2.78
CA ALA A 41 8.30 3.48 3.03
C ALA A 41 8.47 3.88 4.49
N PRO A 42 9.65 4.44 4.81
CA PRO A 42 9.98 4.88 6.17
C PRO A 42 9.16 6.10 6.60
N GLY A 43 8.84 6.95 5.64
CA GLY A 43 8.07 8.15 5.93
C GLY A 43 6.63 7.84 6.27
N THR A 44 6.09 6.80 5.65
CA THR A 44 4.70 6.40 5.88
C THR A 44 4.49 5.97 7.33
N ASP A 45 5.59 5.64 8.00
CA ASP A 45 5.52 5.21 9.41
C ASP A 45 4.92 6.31 10.28
N SER A 46 3.63 6.18 10.56
CA SER A 46 2.92 7.15 11.38
C SER A 46 1.83 6.48 12.21
N PRO A 47 1.36 7.19 13.24
CA PRO A 47 0.32 6.68 14.14
C PRO A 47 -1.05 6.61 13.45
N GLU A 48 -1.26 7.48 12.48
CA GLU A 48 -2.52 7.52 11.74
C GLU A 48 -2.60 6.36 10.75
N PHE A 49 -1.45 5.98 10.18
CA PHE A 49 -1.40 4.89 9.22
C PHE A 49 -1.01 3.59 9.91
N TYR A 50 0.25 3.49 10.31
CA TYR A 50 0.75 2.29 10.97
C TYR A 50 -0.11 1.94 12.19
N GLY A 51 -0.40 2.95 13.00
CA GLY A 51 -1.21 2.72 14.18
C GLY A 51 -2.52 2.00 13.87
N LYS A 52 -3.19 2.43 12.81
CA LYS A 52 -4.45 1.81 12.41
C LYS A 52 -4.23 0.37 11.97
N PHE A 53 -3.15 0.13 11.23
CA PHE A 53 -2.83 -1.21 10.75
C PHE A 53 -2.71 -2.18 11.91
N LYS A 54 -1.96 -1.79 12.93
CA LYS A 54 -1.76 -2.63 14.11
C LYS A 54 -3.09 -2.92 14.80
N GLU A 55 -3.89 -1.88 14.99
CA GLU A 55 -5.19 -2.04 15.63
C GLU A 55 -6.01 -3.14 14.98
N GLY A 56 -6.16 -3.06 13.65
CA GLY A 56 -6.91 -4.05 12.92
C GLY A 56 -6.34 -5.45 13.08
N VAL A 57 -5.01 -5.53 13.12
CA VAL A 57 -4.33 -6.81 13.26
C VAL A 57 -4.72 -7.49 14.57
N ALA A 58 -4.79 -6.72 15.64
CA ALA A 58 -5.14 -7.25 16.95
C ALA A 58 -6.60 -7.69 16.97
N SER A 59 -7.46 -6.92 16.32
CA SER A 59 -8.89 -7.23 16.27
C SER A 59 -9.15 -8.43 15.38
N GLY A 60 -8.37 -8.56 14.32
CA GLY A 60 -8.53 -9.67 13.40
C GLY A 60 -9.36 -9.30 12.19
N ASN A 61 -9.27 -8.04 11.77
CA ASN A 61 -10.02 -7.57 10.61
C ASN A 61 -9.73 -6.09 10.36
N LEU A 62 -8.67 -5.81 9.60
CA LEU A 62 -8.30 -4.44 9.28
C LEU A 62 -8.95 -3.99 7.97
N ASN A 63 -9.98 -3.16 8.09
CA ASN A 63 -10.69 -2.65 6.92
C ASN A 63 -10.58 -1.14 6.83
N THR A 64 -9.72 -0.65 5.93
CA THR A 64 -9.52 0.77 5.75
C THR A 64 -9.41 1.13 4.28
N MET A 65 -10.02 2.25 3.90
CA MET A 65 -9.99 2.71 2.52
C MET A 65 -9.86 4.23 2.44
N PHE A 66 -8.71 4.70 1.98
CA PHE A 66 -8.45 6.13 1.87
C PHE A 66 -7.38 6.41 0.82
N GLU A 67 -7.05 7.68 0.64
CA GLU A 67 -6.04 8.08 -0.32
C GLU A 67 -4.75 8.50 0.37
N TRP A 68 -3.63 8.31 -0.31
CA TRP A 68 -2.32 8.67 0.25
C TRP A 68 -1.45 9.32 -0.81
N MET A 69 -0.47 10.11 -0.36
CA MET A 69 0.45 10.79 -1.26
C MET A 69 1.80 10.07 -1.32
N ILE A 70 2.40 10.05 -2.51
CA ILE A 70 3.69 9.40 -2.68
C ILE A 70 4.65 10.30 -3.46
N PRO A 71 5.46 11.07 -2.72
CA PRO A 71 6.44 11.98 -3.32
C PRO A 71 7.59 11.24 -3.98
N THR A 72 7.77 11.48 -5.28
CA THR A 72 8.84 10.83 -6.04
C THR A 72 9.72 11.86 -6.73
N SER A 73 10.77 11.38 -7.41
CA SER A 73 11.68 12.26 -8.11
C SER A 73 10.98 13.02 -9.24
N ARG A 74 9.94 12.39 -9.79
CA ARG A 74 9.17 13.00 -10.88
C ARG A 74 7.98 13.76 -10.33
N GLY A 75 8.07 14.19 -9.07
CA GLY A 75 6.99 14.93 -8.45
C GLY A 75 6.08 14.05 -7.62
N PRO A 76 5.11 14.67 -6.93
CA PRO A 76 4.15 13.95 -6.09
C PRO A 76 3.18 13.10 -6.89
N THR A 77 2.80 11.96 -6.36
CA THR A 77 1.87 11.06 -7.04
C THR A 77 0.78 10.58 -6.08
N LYS A 78 -0.45 11.04 -6.32
CA LYS A 78 -1.58 10.65 -5.49
C LYS A 78 -2.11 9.28 -5.88
N VAL A 79 -2.28 8.41 -4.90
CA VAL A 79 -2.79 7.06 -5.15
C VAL A 79 -3.76 6.62 -4.06
N LYS A 80 -4.67 5.72 -4.40
CA LYS A 80 -5.65 5.22 -3.45
C LYS A 80 -5.10 4.02 -2.68
N VAL A 81 -5.02 4.16 -1.36
CA VAL A 81 -4.51 3.08 -0.51
C VAL A 81 -5.64 2.38 0.21
N HIS A 82 -5.68 1.05 0.09
CA HIS A 82 -6.72 0.26 0.74
C HIS A 82 -6.12 -0.99 1.37
N MET A 83 -6.33 -1.14 2.68
CA MET A 83 -5.82 -2.29 3.41
C MET A 83 -6.95 -3.18 3.89
N LYS A 84 -6.93 -4.45 3.46
CA LYS A 84 -7.96 -5.40 3.84
C LYS A 84 -7.34 -6.71 4.31
N LYS A 85 -7.81 -7.23 5.45
CA LYS A 85 -7.30 -8.48 5.99
C LYS A 85 -7.33 -9.58 4.93
N ALA A 86 -6.29 -10.41 4.93
CA ALA A 86 -6.21 -11.51 3.98
C ALA A 86 -7.33 -12.53 4.20
N LEU A 87 -7.43 -13.49 3.31
CA LEU A 87 -8.45 -14.53 3.40
C LEU A 87 -8.04 -15.62 4.38
N SER A 88 -6.74 -15.91 4.43
CA SER A 88 -6.21 -16.93 5.32
C SER A 88 -6.36 -16.51 6.77
N GLY A 89 -6.44 -15.21 7.01
CA GLY A 89 -6.60 -14.70 8.36
C GLY A 89 -5.26 -14.37 9.01
N ASP A 90 -4.18 -14.94 8.47
CA ASP A 90 -2.85 -14.71 8.99
C ASP A 90 -2.02 -13.87 8.03
N SER A 91 -2.68 -12.94 7.35
CA SER A 91 -2.01 -12.07 6.38
C SER A 91 -2.87 -10.86 6.06
N TYR A 92 -2.30 -9.91 5.31
CA TYR A 92 -3.01 -8.71 4.92
C TYR A 92 -2.58 -8.25 3.52
N TRP A 93 -3.56 -7.82 2.73
CA TRP A 93 -3.29 -7.34 1.38
C TRP A 93 -3.56 -5.85 1.25
N VAL A 94 -2.65 -5.14 0.61
CA VAL A 94 -2.80 -3.70 0.41
C VAL A 94 -2.96 -3.35 -1.06
N PHE A 95 -4.14 -2.88 -1.44
CA PHE A 95 -4.42 -2.51 -2.82
C PHE A 95 -4.10 -1.03 -3.06
N VAL A 96 -3.10 -0.78 -3.90
CA VAL A 96 -2.70 0.58 -4.22
C VAL A 96 -2.91 0.88 -5.71
N LYS A 97 -3.88 1.74 -5.99
CA LYS A 97 -4.18 2.12 -7.38
C LYS A 97 -4.26 3.63 -7.52
N ARG A 98 -3.61 4.16 -8.54
CA ARG A 98 -3.60 5.60 -8.79
C ARG A 98 -4.99 6.08 -9.21
N VAL A 99 -5.42 7.21 -8.66
CA VAL A 99 -6.72 7.77 -8.98
C VAL A 99 -6.70 8.49 -10.33
N LYS A 100 -5.57 9.12 -10.63
CA LYS A 100 -5.41 9.85 -11.88
C LYS A 100 -5.72 8.95 -13.07
N LEU A 101 -6.77 9.29 -13.81
CA LEU A 101 -7.18 8.51 -14.97
C LEU A 101 -6.55 9.06 -16.25
N ALA A 102 -6.23 8.18 -17.18
CA ALA A 102 -5.63 8.59 -18.45
C ALA A 102 -6.50 9.61 -19.17
N ALA A 103 -6.02 10.08 -20.31
CA ALA A 103 -6.76 11.06 -21.10
C ALA A 103 -8.16 10.55 -21.44
N ALA A 104 -9.16 11.05 -20.70
CA ALA A 104 -10.54 10.65 -20.92
C ALA A 104 -11.29 11.69 -21.75
N LEU A 105 -12.56 11.43 -22.00
CA LEU A 105 -13.40 12.34 -22.78
C LEU A 105 -14.52 12.92 -21.94
N GLU A 106 -14.20 13.25 -20.69
CA GLU A 106 -15.19 13.82 -19.78
C GLU A 106 -14.52 14.77 -18.78
N HIS A 107 -14.87 16.05 -18.88
CA HIS A 107 -14.31 17.06 -17.99
C HIS A 107 -15.28 18.22 -17.80
N HIS A 108 -14.90 19.18 -16.96
CA HIS A 108 -15.74 20.34 -16.69
C HIS A 108 -14.91 21.62 -16.69
N HIS A 109 -15.59 22.75 -16.57
CA HIS A 109 -14.92 24.05 -16.56
C HIS A 109 -14.15 24.25 -15.26
N HIS A 110 -12.84 24.40 -15.36
CA HIS A 110 -11.99 24.61 -14.19
C HIS A 110 -11.25 25.94 -14.28
N HIS A 111 -11.89 26.99 -13.76
CA HIS A 111 -11.29 28.33 -13.77
C HIS A 111 -10.21 28.44 -12.72
N HIS A 112 -9.17 29.24 -13.01
CA HIS A 112 -8.07 29.44 -12.09
C HIS A 112 -8.56 30.11 -10.80
N1 O1F B . 6.67 8.59 0.84
C4 O1F B . 4.70 5.68 -0.11
C5 O1F B . 3.27 2.40 -1.40
C6 O1F B . 4.64 4.32 -0.74
C7 O1F B . 4.40 1.75 -1.92
C8 O1F B . 3.37 3.68 -0.82
C10 O1F B . 5.74 6.54 0.08
C1 O1F B . 0.98 3.83 -0.32
O3 O1F B . 2.27 4.31 -0.32
O1 O1F B . 4.27 0.53 -2.47
C9 O1F B . 5.65 2.36 -1.85
O4 O1F B . 6.72 1.70 -2.36
C2 O1F B . 8.03 2.14 -2.38
C3 O1F B . 5.76 3.64 -1.27
S2 O1F B . 7.47 6.32 -0.41
C12 O1F B . 7.79 7.93 0.28
S1 O1F B . 9.10 8.53 0.28
C11 O1F B . 5.56 7.85 0.73
O2 O1F B . 4.48 8.26 1.16
H8 O1F B . 6.70 9.52 1.27
H45 O1F B . 3.75 6.06 0.26
H21 O1F B . 2.32 1.89 -1.47
H332 O1F B . 0.31 4.57 0.16
H333 O1F B . 0.92 2.88 0.27
H331 O1F B . 0.63 3.65 -1.36
H231 O1F B . 8.66 1.37 -2.86
H232 O1F B . 8.39 2.31 -1.34
H233 O1F B . 8.10 3.08 -2.97
H32 O1F B . 6.73 4.07 -1.23
N MET A 1 -2.43 1.05 -13.71
CA MET A 1 -2.21 -0.27 -13.12
C MET A 1 -2.19 -0.19 -11.60
N PHE A 2 -2.85 -1.16 -10.96
CA PHE A 2 -2.91 -1.20 -9.51
C PHE A 2 -1.91 -2.20 -8.94
N GLY A 3 -1.33 -1.87 -7.80
CA GLY A 3 -0.36 -2.75 -7.17
C GLY A 3 -0.91 -3.43 -5.93
N ALA A 4 -0.35 -4.59 -5.60
CA ALA A 4 -0.79 -5.34 -4.43
C ALA A 4 0.40 -5.83 -3.61
N ILE A 5 0.47 -5.40 -2.36
CA ILE A 5 1.55 -5.80 -1.48
C ILE A 5 1.07 -6.78 -0.41
N GLN A 6 1.56 -8.01 -0.48
CA GLN A 6 1.18 -9.05 0.47
C GLN A 6 2.08 -9.01 1.70
N LEU A 7 1.53 -8.52 2.82
CA LEU A 7 2.28 -8.42 4.06
C LEU A 7 1.81 -9.48 5.06
N ASP A 8 2.58 -9.66 6.12
CA ASP A 8 2.25 -10.64 7.15
C ASP A 8 1.69 -9.95 8.39
N GLY A 9 1.37 -10.74 9.42
CA GLY A 9 0.83 -10.19 10.63
C GLY A 9 1.75 -9.18 11.28
N ASP A 10 3.05 -9.39 11.12
CA ASP A 10 4.05 -8.48 11.68
C ASP A 10 4.15 -7.20 10.87
N GLY A 11 3.69 -7.25 9.62
CA GLY A 11 3.73 -6.09 8.77
C GLY A 11 4.93 -6.10 7.83
N ASN A 12 5.45 -7.29 7.56
CA ASN A 12 6.60 -7.43 6.67
C ASN A 12 6.16 -7.83 5.27
N ILE A 13 6.81 -7.25 4.27
CA ILE A 13 6.49 -7.55 2.87
C ILE A 13 6.88 -8.97 2.51
N LEU A 14 5.87 -9.80 2.20
CA LEU A 14 6.12 -11.19 1.83
C LEU A 14 6.20 -11.34 0.32
N GLN A 15 5.25 -10.72 -0.39
CA GLN A 15 5.22 -10.79 -1.85
C GLN A 15 4.90 -9.43 -2.45
N TYR A 16 5.76 -8.97 -3.35
CA TYR A 16 5.56 -7.68 -4.00
C TYR A 16 5.14 -7.86 -5.45
N ASN A 17 4.21 -7.02 -5.90
CA ASN A 17 3.71 -7.09 -7.27
C ASN A 17 4.67 -6.39 -8.23
N ALA A 18 4.58 -6.73 -9.51
CA ALA A 18 5.44 -6.14 -10.53
C ALA A 18 4.98 -4.73 -10.88
N ALA A 19 3.66 -4.57 -11.01
CA ALA A 19 3.08 -3.27 -11.35
C ALA A 19 3.60 -2.18 -10.42
N GGL A 20 3.43 -2.38 -9.12
CA GGL A 20 3.88 -1.41 -8.15
C GGL A 20 5.38 -1.17 -8.28
O GGL A 20 5.89 -0.06 -8.17
CB GGL A 20 3.52 -1.85 -6.72
CG GGL A 20 3.64 -0.68 -5.74
CD GGL A 20 2.46 0.28 -5.87
OE1 GGL A 20 1.58 0.06 -6.72
OE2 GGL A 20 2.46 1.27 -5.05
H GGL A 20 2.99 -3.19 -8.74
HA GGL A 20 3.34 -0.48 -8.38
HB2 GGL A 20 2.50 -2.24 -6.71
HB3 GGL A 20 4.17 -2.66 -6.41
HG2 GGL A 20 3.69 -1.06 -4.72
HG3 GGL A 20 4.57 -0.14 -5.93
HE2 GGL A 20 2.90 1.01 -4.20
N GLY A 21 6.10 -2.27 -8.53
CA GLY A 21 7.54 -2.20 -8.69
C GLY A 21 7.96 -1.15 -9.70
N ASP A 22 7.16 -1.00 -10.75
CA ASP A 22 7.47 -0.04 -11.80
C ASP A 22 7.01 1.37 -11.40
N ILE A 23 5.84 1.44 -10.78
CA ILE A 23 5.29 2.72 -10.34
C ILE A 23 6.19 3.38 -9.31
N THR A 24 6.81 2.56 -8.46
CA THR A 24 7.71 3.07 -7.43
C THR A 24 9.15 3.10 -7.91
N GLY A 25 9.57 2.02 -8.58
CA GLY A 25 10.93 1.94 -9.08
C GLY A 25 11.84 1.13 -8.18
N ARG A 26 11.26 0.19 -7.45
CA ARG A 26 12.03 -0.66 -6.54
C ARG A 26 11.82 -2.13 -6.87
N ASP A 27 12.84 -2.93 -6.60
CA ASP A 27 12.78 -4.37 -6.85
C ASP A 27 11.97 -5.09 -5.77
N PRO A 28 11.45 -6.27 -6.10
CA PRO A 28 10.66 -7.07 -5.17
C PRO A 28 11.50 -7.66 -4.04
N LYS A 29 12.62 -8.27 -4.39
CA LYS A 29 13.51 -8.86 -3.40
C LYS A 29 14.12 -7.79 -2.50
N GLN A 30 14.24 -6.57 -3.04
CA GLN A 30 14.81 -5.47 -2.28
C GLN A 30 13.88 -5.06 -1.15
N VAL A 31 12.58 -5.16 -1.38
CA VAL A 31 11.58 -4.80 -0.37
C VAL A 31 11.21 -6.01 0.47
N ILE A 32 11.21 -7.18 -0.14
CA ILE A 32 10.85 -8.41 0.55
C ILE A 32 11.78 -8.65 1.74
N GLY A 33 11.20 -9.12 2.84
CA GLY A 33 11.98 -9.38 4.04
C GLY A 33 11.94 -8.24 5.02
N LYS A 34 11.72 -7.02 4.51
CA LYS A 34 11.65 -5.84 5.35
C LYS A 34 10.24 -5.28 5.39
N ASN A 35 10.04 -4.21 6.18
CA ASN A 35 8.74 -3.58 6.29
C ASN A 35 8.50 -2.60 5.15
N PHE A 36 7.24 -2.31 4.88
CA PHE A 36 6.87 -1.39 3.80
C PHE A 36 6.81 0.04 4.32
N PHE A 37 6.31 0.21 5.55
CA PHE A 37 6.19 1.52 6.16
C PHE A 37 7.35 1.79 7.12
N LYS A 38 7.99 0.72 7.56
CA LYS A 38 9.12 0.83 8.48
C LYS A 38 10.45 0.67 7.75
N ASP A 39 10.37 0.36 6.46
CA ASP A 39 11.56 0.18 5.64
C ASP A 39 11.38 0.82 4.27
N VAL A 40 10.54 0.22 3.44
CA VAL A 40 10.27 0.74 2.10
C VAL A 40 9.92 2.22 2.14
N ALA A 41 9.26 2.63 3.24
CA ALA A 41 8.86 4.02 3.40
C ALA A 41 8.70 4.38 4.87
N PRO A 42 9.81 4.78 5.50
CA PRO A 42 9.82 5.15 6.93
C PRO A 42 9.07 6.46 7.19
N GLY A 43 9.12 7.36 6.21
CA GLY A 43 8.44 8.64 6.35
C GLY A 43 6.95 8.49 6.54
N THR A 44 6.40 7.38 6.03
CA THR A 44 4.97 7.13 6.14
C THR A 44 4.59 6.73 7.56
N ASP A 45 5.59 6.56 8.41
CA ASP A 45 5.37 6.17 9.80
C ASP A 45 4.51 7.20 10.51
N SER A 46 3.32 6.78 10.95
CA SER A 46 2.40 7.66 11.64
C SER A 46 1.38 6.86 12.45
N PRO A 47 0.70 7.54 13.39
CA PRO A 47 -0.30 6.91 14.25
C PRO A 47 -1.56 6.55 13.47
N GLU A 48 -1.84 7.28 12.41
CA GLU A 48 -3.02 7.04 11.59
C GLU A 48 -2.80 5.82 10.68
N PHE A 49 -1.56 5.59 10.30
CA PHE A 49 -1.22 4.46 9.44
C PHE A 49 -0.80 3.26 10.27
N TYR A 50 0.32 3.39 10.98
CA TYR A 50 0.83 2.31 11.81
C TYR A 50 -0.17 1.94 12.89
N GLY A 51 -0.67 2.94 13.61
CA GLY A 51 -1.63 2.71 14.66
C GLY A 51 -2.78 1.83 14.22
N LYS A 52 -3.33 2.13 13.05
CA LYS A 52 -4.44 1.36 12.50
C LYS A 52 -4.02 -0.08 12.20
N PHE A 53 -2.87 -0.24 11.57
CA PHE A 53 -2.36 -1.56 11.23
C PHE A 53 -2.35 -2.47 12.46
N LYS A 54 -1.80 -1.96 13.57
CA LYS A 54 -1.74 -2.71 14.81
C LYS A 54 -3.13 -3.04 15.33
N GLU A 55 -4.00 -2.02 15.33
CA GLU A 55 -5.36 -2.20 15.81
C GLU A 55 -6.09 -3.29 15.03
N GLY A 56 -6.04 -3.18 13.70
CA GLY A 56 -6.69 -4.18 12.86
C GLY A 56 -6.20 -5.59 13.13
N VAL A 57 -4.90 -5.74 13.30
CA VAL A 57 -4.30 -7.04 13.58
C VAL A 57 -4.84 -7.62 14.88
N ALA A 58 -5.06 -6.76 15.86
CA ALA A 58 -5.56 -7.18 17.16
C ALA A 58 -7.01 -7.66 17.06
N SER A 59 -7.79 -6.99 16.22
CA SER A 59 -9.20 -7.34 16.03
C SER A 59 -9.32 -8.56 15.12
N GLY A 60 -8.42 -8.68 14.15
CA GLY A 60 -8.45 -9.81 13.24
C GLY A 60 -9.13 -9.46 11.93
N ASN A 61 -9.03 -8.21 11.51
CA ASN A 61 -9.64 -7.75 10.27
C ASN A 61 -9.37 -6.28 10.04
N LEU A 62 -8.17 -5.96 9.60
CA LEU A 62 -7.78 -4.58 9.33
C LEU A 62 -8.45 -4.05 8.07
N ASN A 63 -9.47 -3.23 8.25
CA ASN A 63 -10.20 -2.66 7.13
C ASN A 63 -10.09 -1.13 7.12
N THR A 64 -9.26 -0.60 6.23
CA THR A 64 -9.06 0.83 6.13
C THR A 64 -8.99 1.27 4.67
N MET A 65 -9.54 2.45 4.39
CA MET A 65 -9.54 2.99 3.03
C MET A 65 -9.32 4.49 3.04
N PHE A 66 -8.16 4.93 2.53
CA PHE A 66 -7.83 6.34 2.48
C PHE A 66 -6.87 6.64 1.33
N GLU A 67 -6.56 7.92 1.14
CA GLU A 67 -5.66 8.33 0.07
C GLU A 67 -4.26 8.58 0.60
N TRP A 68 -3.26 8.40 -0.26
CA TRP A 68 -1.87 8.61 0.14
C TRP A 68 -1.07 9.23 -1.01
N MET A 69 0.03 9.89 -0.66
CA MET A 69 0.88 10.52 -1.66
C MET A 69 2.22 9.80 -1.77
N ILE A 70 2.75 9.72 -2.99
CA ILE A 70 4.03 9.06 -3.21
C ILE A 70 4.99 9.96 -3.98
N PRO A 71 5.83 10.70 -3.23
CA PRO A 71 6.81 11.62 -3.81
C PRO A 71 7.93 10.88 -4.54
N THR A 72 8.07 11.15 -5.83
CA THR A 72 9.11 10.52 -6.63
C THR A 72 9.79 11.53 -7.56
N SER A 73 10.64 11.03 -8.44
CA SER A 73 11.35 11.89 -9.38
C SER A 73 10.38 12.74 -10.19
N ARG A 74 9.19 12.20 -10.43
CA ARG A 74 8.17 12.91 -11.19
C ARG A 74 7.25 13.70 -10.26
N GLY A 75 7.75 14.02 -9.07
CA GLY A 75 6.95 14.76 -8.12
C GLY A 75 5.99 13.88 -7.35
N PRO A 76 5.11 14.51 -6.54
CA PRO A 76 4.12 13.79 -5.74
C PRO A 76 3.04 13.14 -6.59
N THR A 77 2.81 11.85 -6.38
CA THR A 77 1.80 11.12 -7.13
C THR A 77 0.62 10.74 -6.24
N LYS A 78 -0.54 11.35 -6.51
CA LYS A 78 -1.73 11.07 -5.73
C LYS A 78 -2.29 9.69 -6.05
N VAL A 79 -2.27 8.80 -5.07
CA VAL A 79 -2.77 7.44 -5.24
C VAL A 79 -3.61 7.00 -4.05
N LYS A 80 -4.59 6.15 -4.31
CA LYS A 80 -5.45 5.64 -3.25
C LYS A 80 -4.86 4.41 -2.59
N VAL A 81 -4.96 4.34 -1.26
CA VAL A 81 -4.43 3.21 -0.50
C VAL A 81 -5.53 2.52 0.28
N HIS A 82 -5.57 1.19 0.18
CA HIS A 82 -6.58 0.40 0.88
C HIS A 82 -5.96 -0.86 1.47
N MET A 83 -6.07 -1.01 2.79
CA MET A 83 -5.52 -2.18 3.47
C MET A 83 -6.64 -3.11 3.95
N LYS A 84 -6.59 -4.36 3.52
CA LYS A 84 -7.59 -5.34 3.91
C LYS A 84 -6.93 -6.64 4.36
N LYS A 85 -7.38 -7.17 5.50
CA LYS A 85 -6.84 -8.40 6.03
C LYS A 85 -7.32 -9.60 5.22
N ALA A 86 -6.42 -10.56 5.01
CA ALA A 86 -6.75 -11.77 4.26
C ALA A 86 -8.01 -12.44 4.81
N LEU A 87 -8.52 -13.40 4.07
CA LEU A 87 -9.73 -14.12 4.47
C LEU A 87 -9.37 -15.23 5.47
N SER A 88 -8.27 -15.91 5.23
CA SER A 88 -7.83 -17.00 6.10
C SER A 88 -7.41 -16.46 7.46
N GLY A 89 -7.02 -15.18 7.50
CA GLY A 89 -6.61 -14.56 8.75
C GLY A 89 -5.13 -14.79 9.04
N ASP A 90 -4.35 -14.99 7.98
CA ASP A 90 -2.92 -15.22 8.13
C ASP A 90 -2.14 -14.47 7.04
N SER A 91 -2.62 -13.28 6.69
CA SER A 91 -1.97 -12.47 5.67
C SER A 91 -2.72 -11.16 5.45
N TYR A 92 -2.08 -10.22 4.76
CA TYR A 92 -2.69 -8.93 4.50
C TYR A 92 -2.44 -8.50 3.05
N TRP A 93 -3.42 -7.82 2.46
CA TRP A 93 -3.31 -7.36 1.08
C TRP A 93 -3.47 -5.84 1.02
N VAL A 94 -2.46 -5.17 0.48
CA VAL A 94 -2.49 -3.71 0.35
C VAL A 94 -2.78 -3.30 -1.09
N PHE A 95 -3.98 -2.80 -1.32
CA PHE A 95 -4.39 -2.37 -2.66
C PHE A 95 -4.08 -0.89 -2.86
N VAL A 96 -3.13 -0.60 -3.74
CA VAL A 96 -2.74 0.77 -4.03
C VAL A 96 -2.77 1.05 -5.52
N LYS A 97 -3.44 2.14 -5.91
CA LYS A 97 -3.53 2.52 -7.32
C LYS A 97 -3.75 4.02 -7.45
N ARG A 98 -3.22 4.59 -8.54
CA ARG A 98 -3.35 6.02 -8.78
C ARG A 98 -4.82 6.41 -8.98
N VAL A 99 -5.28 7.36 -8.19
CA VAL A 99 -6.67 7.81 -8.28
C VAL A 99 -6.99 8.32 -9.68
N LYS A 100 -6.01 8.94 -10.33
CA LYS A 100 -6.20 9.47 -11.67
C LYS A 100 -6.75 8.39 -12.61
N LEU A 101 -7.97 8.59 -13.07
CA LEU A 101 -8.61 7.64 -13.98
C LEU A 101 -8.92 8.29 -15.32
N ALA A 102 -9.29 9.56 -15.29
CA ALA A 102 -9.61 10.30 -16.51
C ALA A 102 -8.49 10.18 -17.53
N ALA A 103 -8.83 9.68 -18.71
CA ALA A 103 -7.84 9.51 -19.78
C ALA A 103 -8.48 9.76 -21.15
N ALA A 104 -7.63 9.94 -22.16
CA ALA A 104 -8.10 10.19 -23.51
C ALA A 104 -8.97 9.04 -24.02
N LEU A 105 -10.17 9.35 -24.45
CA LEU A 105 -11.09 8.35 -24.96
C LEU A 105 -10.90 8.14 -26.47
N GLU A 106 -10.12 7.11 -26.81
CA GLU A 106 -9.86 6.80 -28.21
C GLU A 106 -11.16 6.68 -29.00
N HIS A 107 -11.25 7.40 -30.12
CA HIS A 107 -12.44 7.36 -30.96
C HIS A 107 -12.59 6.00 -31.62
N HIS A 108 -13.80 5.70 -32.08
CA HIS A 108 -14.09 4.44 -32.74
C HIS A 108 -13.67 4.48 -34.21
N HIS A 109 -13.33 3.32 -34.76
CA HIS A 109 -12.92 3.22 -36.16
C HIS A 109 -13.99 3.80 -37.08
N HIS A 110 -13.62 4.03 -38.34
CA HIS A 110 -14.55 4.56 -39.32
C HIS A 110 -14.49 3.76 -40.62
N HIS A 111 -13.28 3.59 -41.15
CA HIS A 111 -13.10 2.84 -42.38
C HIS A 111 -13.70 1.44 -42.28
N HIS A 112 -13.92 0.81 -43.43
CA HIS A 112 -14.50 -0.53 -43.45
C HIS A 112 -13.41 -1.59 -43.55
N1 O1F B . 6.96 8.59 0.65
C4 O1F B . 4.95 5.75 -0.41
C5 O1F B . 3.48 2.54 -1.85
C6 O1F B . 4.87 4.41 -1.11
C7 O1F B . 4.59 1.90 -2.38
C8 O1F B . 3.59 3.79 -1.21
C10 O1F B . 6.00 6.59 -0.20
C1 O1F B . 1.20 3.96 -0.72
O3 O1F B . 2.50 4.42 -0.69
O1 O1F B . 4.45 0.70 -2.98
C9 O1F B . 5.85 2.49 -2.28
O4 O1F B . 6.91 1.82 -2.81
C2 O1F B . 8.23 2.25 -2.81
C3 O1F B . 5.99 3.74 -1.65
S2 O1F B . 7.73 6.36 -0.68
C12 O1F B . 8.07 7.94 0.08
S1 O1F B . 9.39 8.51 0.09
C11 O1F B . 5.84 7.87 0.51
O2 O1F B . 4.77 8.27 0.95
H8 O1F B . 7.01 9.50 1.12
H45 O1F B . 4.00 6.13 -0.04
H21 O1F B . 2.51 2.05 -1.94
H332 O1F B . 0.55 4.70 -0.21
H333 O1F B . 1.13 3.00 -0.17
H331 O1F B . 0.86 3.84 -1.77
H231 O1F B . 8.86 1.49 -3.32
H232 O1F B . 8.59 2.37 -1.77
H233 O1F B . 8.33 3.21 -3.36
H32 O1F B . 6.96 4.16 -1.60
N MET A 1 -3.84 0.32 -13.70
CA MET A 1 -2.59 0.05 -12.99
C MET A 1 -2.84 -0.05 -11.49
N PHE A 2 -3.04 -1.28 -11.01
CA PHE A 2 -3.28 -1.52 -9.60
C PHE A 2 -2.21 -2.43 -9.01
N GLY A 3 -1.78 -2.13 -7.79
CA GLY A 3 -0.76 -2.93 -7.13
C GLY A 3 -1.31 -3.70 -5.95
N ALA A 4 -0.51 -4.65 -5.45
CA ALA A 4 -0.92 -5.47 -4.32
C ALA A 4 0.28 -5.88 -3.47
N ILE A 5 0.26 -5.49 -2.20
CA ILE A 5 1.35 -5.81 -1.28
C ILE A 5 0.86 -6.70 -0.15
N GLN A 6 1.41 -7.92 -0.08
CA GLN A 6 1.03 -8.87 0.96
C GLN A 6 1.97 -8.77 2.15
N LEU A 7 1.48 -8.19 3.24
CA LEU A 7 2.28 -8.04 4.46
C LEU A 7 1.80 -8.98 5.55
N ASP A 8 2.61 -9.12 6.59
CA ASP A 8 2.26 -9.99 7.71
C ASP A 8 1.86 -9.18 8.94
N GLY A 9 1.51 -9.87 10.01
CA GLY A 9 1.11 -9.19 11.24
C GLY A 9 2.23 -8.36 11.83
N ASP A 10 3.47 -8.79 11.59
CA ASP A 10 4.63 -8.09 12.12
C ASP A 10 4.90 -6.82 11.32
N GLY A 11 4.38 -6.77 10.10
CA GLY A 11 4.57 -5.61 9.25
C GLY A 11 5.70 -5.80 8.25
N ASN A 12 5.94 -7.06 7.88
CA ASN A 12 7.00 -7.37 6.92
C ASN A 12 6.42 -7.73 5.56
N ILE A 13 7.21 -7.52 4.51
CA ILE A 13 6.76 -7.83 3.15
C ILE A 13 6.86 -9.32 2.86
N LEU A 14 5.77 -9.89 2.37
CA LEU A 14 5.74 -11.32 2.05
C LEU A 14 5.60 -11.53 0.54
N GLN A 15 4.77 -10.72 -0.10
CA GLN A 15 4.56 -10.83 -1.54
C GLN A 15 4.44 -9.44 -2.17
N TYR A 16 5.27 -9.19 -3.17
CA TYR A 16 5.26 -7.90 -3.86
C TYR A 16 5.06 -8.09 -5.37
N ASN A 17 3.85 -7.81 -5.83
CA ASN A 17 3.52 -7.95 -7.26
C ASN A 17 4.40 -7.03 -8.10
N ALA A 18 4.50 -7.33 -9.39
CA ALA A 18 5.29 -6.53 -10.31
C ALA A 18 4.63 -5.18 -10.59
N ALA A 19 3.30 -5.19 -10.64
CA ALA A 19 2.55 -3.97 -10.90
C ALA A 19 2.95 -2.85 -9.93
N GGL A 20 2.78 -3.10 -8.64
CA GGL A 20 3.13 -2.12 -7.63
C GGL A 20 4.61 -1.73 -7.77
O GGL A 20 5.00 -0.57 -7.62
CB GGL A 20 2.83 -2.64 -6.23
CG GGL A 20 3.08 -1.56 -5.17
CD GGL A 20 1.80 -0.77 -4.88
OE1 GGL A 20 0.73 -1.37 -4.76
OE2 GGL A 20 1.97 0.50 -4.79
H GGL A 20 2.40 -3.96 -8.29
HA GGL A 20 2.50 -1.25 -7.85
HB2 GGL A 20 1.79 -2.96 -6.18
HB3 GGL A 20 3.45 -3.51 -6.02
HG2 GGL A 20 3.45 -2.03 -4.26
HG3 GGL A 20 3.86 -0.88 -5.53
HE2 GGL A 20 2.62 0.72 -4.06
N GLY A 21 5.43 -2.74 -8.04
CA GLY A 21 6.85 -2.51 -8.20
C GLY A 21 7.17 -1.40 -9.19
N ASP A 22 6.40 -1.35 -10.28
CA ASP A 22 6.60 -0.34 -11.30
C ASP A 22 6.00 1.00 -10.86
N ILE A 23 4.77 0.97 -10.37
CA ILE A 23 4.09 2.17 -9.92
C ILE A 23 4.95 2.95 -8.94
N THR A 24 5.71 2.23 -8.12
CA THR A 24 6.58 2.86 -7.14
C THR A 24 7.93 3.21 -7.75
N GLY A 25 8.40 2.36 -8.65
CA GLY A 25 9.68 2.60 -9.30
C GLY A 25 10.86 2.19 -8.44
N ARG A 26 10.63 1.21 -7.57
CA ARG A 26 11.67 0.72 -6.68
C ARG A 26 11.90 -0.79 -6.88
N ASP A 27 12.67 -1.38 -5.97
CA ASP A 27 12.95 -2.81 -6.05
C ASP A 27 12.09 -3.59 -5.06
N PRO A 28 11.03 -4.23 -5.57
CA PRO A 28 10.11 -5.02 -4.75
C PRO A 28 10.75 -6.30 -4.23
N LYS A 29 11.66 -6.87 -5.02
CA LYS A 29 12.36 -8.09 -4.63
C LYS A 29 13.44 -7.81 -3.60
N GLN A 30 13.93 -6.57 -3.59
CA GLN A 30 14.97 -6.18 -2.65
C GLN A 30 14.36 -5.74 -1.32
N VAL A 31 13.05 -5.90 -1.20
CA VAL A 31 12.35 -5.53 0.02
C VAL A 31 11.46 -6.66 0.51
N ILE A 32 11.77 -7.88 0.07
CA ILE A 32 10.99 -9.05 0.47
C ILE A 32 11.45 -9.56 1.83
N GLY A 33 10.58 -9.42 2.82
CA GLY A 33 10.90 -9.89 4.16
C GLY A 33 11.23 -8.73 5.10
N LYS A 34 11.71 -7.64 4.54
CA LYS A 34 12.07 -6.46 5.34
C LYS A 34 10.84 -5.62 5.64
N ASN A 35 10.98 -4.69 6.58
CA ASN A 35 9.87 -3.81 6.96
C ASN A 35 9.59 -2.79 5.86
N PHE A 36 8.34 -2.73 5.42
CA PHE A 36 7.93 -1.80 4.38
C PHE A 36 7.62 -0.42 4.97
N PHE A 37 7.40 -0.38 6.28
CA PHE A 37 7.10 0.88 6.96
C PHE A 37 8.36 1.47 7.58
N LYS A 38 9.37 0.62 7.79
CA LYS A 38 10.62 1.07 8.37
C LYS A 38 11.73 1.14 7.32
N ASP A 39 11.75 0.14 6.44
CA ASP A 39 12.74 0.08 5.38
C ASP A 39 12.24 0.77 4.12
N VAL A 40 11.28 0.14 3.45
CA VAL A 40 10.71 0.69 2.22
C VAL A 40 10.30 2.14 2.41
N ALA A 41 9.32 2.36 3.29
CA ALA A 41 8.83 3.70 3.57
C ALA A 41 8.94 4.04 5.05
N PRO A 42 10.12 4.53 5.46
CA PRO A 42 10.39 4.90 6.85
C PRO A 42 9.60 6.13 7.30
N GLY A 43 9.29 7.00 6.34
CA GLY A 43 8.55 8.21 6.64
C GLY A 43 7.08 7.94 6.84
N THR A 44 6.53 7.02 6.05
CA THR A 44 5.11 6.67 6.15
C THR A 44 4.76 6.17 7.54
N ASP A 45 5.78 5.73 8.29
CA ASP A 45 5.57 5.23 9.63
C ASP A 45 4.94 6.30 10.53
N SER A 46 3.62 6.22 10.68
CA SER A 46 2.90 7.19 11.50
C SER A 46 1.83 6.50 12.33
N PRO A 47 1.33 7.19 13.37
CA PRO A 47 0.29 6.66 14.26
C PRO A 47 -1.06 6.54 13.57
N GLU A 48 -1.28 7.39 12.57
CA GLU A 48 -2.54 7.38 11.83
C GLU A 48 -2.56 6.24 10.82
N PHE A 49 -1.40 5.90 10.28
CA PHE A 49 -1.29 4.83 9.29
C PHE A 49 -0.92 3.51 9.98
N TYR A 50 0.32 3.43 10.46
CA TYR A 50 0.79 2.23 11.12
C TYR A 50 -0.09 1.86 12.31
N GLY A 51 -0.42 2.86 13.12
CA GLY A 51 -1.27 2.63 14.27
C GLY A 51 -2.54 1.90 13.92
N LYS A 52 -3.24 2.38 12.89
CA LYS A 52 -4.48 1.76 12.45
C LYS A 52 -4.25 0.33 11.99
N PHE A 53 -3.15 0.12 11.28
CA PHE A 53 -2.81 -1.21 10.78
C PHE A 53 -2.70 -2.22 11.93
N LYS A 54 -2.01 -1.83 12.98
CA LYS A 54 -1.83 -2.68 14.15
C LYS A 54 -3.18 -3.01 14.79
N GLU A 55 -4.00 -1.98 14.98
CA GLU A 55 -5.31 -2.16 15.59
C GLU A 55 -6.10 -3.25 14.87
N GLY A 56 -6.21 -3.13 13.55
CA GLY A 56 -6.94 -4.12 12.78
C GLY A 56 -6.35 -5.51 12.92
N VAL A 57 -5.04 -5.59 12.98
CA VAL A 57 -4.35 -6.88 13.11
C VAL A 57 -4.78 -7.60 14.38
N ALA A 58 -4.87 -6.85 15.49
CA ALA A 58 -5.27 -7.42 16.76
C ALA A 58 -6.73 -7.85 16.74
N SER A 59 -7.55 -7.08 16.04
CA SER A 59 -8.98 -7.39 15.93
C SER A 59 -9.21 -8.58 15.02
N GLY A 60 -8.39 -8.71 13.99
CA GLY A 60 -8.53 -9.81 13.06
C GLY A 60 -9.32 -9.44 11.83
N ASN A 61 -9.23 -8.17 11.44
CA ASN A 61 -9.94 -7.68 10.26
C ASN A 61 -9.69 -6.18 10.05
N LEU A 62 -8.60 -5.87 9.35
CA LEU A 62 -8.24 -4.49 9.08
C LEU A 62 -8.85 -4.01 7.76
N ASN A 63 -9.92 -3.21 7.87
CA ASN A 63 -10.60 -2.69 6.69
C ASN A 63 -10.53 -1.17 6.66
N THR A 64 -9.66 -0.64 5.82
CA THR A 64 -9.51 0.81 5.69
C THR A 64 -9.35 1.22 4.23
N MET A 65 -9.92 2.37 3.88
CA MET A 65 -9.84 2.88 2.51
C MET A 65 -9.68 4.39 2.50
N PHE A 66 -8.50 4.85 2.11
CA PHE A 66 -8.23 6.29 2.06
C PHE A 66 -7.22 6.60 0.95
N GLU A 67 -6.98 7.90 0.74
CA GLU A 67 -6.04 8.34 -0.28
C GLU A 67 -4.67 8.64 0.32
N TRP A 68 -3.63 8.55 -0.50
CA TRP A 68 -2.27 8.82 -0.04
C TRP A 68 -1.42 9.39 -1.17
N MET A 69 -0.31 10.03 -0.81
CA MET A 69 0.58 10.63 -1.78
C MET A 69 1.96 9.98 -1.72
N ILE A 70 2.57 9.76 -2.88
CA ILE A 70 3.89 9.15 -2.96
C ILE A 70 4.88 10.07 -3.65
N PRO A 71 5.62 10.86 -2.86
CA PRO A 71 6.61 11.81 -3.38
C PRO A 71 7.83 11.09 -3.95
N THR A 72 8.09 11.31 -5.24
CA THR A 72 9.22 10.69 -5.91
C THR A 72 9.95 11.69 -6.80
N SER A 73 10.90 11.20 -7.59
CA SER A 73 11.66 12.05 -8.50
C SER A 73 10.75 12.84 -9.42
N ARG A 74 9.60 12.25 -9.75
CA ARG A 74 8.63 12.89 -10.63
C ARG A 74 7.59 13.66 -9.82
N GLY A 75 7.95 14.03 -8.60
CA GLY A 75 7.04 14.77 -7.75
C GLY A 75 6.04 13.87 -7.04
N PRO A 76 5.07 14.48 -6.35
CA PRO A 76 4.03 13.74 -5.63
C PRO A 76 3.06 13.03 -6.56
N THR A 77 2.85 11.74 -6.31
CA THR A 77 1.95 10.94 -7.13
C THR A 77 0.70 10.56 -6.36
N LYS A 78 -0.43 11.13 -6.76
CA LYS A 78 -1.71 10.85 -6.10
C LYS A 78 -2.14 9.41 -6.35
N VAL A 79 -2.23 8.63 -5.27
CA VAL A 79 -2.63 7.23 -5.37
C VAL A 79 -3.55 6.84 -4.21
N LYS A 80 -4.38 5.83 -4.44
CA LYS A 80 -5.31 5.36 -3.42
C LYS A 80 -4.68 4.23 -2.61
N VAL A 81 -4.97 4.22 -1.31
CA VAL A 81 -4.45 3.18 -0.42
C VAL A 81 -5.57 2.44 0.29
N HIS A 82 -5.65 1.14 0.05
CA HIS A 82 -6.69 0.31 0.67
C HIS A 82 -6.08 -0.92 1.32
N MET A 83 -6.29 -1.06 2.62
CA MET A 83 -5.77 -2.20 3.37
C MET A 83 -6.89 -3.13 3.82
N LYS A 84 -6.86 -4.36 3.32
CA LYS A 84 -7.87 -5.35 3.67
C LYS A 84 -7.23 -6.65 4.14
N LYS A 85 -7.72 -7.18 5.25
CA LYS A 85 -7.19 -8.42 5.81
C LYS A 85 -7.22 -9.54 4.77
N ALA A 86 -6.18 -10.37 4.77
CA ALA A 86 -6.09 -11.47 3.83
C ALA A 86 -7.23 -12.47 4.03
N LEU A 87 -7.34 -13.45 3.13
CA LEU A 87 -8.38 -14.46 3.22
C LEU A 87 -8.00 -15.55 4.20
N SER A 88 -6.70 -15.86 4.27
CA SER A 88 -6.20 -16.89 5.16
C SER A 88 -6.37 -16.47 6.62
N GLY A 89 -6.43 -15.16 6.86
CA GLY A 89 -6.60 -14.66 8.20
C GLY A 89 -5.26 -14.35 8.87
N ASP A 90 -4.19 -14.94 8.34
CA ASP A 90 -2.86 -14.72 8.90
C ASP A 90 -2.02 -13.88 7.95
N SER A 91 -2.66 -12.94 7.26
CA SER A 91 -1.96 -12.07 6.31
C SER A 91 -2.81 -10.85 5.98
N TYR A 92 -2.21 -9.90 5.25
CA TYR A 92 -2.90 -8.69 4.86
C TYR A 92 -2.45 -8.21 3.49
N TRP A 93 -3.39 -7.75 2.69
CA TRP A 93 -3.09 -7.26 1.34
C TRP A 93 -3.44 -5.79 1.21
N VAL A 94 -2.59 -5.04 0.51
CA VAL A 94 -2.82 -3.61 0.30
C VAL A 94 -3.01 -3.30 -1.18
N PHE A 95 -4.21 -2.85 -1.53
CA PHE A 95 -4.53 -2.51 -2.91
C PHE A 95 -4.24 -1.04 -3.19
N VAL A 96 -3.32 -0.79 -4.12
CA VAL A 96 -2.96 0.58 -4.47
C VAL A 96 -3.44 0.94 -5.88
N LYS A 97 -4.06 2.10 -6.01
CA LYS A 97 -4.57 2.55 -7.29
C LYS A 97 -3.97 3.90 -7.68
N ARG A 98 -3.88 4.15 -8.98
CA ARG A 98 -3.31 5.40 -9.47
C ARG A 98 -4.41 6.29 -10.07
N VAL A 99 -5.11 7.02 -9.21
CA VAL A 99 -6.18 7.90 -9.65
C VAL A 99 -5.68 8.89 -10.70
N LYS A 100 -6.46 9.08 -11.75
CA LYS A 100 -6.10 9.99 -12.83
C LYS A 100 -6.54 11.42 -12.49
N LEU A 101 -5.63 12.37 -12.65
CA LEU A 101 -5.92 13.77 -12.38
C LEU A 101 -6.87 14.35 -13.42
N ALA A 102 -8.15 14.44 -13.08
CA ALA A 102 -9.15 14.97 -13.99
C ALA A 102 -10.28 15.65 -13.23
N ALA A 103 -11.03 16.50 -13.92
CA ALA A 103 -12.14 17.22 -13.31
C ALA A 103 -13.46 16.47 -13.51
N ALA A 104 -14.53 16.99 -12.93
CA ALA A 104 -15.84 16.37 -13.05
C ALA A 104 -15.79 14.89 -12.66
N LEU A 105 -15.18 14.61 -11.51
CA LEU A 105 -15.07 13.24 -11.03
C LEU A 105 -15.82 13.07 -9.72
N GLU A 106 -15.25 13.59 -8.63
CA GLU A 106 -15.88 13.48 -7.32
C GLU A 106 -17.28 14.11 -7.32
N HIS A 107 -18.04 13.85 -6.27
CA HIS A 107 -19.39 14.38 -6.16
C HIS A 107 -19.43 15.59 -5.23
N HIS A 108 -19.23 15.35 -3.93
CA HIS A 108 -19.24 16.43 -2.95
C HIS A 108 -18.19 16.18 -1.87
N HIS A 109 -17.63 17.25 -1.33
CA HIS A 109 -16.61 17.15 -0.30
C HIS A 109 -17.11 17.79 1.00
N HIS A 110 -18.05 17.13 1.66
CA HIS A 110 -18.60 17.63 2.92
C HIS A 110 -18.79 16.49 3.92
N HIS A 111 -18.01 16.54 4.99
CA HIS A 111 -18.08 15.51 6.03
C HIS A 111 -19.51 15.34 6.53
N HIS A 112 -19.76 14.26 7.25
CA HIS A 112 -21.09 13.97 7.79
C HIS A 112 -21.59 15.14 8.62
N1 O1F B . 6.94 8.13 0.97
C4 O1F B . 4.81 5.39 -0.11
C5 O1F B . 3.21 2.25 -1.57
C6 O1F B . 4.68 4.06 -0.82
C7 O1F B . 4.30 1.58 -2.13
C8 O1F B . 3.38 3.48 -0.92
C10 O1F B . 5.89 6.17 0.11
C1 O1F B . 1.01 3.72 -0.38
O3 O1F B . 2.32 4.14 -0.37
O1 O1F B . 4.11 0.40 -2.76
C9 O1F B . 5.58 2.13 -2.06
O4 O1F B . 6.60 1.43 -2.61
C2 O1F B . 7.93 1.81 -2.62
C3 O1F B . 5.75 3.36 -1.40
S2 O1F B . 7.60 5.90 -0.41
C12 O1F B . 8.02 7.46 0.36
S1 O1F B . 9.36 7.98 0.37
C11 O1F B . 5.78 7.46 0.84
O2 O1F B . 4.74 7.89 1.30
H8 O1F B . 7.01 9.04 1.46
H45 O1F B . 3.89 5.78 0.30
H21 O1F B . 2.23 1.79 -1.66
H332 O1F B . 0.38 4.48 0.15
H333 O1F B . 0.91 2.75 0.15
H331 O1F B . 0.63 3.62 -1.42
H231 O1F B . 8.52 1.04 -3.16
H232 O1F B . 8.32 1.90 -1.59
H233 O1F B . 8.04 2.78 -3.16
H32 O1F B . 6.74 3.75 -1.35
N MET A 1 -2.31 1.06 -13.72
CA MET A 1 -2.79 -0.18 -13.11
C MET A 1 -2.68 -0.10 -11.59
N PHE A 2 -3.04 -1.19 -10.93
CA PHE A 2 -2.99 -1.26 -9.47
C PHE A 2 -2.14 -2.43 -9.00
N GLY A 3 -1.43 -2.24 -7.89
CA GLY A 3 -0.59 -3.30 -7.36
C GLY A 3 -1.17 -3.93 -6.11
N ALA A 4 -0.49 -4.93 -5.58
CA ALA A 4 -0.94 -5.63 -4.39
C ALA A 4 0.24 -6.04 -3.51
N ILE A 5 0.22 -5.62 -2.25
CA ILE A 5 1.28 -5.95 -1.31
C ILE A 5 0.76 -6.79 -0.15
N GLN A 6 1.21 -8.04 -0.09
CA GLN A 6 0.80 -8.94 0.97
C GLN A 6 1.76 -8.90 2.15
N LEU A 7 1.33 -8.29 3.24
CA LEU A 7 2.16 -8.17 4.43
C LEU A 7 1.67 -9.12 5.52
N ASP A 8 2.50 -9.30 6.56
CA ASP A 8 2.15 -10.18 7.66
C ASP A 8 1.78 -9.37 8.90
N GLY A 9 1.41 -10.07 9.97
CA GLY A 9 1.03 -9.40 11.19
C GLY A 9 2.19 -8.63 11.81
N ASP A 10 3.41 -9.10 11.56
CA ASP A 10 4.60 -8.45 12.09
C ASP A 10 4.90 -7.16 11.33
N GLY A 11 4.37 -7.05 10.12
CA GLY A 11 4.60 -5.87 9.31
C GLY A 11 5.71 -6.07 8.31
N ASN A 12 5.92 -7.31 7.88
CA ASN A 12 6.96 -7.64 6.92
C ASN A 12 6.35 -7.93 5.54
N ILE A 13 7.14 -7.72 4.50
CA ILE A 13 6.69 -7.97 3.14
C ILE A 13 6.73 -9.45 2.80
N LEU A 14 5.60 -10.00 2.35
CA LEU A 14 5.52 -11.40 2.00
C LEU A 14 5.39 -11.58 0.49
N GLN A 15 4.61 -10.71 -0.14
CA GLN A 15 4.42 -10.76 -1.58
C GLN A 15 4.29 -9.36 -2.17
N TYR A 16 5.07 -9.08 -3.20
CA TYR A 16 5.04 -7.78 -3.85
C TYR A 16 4.75 -7.91 -5.34
N ASN A 17 3.78 -7.14 -5.82
CA ASN A 17 3.39 -7.17 -7.23
C ASN A 17 4.37 -6.37 -8.08
N ALA A 18 4.35 -6.62 -9.38
CA ALA A 18 5.23 -5.92 -10.30
C ALA A 18 4.75 -4.49 -10.55
N ALA A 19 3.44 -4.31 -10.58
CA ALA A 19 2.86 -3.00 -10.80
C ALA A 19 3.45 -1.96 -9.84
N GGL A 20 3.36 -2.24 -8.55
CA GGL A 20 3.89 -1.33 -7.55
C GGL A 20 5.39 -1.10 -7.78
O GGL A 20 5.91 0.01 -7.64
CB GGL A 20 3.64 -1.86 -6.14
CG GGL A 20 2.29 -1.35 -5.60
CD GGL A 20 2.41 0.10 -5.13
OE1 GGL A 20 2.83 0.97 -5.91
OE2 GGL A 20 2.04 0.30 -3.92
H GGL A 20 2.94 -3.07 -8.19
HA GGL A 20 3.35 -0.41 -7.69
HB2 GGL A 20 3.64 -2.95 -6.15
HB3 GGL A 20 4.44 -1.54 -5.48
HG2 GGL A 20 1.54 -1.44 -6.38
HG3 GGL A 20 1.96 -1.98 -4.77
HE2 GGL A 20 2.74 -0.01 -3.29
N GLY A 21 6.07 -2.18 -8.16
CA GLY A 21 7.50 -2.09 -8.40
C GLY A 21 7.86 -0.99 -9.38
N ASP A 22 6.97 -0.74 -10.34
CA ASP A 22 7.19 0.29 -11.34
C ASP A 22 6.73 1.65 -10.82
N ILE A 23 5.50 1.70 -10.32
CA ILE A 23 4.95 2.94 -9.80
C ILE A 23 5.85 3.55 -8.74
N THR A 24 6.49 2.69 -7.96
CA THR A 24 7.40 3.15 -6.90
C THR A 24 8.82 3.29 -7.42
N GLY A 25 9.27 2.29 -8.18
CA GLY A 25 10.61 2.33 -8.73
C GLY A 25 11.64 1.76 -7.78
N ARG A 26 11.21 0.84 -6.91
CA ARG A 26 12.10 0.23 -5.95
C ARG A 26 12.11 -1.30 -6.09
N ASP A 27 13.27 -1.90 -5.92
CA ASP A 27 13.42 -3.34 -6.04
C ASP A 27 12.44 -4.06 -5.13
N PRO A 28 11.43 -4.71 -5.72
CA PRO A 28 10.41 -5.45 -4.98
C PRO A 28 10.95 -6.71 -4.32
N LYS A 29 12.04 -7.24 -4.89
CA LYS A 29 12.67 -8.44 -4.36
C LYS A 29 13.70 -8.09 -3.29
N GLN A 30 14.24 -6.87 -3.36
CA GLN A 30 15.23 -6.41 -2.40
C GLN A 30 14.56 -5.85 -1.15
N VAL A 31 13.24 -5.97 -1.10
CA VAL A 31 12.48 -5.47 0.05
C VAL A 31 11.81 -6.61 0.81
N ILE A 32 11.58 -7.72 0.10
CA ILE A 32 10.95 -8.89 0.72
C ILE A 32 11.66 -9.29 2.00
N GLY A 33 10.88 -9.57 3.05
CA GLY A 33 11.46 -9.97 4.32
C GLY A 33 11.65 -8.80 5.26
N LYS A 34 11.81 -7.61 4.69
CA LYS A 34 11.99 -6.40 5.48
C LYS A 34 10.66 -5.68 5.71
N ASN A 35 10.70 -4.62 6.50
CA ASN A 35 9.50 -3.85 6.81
C ASN A 35 9.17 -2.88 5.68
N PHE A 36 7.91 -2.86 5.26
CA PHE A 36 7.46 -1.99 4.19
C PHE A 36 7.17 -0.58 4.71
N PHE A 37 7.00 -0.47 6.03
CA PHE A 37 6.72 0.81 6.66
C PHE A 37 8.00 1.43 7.21
N LYS A 38 9.02 0.62 7.40
CA LYS A 38 10.30 1.09 7.92
C LYS A 38 11.36 1.12 6.82
N ASP A 39 11.36 0.10 5.98
CA ASP A 39 12.32 0.02 4.89
C ASP A 39 11.75 0.64 3.62
N VAL A 40 10.78 -0.04 3.01
CA VAL A 40 10.15 0.46 1.80
C VAL A 40 9.71 1.91 1.95
N ALA A 41 8.78 2.15 2.86
CA ALA A 41 8.28 3.50 3.09
C ALA A 41 8.45 3.89 4.56
N PRO A 42 9.63 4.43 4.90
CA PRO A 42 9.95 4.85 6.27
C PRO A 42 9.16 6.09 6.69
N GLY A 43 8.84 6.94 5.71
CA GLY A 43 8.08 8.15 6.00
C GLY A 43 6.63 7.86 6.32
N THR A 44 6.07 6.84 5.68
CA THR A 44 4.68 6.46 5.90
C THR A 44 4.44 6.06 7.35
N ASP A 45 5.52 5.77 8.06
CA ASP A 45 5.42 5.37 9.46
C ASP A 45 4.76 6.46 10.29
N SER A 46 3.45 6.32 10.52
CA SER A 46 2.70 7.30 11.30
C SER A 46 1.61 6.62 12.11
N PRO A 47 1.09 7.34 13.13
CA PRO A 47 0.03 6.83 14.00
C PRO A 47 -1.31 6.71 13.27
N GLU A 48 -1.47 7.49 12.21
CA GLU A 48 -2.70 7.47 11.43
C GLU A 48 -2.71 6.30 10.45
N PHE A 49 -1.54 5.96 9.94
CA PHE A 49 -1.40 4.86 8.99
C PHE A 49 -0.99 3.57 9.69
N TYR A 50 0.26 3.55 10.17
CA TYR A 50 0.78 2.37 10.86
C TYR A 50 -0.07 2.03 12.07
N GLY A 51 -0.46 3.05 12.83
CA GLY A 51 -1.29 2.83 14.01
C GLY A 51 -2.53 2.02 13.70
N LYS A 52 -3.15 2.32 12.57
CA LYS A 52 -4.37 1.62 12.16
C LYS A 52 -4.06 0.18 11.74
N PHE A 53 -3.00 0.01 10.95
CA PHE A 53 -2.59 -1.31 10.50
C PHE A 53 -2.43 -2.27 11.67
N LYS A 54 -1.66 -1.86 12.67
CA LYS A 54 -1.43 -2.68 13.85
C LYS A 54 -2.73 -2.95 14.59
N GLU A 55 -3.53 -1.91 14.78
CA GLU A 55 -4.80 -2.03 15.48
C GLU A 55 -5.65 -3.14 14.86
N GLY A 56 -5.78 -3.11 13.54
CA GLY A 56 -6.56 -4.13 12.84
C GLY A 56 -5.97 -5.52 12.99
N VAL A 57 -4.65 -5.60 13.02
CA VAL A 57 -3.96 -6.88 13.16
C VAL A 57 -4.30 -7.54 14.49
N ALA A 58 -4.38 -6.73 15.53
CA ALA A 58 -4.71 -7.25 16.86
C ALA A 58 -6.17 -7.67 16.95
N SER A 59 -7.04 -6.90 16.31
CA SER A 59 -8.47 -7.20 16.32
C SER A 59 -8.78 -8.41 15.44
N GLY A 60 -8.03 -8.54 14.35
CA GLY A 60 -8.24 -9.65 13.44
C GLY A 60 -9.08 -9.28 12.24
N ASN A 61 -8.98 -8.02 11.82
CA ASN A 61 -9.74 -7.53 10.68
C ASN A 61 -9.44 -6.06 10.42
N LEU A 62 -8.44 -5.81 9.57
CA LEU A 62 -8.04 -4.44 9.24
C LEU A 62 -8.74 -3.97 7.96
N ASN A 63 -9.75 -3.12 8.12
CA ASN A 63 -10.50 -2.60 6.98
C ASN A 63 -10.34 -1.08 6.89
N THR A 64 -9.52 -0.63 5.94
CA THR A 64 -9.29 0.79 5.74
C THR A 64 -9.26 1.14 4.26
N MET A 65 -9.85 2.28 3.91
CA MET A 65 -9.89 2.72 2.52
C MET A 65 -9.73 4.24 2.44
N PHE A 66 -8.59 4.68 1.91
CA PHE A 66 -8.31 6.11 1.77
C PHE A 66 -7.28 6.36 0.69
N GLU A 67 -6.86 7.61 0.54
CA GLU A 67 -5.89 7.98 -0.47
C GLU A 67 -4.58 8.44 0.18
N TRP A 68 -3.48 8.24 -0.52
CA TRP A 68 -2.17 8.63 -0.01
C TRP A 68 -1.32 9.26 -1.12
N MET A 69 -0.33 10.05 -0.72
CA MET A 69 0.56 10.70 -1.67
C MET A 69 1.94 10.07 -1.65
N ILE A 70 2.56 9.98 -2.83
CA ILE A 70 3.89 9.40 -2.94
C ILE A 70 4.84 10.32 -3.69
N PRO A 71 5.58 11.16 -2.92
CA PRO A 71 6.53 12.11 -3.49
C PRO A 71 7.75 11.42 -4.09
N THR A 72 7.98 11.64 -5.38
CA THR A 72 9.11 11.05 -6.07
C THR A 72 9.95 12.11 -6.77
N SER A 73 10.98 11.66 -7.49
CA SER A 73 11.87 12.59 -8.20
C SER A 73 11.09 13.40 -9.23
N ARG A 74 10.10 12.77 -9.85
CA ARG A 74 9.28 13.43 -10.86
C ARG A 74 8.29 14.39 -10.20
N GLY A 75 8.02 14.17 -8.92
CA GLY A 75 7.08 15.00 -8.20
C GLY A 75 6.10 14.20 -7.38
N PRO A 76 5.13 14.90 -6.77
CA PRO A 76 4.10 14.26 -5.95
C PRO A 76 3.12 13.42 -6.77
N THR A 77 2.98 12.15 -6.40
CA THR A 77 2.08 11.25 -7.11
C THR A 77 0.97 10.75 -6.19
N LYS A 78 -0.25 11.19 -6.46
CA LYS A 78 -1.41 10.78 -5.66
C LYS A 78 -1.86 9.38 -6.04
N VAL A 79 -2.05 8.52 -5.04
CA VAL A 79 -2.50 7.15 -5.27
C VAL A 79 -3.54 6.73 -4.23
N LYS A 80 -4.27 5.67 -4.54
CA LYS A 80 -5.29 5.15 -3.64
C LYS A 80 -4.75 3.98 -2.82
N VAL A 81 -4.83 4.12 -1.49
CA VAL A 81 -4.35 3.07 -0.60
C VAL A 81 -5.51 2.37 0.10
N HIS A 82 -5.57 1.04 -0.05
CA HIS A 82 -6.63 0.25 0.55
C HIS A 82 -6.07 -1.02 1.18
N MET A 83 -6.29 -1.19 2.48
CA MET A 83 -5.81 -2.37 3.19
C MET A 83 -6.97 -3.22 3.69
N LYS A 84 -6.93 -4.51 3.40
CA LYS A 84 -7.97 -5.43 3.82
C LYS A 84 -7.38 -6.76 4.29
N LYS A 85 -7.84 -7.24 5.44
CA LYS A 85 -7.35 -8.50 5.99
C LYS A 85 -7.54 -9.63 4.98
N ALA A 86 -6.72 -10.67 5.12
CA ALA A 86 -6.80 -11.83 4.23
C ALA A 86 -8.06 -12.64 4.48
N LEU A 87 -8.29 -13.63 3.63
CA LEU A 87 -9.48 -14.48 3.77
C LEU A 87 -9.25 -15.57 4.82
N SER A 88 -8.07 -16.18 4.78
CA SER A 88 -7.73 -17.24 5.73
C SER A 88 -7.58 -16.67 7.14
N GLY A 89 -7.29 -15.39 7.23
CA GLY A 89 -7.13 -14.74 8.53
C GLY A 89 -5.72 -14.85 9.06
N ASP A 90 -4.76 -14.99 8.16
CA ASP A 90 -3.36 -15.10 8.54
C ASP A 90 -2.46 -14.28 7.61
N SER A 91 -2.97 -13.13 7.19
CA SER A 91 -2.23 -12.25 6.29
C SER A 91 -3.04 -11.00 5.95
N TYR A 92 -2.38 -10.02 5.34
CA TYR A 92 -3.04 -8.77 4.97
C TYR A 92 -2.59 -8.32 3.58
N TRP A 93 -3.54 -7.82 2.80
CA TRP A 93 -3.25 -7.35 1.45
C TRP A 93 -3.42 -5.83 1.36
N VAL A 94 -2.65 -5.21 0.47
CA VAL A 94 -2.72 -3.76 0.29
C VAL A 94 -2.83 -3.41 -1.19
N PHE A 95 -3.97 -2.87 -1.59
CA PHE A 95 -4.20 -2.48 -2.97
C PHE A 95 -3.79 -1.03 -3.20
N VAL A 96 -2.82 -0.83 -4.10
CA VAL A 96 -2.34 0.51 -4.41
C VAL A 96 -2.56 0.84 -5.88
N LYS A 97 -3.49 1.77 -6.13
CA LYS A 97 -3.80 2.18 -7.50
C LYS A 97 -3.56 3.68 -7.69
N ARG A 98 -3.76 4.15 -8.91
CA ARG A 98 -3.57 5.56 -9.22
C ARG A 98 -4.91 6.26 -9.45
N VAL A 99 -5.32 7.08 -8.49
CA VAL A 99 -6.59 7.79 -8.58
C VAL A 99 -6.70 8.54 -9.90
N LYS A 100 -7.93 8.70 -10.39
CA LYS A 100 -8.16 9.40 -11.65
C LYS A 100 -9.36 10.34 -11.53
N LEU A 101 -9.10 11.64 -11.59
CA LEU A 101 -10.15 12.63 -11.50
C LEU A 101 -9.75 13.93 -12.19
N ALA A 102 -10.61 14.41 -13.09
CA ALA A 102 -10.34 15.64 -13.82
C ALA A 102 -11.17 16.80 -13.27
N ALA A 103 -12.35 16.47 -12.78
CA ALA A 103 -13.25 17.49 -12.22
C ALA A 103 -13.43 17.30 -10.72
N ALA A 104 -14.01 16.17 -10.33
CA ALA A 104 -14.23 15.87 -8.92
C ALA A 104 -13.71 14.47 -8.57
N LEU A 105 -14.39 13.45 -9.07
CA LEU A 105 -13.99 12.07 -8.81
C LEU A 105 -14.67 11.10 -9.78
N GLU A 106 -13.86 10.49 -10.65
CA GLU A 106 -14.39 9.55 -11.63
C GLU A 106 -14.15 8.11 -11.19
N HIS A 107 -15.02 7.22 -11.61
CA HIS A 107 -14.90 5.80 -11.26
C HIS A 107 -15.62 4.92 -12.28
N HIS A 108 -15.08 3.73 -12.52
CA HIS A 108 -15.66 2.80 -13.48
C HIS A 108 -16.49 1.74 -12.76
N HIS A 109 -17.56 1.29 -13.41
CA HIS A 109 -18.43 0.27 -12.84
C HIS A 109 -18.88 -0.74 -13.90
N HIS A 110 -19.25 -1.93 -13.46
CA HIS A 110 -19.68 -2.98 -14.37
C HIS A 110 -20.98 -3.63 -13.87
N HIS A 111 -21.82 -4.06 -14.81
CA HIS A 111 -23.08 -4.70 -14.45
C HIS A 111 -22.87 -6.16 -14.10
N HIS A 112 -23.88 -6.77 -13.47
CA HIS A 112 -23.81 -8.17 -13.07
C HIS A 112 -23.71 -9.07 -14.30
N1 O1F B . 6.71 8.70 0.63
C4 O1F B . 4.74 5.78 -0.31
C5 O1F B . 3.34 2.48 -1.57
C6 O1F B . 4.69 4.41 -0.91
C7 O1F B . 4.48 1.81 -2.02
C8 O1F B . 3.43 3.77 -1.02
C10 O1F B . 5.79 6.64 -0.11
C1 O1F B . 1.02 3.95 -0.61
O3 O1F B . 2.32 4.42 -0.58
O1 O1F B . 4.35 0.57 -2.55
C9 O1F B . 5.73 2.41 -1.93
O4 O1F B . 6.81 1.72 -2.38
C2 O1F B . 8.12 2.16 -2.36
C3 O1F B . 5.83 3.70 -1.37
S2 O1F B . 7.53 6.38 -0.52
C12 O1F B . 7.85 8.02 0.14
S1 O1F B . 9.17 8.60 0.16
C11 O1F B . 5.59 7.97 0.50
O2 O1F B . 4.51 8.40 0.88
H8 O1F B . 6.74 9.64 1.04
H45 O1F B . 3.78 6.17 0.01
H21 O1F B . 2.38 1.97 -1.66
H332 O1F B . 0.35 4.72 -0.18
H333 O1F B . 0.93 3.02 0.00
H331 O1F B . 0.71 3.75 -1.66
H231 O1F B . 8.77 1.36 -2.80
H232 O1F B . 8.45 2.35 -1.32
H233 O1F B . 8.23 3.07 -2.97
H32 O1F B . 6.80 4.13 -1.32
#